data_1Z21
# 
_entry.id   1Z21 
# 
_audit_conform.dict_name       mmcif_pdbx.dic 
_audit_conform.dict_version    5.387 
_audit_conform.dict_location   http://mmcif.pdb.org/dictionaries/ascii/mmcif_pdbx.dic 
# 
loop_
_database_2.database_id 
_database_2.database_code 
_database_2.pdbx_database_accession 
_database_2.pdbx_DOI 
PDB   1Z21         pdb_00001z21 10.2210/pdb1z21/pdb 
RCSB  RCSB032198   ?            ?                   
WWPDB D_1000032198 ?            ?                   
# 
loop_
_pdbx_audit_revision_history.ordinal 
_pdbx_audit_revision_history.data_content_type 
_pdbx_audit_revision_history.major_revision 
_pdbx_audit_revision_history.minor_revision 
_pdbx_audit_revision_history.revision_date 
1 'Structure model' 1 0 2005-06-07 
2 'Structure model' 1 1 2008-04-30 
3 'Structure model' 1 2 2011-07-13 
4 'Structure model' 1 3 2024-02-14 
# 
_pdbx_audit_revision_details.ordinal             1 
_pdbx_audit_revision_details.revision_ordinal    1 
_pdbx_audit_revision_details.data_content_type   'Structure model' 
_pdbx_audit_revision_details.provider            repository 
_pdbx_audit_revision_details.type                'Initial release' 
_pdbx_audit_revision_details.description         ? 
_pdbx_audit_revision_details.details             ? 
# 
loop_
_pdbx_audit_revision_group.ordinal 
_pdbx_audit_revision_group.revision_ordinal 
_pdbx_audit_revision_group.data_content_type 
_pdbx_audit_revision_group.group 
1 2 'Structure model' 'Version format compliance' 
2 3 'Structure model' 'Version format compliance' 
3 4 'Structure model' 'Data collection'           
4 4 'Structure model' 'Database references'       
# 
loop_
_pdbx_audit_revision_category.ordinal 
_pdbx_audit_revision_category.revision_ordinal 
_pdbx_audit_revision_category.data_content_type 
_pdbx_audit_revision_category.category 
1 4 'Structure model' chem_comp_atom 
2 4 'Structure model' chem_comp_bond 
3 4 'Structure model' database_2     
# 
loop_
_pdbx_audit_revision_item.ordinal 
_pdbx_audit_revision_item.revision_ordinal 
_pdbx_audit_revision_item.data_content_type 
_pdbx_audit_revision_item.item 
1 4 'Structure model' '_database_2.pdbx_DOI'                
2 4 'Structure model' '_database_2.pdbx_database_accession' 
# 
_pdbx_database_status.status_code                     REL 
_pdbx_database_status.entry_id                        1Z21 
_pdbx_database_status.recvd_initial_deposition_date   2005-03-07 
_pdbx_database_status.deposit_site                    RCSB 
_pdbx_database_status.process_site                    RCSB 
_pdbx_database_status.status_code_sf                  REL 
_pdbx_database_status.status_code_mr                  ? 
_pdbx_database_status.SG_entry                        ? 
_pdbx_database_status.pdb_format_compatible           Y 
_pdbx_database_status.status_code_cs                  ? 
_pdbx_database_status.status_code_nmr_data            ? 
_pdbx_database_status.methods_development_category    ? 
# 
loop_
_audit_author.name 
_audit_author.pdbx_ordinal 
'Schubot, F.D.' 1 
'Cherry, S.'    2 
'Tropea, J.E.'  3 
'Austin, B.P.'  4 
'Waugh, D.S.'   5 
# 
_citation.id                        primary 
_citation.title                     
'Crystal structure of the protease-resistant core domain of Yersinia pestis virulence factor YopR.' 
_citation.journal_abbrev            'Protein Sci.' 
_citation.journal_volume            14 
_citation.page_first                1679 
_citation.page_last                 1683 
_citation.year                      2005 
_citation.journal_id_ASTM           PRCIEI 
_citation.country                   US 
_citation.journal_id_ISSN           0961-8368 
_citation.journal_id_CSD            0795 
_citation.book_publisher            ? 
_citation.pdbx_database_id_PubMed   15930010 
_citation.pdbx_database_id_DOI      10.1110/ps.051446405 
# 
loop_
_citation_author.citation_id 
_citation_author.name 
_citation_author.ordinal 
_citation_author.identifier_ORCID 
primary 'Schubot, F.D.' 1 ? 
primary 'Cherry, S.'    2 ? 
primary 'Austin, B.P.'  3 ? 
primary 'Tropea, J.E.'  4 ? 
primary 'Waugh, D.S.'   5 ? 
# 
loop_
_entity.id 
_entity.type 
_entity.src_method 
_entity.pdbx_description 
_entity.formula_weight 
_entity.pdbx_number_of_molecules 
_entity.pdbx_ec 
_entity.pdbx_mutation 
_entity.pdbx_fragment 
_entity.details 
1 polymer man 'Yop proteins translocation protein H' 12606.379 1   ? ? 'YopR(38-149)' ? 
2 water   nat water                                  18.015    118 ? ? ?              ? 
# 
_entity_name_com.entity_id   1 
_entity_name_com.name        'Low calcium response locus protein P' 
# 
_entity_poly.entity_id                      1 
_entity_poly.type                           'polypeptide(L)' 
_entity_poly.nstd_linkage                   no 
_entity_poly.nstd_monomer                   no 
_entity_poly.pdbx_seq_one_letter_code       
;LKSESAEKTREVLWQQYYASNPPDHAVLEVLATPVREALLARFGQHQGSVVPAIDLPELRSVLQQFDSFGKRWEAILLQV
LEGIKPNESQVGLPYLSELINKELMILLPSNS
;
_entity_poly.pdbx_seq_one_letter_code_can   
;LKSESAEKTREVLWQQYYASNPPDHAVLEVLATPVREALLARFGQHQGSVVPAIDLPELRSVLQQFDSFGKRWEAILLQV
LEGIKPNESQVGLPYLSELINKELMILLPSNS
;
_entity_poly.pdbx_strand_id                 A 
_entity_poly.pdbx_target_identifier         ? 
# 
_pdbx_entity_nonpoly.entity_id   2 
_pdbx_entity_nonpoly.name        water 
_pdbx_entity_nonpoly.comp_id     HOH 
# 
loop_
_entity_poly_seq.entity_id 
_entity_poly_seq.num 
_entity_poly_seq.mon_id 
_entity_poly_seq.hetero 
1 1   LEU n 
1 2   LYS n 
1 3   SER n 
1 4   GLU n 
1 5   SER n 
1 6   ALA n 
1 7   GLU n 
1 8   LYS n 
1 9   THR n 
1 10  ARG n 
1 11  GLU n 
1 12  VAL n 
1 13  LEU n 
1 14  TRP n 
1 15  GLN n 
1 16  GLN n 
1 17  TYR n 
1 18  TYR n 
1 19  ALA n 
1 20  SER n 
1 21  ASN n 
1 22  PRO n 
1 23  PRO n 
1 24  ASP n 
1 25  HIS n 
1 26  ALA n 
1 27  VAL n 
1 28  LEU n 
1 29  GLU n 
1 30  VAL n 
1 31  LEU n 
1 32  ALA n 
1 33  THR n 
1 34  PRO n 
1 35  VAL n 
1 36  ARG n 
1 37  GLU n 
1 38  ALA n 
1 39  LEU n 
1 40  LEU n 
1 41  ALA n 
1 42  ARG n 
1 43  PHE n 
1 44  GLY n 
1 45  GLN n 
1 46  HIS n 
1 47  GLN n 
1 48  GLY n 
1 49  SER n 
1 50  VAL n 
1 51  VAL n 
1 52  PRO n 
1 53  ALA n 
1 54  ILE n 
1 55  ASP n 
1 56  LEU n 
1 57  PRO n 
1 58  GLU n 
1 59  LEU n 
1 60  ARG n 
1 61  SER n 
1 62  VAL n 
1 63  LEU n 
1 64  GLN n 
1 65  GLN n 
1 66  PHE n 
1 67  ASP n 
1 68  SER n 
1 69  PHE n 
1 70  GLY n 
1 71  LYS n 
1 72  ARG n 
1 73  TRP n 
1 74  GLU n 
1 75  ALA n 
1 76  ILE n 
1 77  LEU n 
1 78  LEU n 
1 79  GLN n 
1 80  VAL n 
1 81  LEU n 
1 82  GLU n 
1 83  GLY n 
1 84  ILE n 
1 85  LYS n 
1 86  PRO n 
1 87  ASN n 
1 88  GLU n 
1 89  SER n 
1 90  GLN n 
1 91  VAL n 
1 92  GLY n 
1 93  LEU n 
1 94  PRO n 
1 95  TYR n 
1 96  LEU n 
1 97  SER n 
1 98  GLU n 
1 99  LEU n 
1 100 ILE n 
1 101 ASN n 
1 102 LYS n 
1 103 GLU n 
1 104 LEU n 
1 105 MET n 
1 106 ILE n 
1 107 LEU n 
1 108 LEU n 
1 109 PRO n 
1 110 SER n 
1 111 ASN n 
1 112 SER n 
# 
_entity_src_gen.entity_id                          1 
_entity_src_gen.pdbx_src_id                        1 
_entity_src_gen.pdbx_alt_source_flag               sample 
_entity_src_gen.pdbx_seq_type                      ? 
_entity_src_gen.pdbx_beg_seq_num                   ? 
_entity_src_gen.pdbx_end_seq_num                   ? 
_entity_src_gen.gene_src_common_name               ? 
_entity_src_gen.gene_src_genus                     Yersinia 
_entity_src_gen.pdbx_gene_src_gene                 'yscH, lcrP' 
_entity_src_gen.gene_src_species                   ? 
_entity_src_gen.gene_src_strain                    ? 
_entity_src_gen.gene_src_tissue                    ? 
_entity_src_gen.gene_src_tissue_fraction           ? 
_entity_src_gen.gene_src_details                   ? 
_entity_src_gen.pdbx_gene_src_fragment             ? 
_entity_src_gen.pdbx_gene_src_scientific_name      'Yersinia pestis' 
_entity_src_gen.pdbx_gene_src_ncbi_taxonomy_id     632 
_entity_src_gen.pdbx_gene_src_variant              ? 
_entity_src_gen.pdbx_gene_src_cell_line            ? 
_entity_src_gen.pdbx_gene_src_atcc                 ? 
_entity_src_gen.pdbx_gene_src_organ                ? 
_entity_src_gen.pdbx_gene_src_organelle            ? 
_entity_src_gen.pdbx_gene_src_cell                 ? 
_entity_src_gen.pdbx_gene_src_cellular_location    ? 
_entity_src_gen.host_org_common_name               ? 
_entity_src_gen.pdbx_host_org_scientific_name      'Escherichia coli' 
_entity_src_gen.pdbx_host_org_ncbi_taxonomy_id     562 
_entity_src_gen.host_org_genus                     Escherichia 
_entity_src_gen.pdbx_host_org_gene                 ? 
_entity_src_gen.pdbx_host_org_organ                ? 
_entity_src_gen.host_org_species                   ? 
_entity_src_gen.pdbx_host_org_tissue               ? 
_entity_src_gen.pdbx_host_org_tissue_fraction      ? 
_entity_src_gen.pdbx_host_org_strain               'BL31(DE3)CodonPlus-RIL' 
_entity_src_gen.pdbx_host_org_variant              ? 
_entity_src_gen.pdbx_host_org_cell_line            ? 
_entity_src_gen.pdbx_host_org_atcc                 ? 
_entity_src_gen.pdbx_host_org_culture_collection   ? 
_entity_src_gen.pdbx_host_org_cell                 ? 
_entity_src_gen.pdbx_host_org_organelle            ? 
_entity_src_gen.pdbx_host_org_cellular_location    ? 
_entity_src_gen.pdbx_host_org_vector_type          Plasmid 
_entity_src_gen.pdbx_host_org_vector               ? 
_entity_src_gen.host_org_details                   ? 
_entity_src_gen.expression_system_id               ? 
_entity_src_gen.plasmid_name                       pDEST-MBP 
_entity_src_gen.plasmid_details                    ? 
_entity_src_gen.pdbx_description                   ? 
# 
loop_
_chem_comp.id 
_chem_comp.type 
_chem_comp.mon_nstd_flag 
_chem_comp.name 
_chem_comp.pdbx_synonyms 
_chem_comp.formula 
_chem_comp.formula_weight 
ALA 'L-peptide linking' y ALANINE         ? 'C3 H7 N O2'     89.093  
ARG 'L-peptide linking' y ARGININE        ? 'C6 H15 N4 O2 1' 175.209 
ASN 'L-peptide linking' y ASPARAGINE      ? 'C4 H8 N2 O3'    132.118 
ASP 'L-peptide linking' y 'ASPARTIC ACID' ? 'C4 H7 N O4'     133.103 
GLN 'L-peptide linking' y GLUTAMINE       ? 'C5 H10 N2 O3'   146.144 
GLU 'L-peptide linking' y 'GLUTAMIC ACID' ? 'C5 H9 N O4'     147.129 
GLY 'peptide linking'   y GLYCINE         ? 'C2 H5 N O2'     75.067  
HIS 'L-peptide linking' y HISTIDINE       ? 'C6 H10 N3 O2 1' 156.162 
HOH non-polymer         . WATER           ? 'H2 O'           18.015  
ILE 'L-peptide linking' y ISOLEUCINE      ? 'C6 H13 N O2'    131.173 
LEU 'L-peptide linking' y LEUCINE         ? 'C6 H13 N O2'    131.173 
LYS 'L-peptide linking' y LYSINE          ? 'C6 H15 N2 O2 1' 147.195 
MET 'L-peptide linking' y METHIONINE      ? 'C5 H11 N O2 S'  149.211 
PHE 'L-peptide linking' y PHENYLALANINE   ? 'C9 H11 N O2'    165.189 
PRO 'L-peptide linking' y PROLINE         ? 'C5 H9 N O2'     115.130 
SER 'L-peptide linking' y SERINE          ? 'C3 H7 N O3'     105.093 
THR 'L-peptide linking' y THREONINE       ? 'C4 H9 N O3'     119.119 
TRP 'L-peptide linking' y TRYPTOPHAN      ? 'C11 H12 N2 O2'  204.225 
TYR 'L-peptide linking' y TYROSINE        ? 'C9 H11 N O3'    181.189 
VAL 'L-peptide linking' y VALINE          ? 'C5 H11 N O2'    117.146 
# 
loop_
_pdbx_poly_seq_scheme.asym_id 
_pdbx_poly_seq_scheme.entity_id 
_pdbx_poly_seq_scheme.seq_id 
_pdbx_poly_seq_scheme.mon_id 
_pdbx_poly_seq_scheme.ndb_seq_num 
_pdbx_poly_seq_scheme.pdb_seq_num 
_pdbx_poly_seq_scheme.auth_seq_num 
_pdbx_poly_seq_scheme.pdb_mon_id 
_pdbx_poly_seq_scheme.auth_mon_id 
_pdbx_poly_seq_scheme.pdb_strand_id 
_pdbx_poly_seq_scheme.pdb_ins_code 
_pdbx_poly_seq_scheme.hetero 
A 1 1   LEU 1   38  ?   ?   ?   A . n 
A 1 2   LYS 2   39  ?   ?   ?   A . n 
A 1 3   SER 3   40  ?   ?   ?   A . n 
A 1 4   GLU 4   41  ?   ?   ?   A . n 
A 1 5   SER 5   42  42  SER SER A . n 
A 1 6   ALA 6   43  43  ALA ALA A . n 
A 1 7   GLU 7   44  44  GLU GLU A . n 
A 1 8   LYS 8   45  45  LYS LYS A . n 
A 1 9   THR 9   46  46  THR THR A . n 
A 1 10  ARG 10  47  47  ARG ARG A . n 
A 1 11  GLU 11  48  48  GLU GLU A . n 
A 1 12  VAL 12  49  49  VAL VAL A . n 
A 1 13  LEU 13  50  50  LEU LEU A . n 
A 1 14  TRP 14  51  51  TRP TRP A . n 
A 1 15  GLN 15  52  52  GLN GLN A . n 
A 1 16  GLN 16  53  53  GLN GLN A . n 
A 1 17  TYR 17  54  54  TYR TYR A . n 
A 1 18  TYR 18  55  55  TYR TYR A . n 
A 1 19  ALA 19  56  56  ALA ALA A . n 
A 1 20  SER 20  57  57  SER SER A . n 
A 1 21  ASN 21  58  58  ASN ASN A . n 
A 1 22  PRO 22  59  59  PRO PRO A . n 
A 1 23  PRO 23  60  60  PRO PRO A . n 
A 1 24  ASP 24  61  61  ASP ASP A . n 
A 1 25  HIS 25  62  62  HIS HIS A . n 
A 1 26  ALA 26  63  63  ALA ALA A . n 
A 1 27  VAL 27  64  64  VAL VAL A . n 
A 1 28  LEU 28  65  65  LEU LEU A . n 
A 1 29  GLU 29  66  66  GLU GLU A . n 
A 1 30  VAL 30  67  67  VAL VAL A . n 
A 1 31  LEU 31  68  68  LEU LEU A . n 
A 1 32  ALA 32  69  69  ALA ALA A . n 
A 1 33  THR 33  70  70  THR THR A . n 
A 1 34  PRO 34  71  71  PRO PRO A . n 
A 1 35  VAL 35  72  72  VAL VAL A . n 
A 1 36  ARG 36  73  73  ARG ARG A . n 
A 1 37  GLU 37  74  74  GLU GLU A . n 
A 1 38  ALA 38  75  75  ALA ALA A . n 
A 1 39  LEU 39  76  76  LEU LEU A . n 
A 1 40  LEU 40  77  77  LEU LEU A . n 
A 1 41  ALA 41  78  78  ALA ALA A . n 
A 1 42  ARG 42  79  79  ARG ARG A . n 
A 1 43  PHE 43  80  80  PHE PHE A . n 
A 1 44  GLY 44  81  81  GLY GLY A . n 
A 1 45  GLN 45  82  82  GLN GLN A . n 
A 1 46  HIS 46  83  83  HIS HIS A . n 
A 1 47  GLN 47  84  84  GLN GLN A . n 
A 1 48  GLY 48  85  85  GLY GLY A . n 
A 1 49  SER 49  86  86  SER SER A . n 
A 1 50  VAL 50  87  87  VAL VAL A . n 
A 1 51  VAL 51  88  88  VAL VAL A . n 
A 1 52  PRO 52  89  89  PRO PRO A . n 
A 1 53  ALA 53  90  90  ALA ALA A . n 
A 1 54  ILE 54  91  91  ILE ILE A . n 
A 1 55  ASP 55  92  92  ASP ASP A . n 
A 1 56  LEU 56  93  93  LEU LEU A . n 
A 1 57  PRO 57  94  94  PRO PRO A . n 
A 1 58  GLU 58  95  95  GLU GLU A . n 
A 1 59  LEU 59  96  96  LEU LEU A . n 
A 1 60  ARG 60  97  97  ARG ARG A . n 
A 1 61  SER 61  98  98  SER SER A . n 
A 1 62  VAL 62  99  99  VAL VAL A . n 
A 1 63  LEU 63  100 100 LEU LEU A . n 
A 1 64  GLN 64  101 101 GLN GLN A . n 
A 1 65  GLN 65  102 102 GLN GLN A . n 
A 1 66  PHE 66  103 103 PHE PHE A . n 
A 1 67  ASP 67  104 104 ASP ASP A . n 
A 1 68  SER 68  105 105 SER SER A . n 
A 1 69  PHE 69  106 106 PHE PHE A . n 
A 1 70  GLY 70  107 107 GLY GLY A . n 
A 1 71  LYS 71  108 108 LYS LYS A . n 
A 1 72  ARG 72  109 109 ARG ARG A . n 
A 1 73  TRP 73  110 110 TRP TRP A . n 
A 1 74  GLU 74  111 111 GLU GLU A . n 
A 1 75  ALA 75  112 112 ALA ALA A . n 
A 1 76  ILE 76  113 113 ILE ILE A . n 
A 1 77  LEU 77  114 114 LEU LEU A . n 
A 1 78  LEU 78  115 115 LEU LEU A . n 
A 1 79  GLN 79  116 116 GLN GLN A . n 
A 1 80  VAL 80  117 117 VAL VAL A . n 
A 1 81  LEU 81  118 118 LEU LEU A . n 
A 1 82  GLU 82  119 119 GLU GLU A . n 
A 1 83  GLY 83  120 120 GLY GLY A . n 
A 1 84  ILE 84  121 121 ILE ILE A . n 
A 1 85  LYS 85  122 ?   ?   ?   A . n 
A 1 86  PRO 86  123 ?   ?   ?   A . n 
A 1 87  ASN 87  124 ?   ?   ?   A . n 
A 1 88  GLU 88  125 ?   ?   ?   A . n 
A 1 89  SER 89  126 ?   ?   ?   A . n 
A 1 90  GLN 90  127 ?   ?   ?   A . n 
A 1 91  VAL 91  128 ?   ?   ?   A . n 
A 1 92  GLY 92  129 ?   ?   ?   A . n 
A 1 93  LEU 93  130 130 LEU LEU A . n 
A 1 94  PRO 94  131 131 PRO PRO A . n 
A 1 95  TYR 95  132 132 TYR TYR A . n 
A 1 96  LEU 96  133 133 LEU LEU A . n 
A 1 97  SER 97  134 134 SER SER A . n 
A 1 98  GLU 98  135 135 GLU GLU A . n 
A 1 99  LEU 99  136 136 LEU LEU A . n 
A 1 100 ILE 100 137 137 ILE ILE A . n 
A 1 101 ASN 101 138 138 ASN ASN A . n 
A 1 102 LYS 102 139 139 LYS LYS A . n 
A 1 103 GLU 103 140 140 GLU GLU A . n 
A 1 104 LEU 104 141 141 LEU LEU A . n 
A 1 105 MET 105 142 142 MET MET A . n 
A 1 106 ILE 106 143 143 ILE ILE A . n 
A 1 107 LEU 107 144 144 LEU LEU A . n 
A 1 108 LEU 108 145 145 LEU LEU A . n 
A 1 109 PRO 109 146 ?   ?   ?   A . n 
A 1 110 SER 110 147 ?   ?   ?   A . n 
A 1 111 ASN 111 148 ?   ?   ?   A . n 
A 1 112 SER 112 149 ?   ?   ?   A . n 
# 
loop_
_pdbx_nonpoly_scheme.asym_id 
_pdbx_nonpoly_scheme.entity_id 
_pdbx_nonpoly_scheme.mon_id 
_pdbx_nonpoly_scheme.ndb_seq_num 
_pdbx_nonpoly_scheme.pdb_seq_num 
_pdbx_nonpoly_scheme.auth_seq_num 
_pdbx_nonpoly_scheme.pdb_mon_id 
_pdbx_nonpoly_scheme.auth_mon_id 
_pdbx_nonpoly_scheme.pdb_strand_id 
_pdbx_nonpoly_scheme.pdb_ins_code 
B 2 HOH 1   150 1   HOH O A . 
B 2 HOH 2   151 2   HOH O A . 
B 2 HOH 3   152 3   HOH O A . 
B 2 HOH 4   153 4   HOH O A . 
B 2 HOH 5   154 5   HOH O A . 
B 2 HOH 6   155 6   HOH O A . 
B 2 HOH 7   156 7   HOH O A . 
B 2 HOH 8   157 8   HOH O A . 
B 2 HOH 9   158 9   HOH O A . 
B 2 HOH 10  159 10  HOH O A . 
B 2 HOH 11  160 11  HOH O A . 
B 2 HOH 12  161 12  HOH O A . 
B 2 HOH 13  162 13  HOH O A . 
B 2 HOH 14  163 14  HOH O A . 
B 2 HOH 15  164 15  HOH O A . 
B 2 HOH 16  165 16  HOH O A . 
B 2 HOH 17  166 17  HOH O A . 
B 2 HOH 18  167 18  HOH O A . 
B 2 HOH 19  168 19  HOH O A . 
B 2 HOH 20  169 20  HOH O A . 
B 2 HOH 21  170 21  HOH O A . 
B 2 HOH 22  171 22  HOH O A . 
B 2 HOH 23  172 23  HOH O A . 
B 2 HOH 24  173 24  HOH O A . 
B 2 HOH 25  174 25  HOH O A . 
B 2 HOH 26  175 26  HOH O A . 
B 2 HOH 27  176 27  HOH O A . 
B 2 HOH 28  177 28  HOH O A . 
B 2 HOH 29  178 29  HOH O A . 
B 2 HOH 30  179 31  HOH O A . 
B 2 HOH 31  180 32  HOH O A . 
B 2 HOH 32  181 33  HOH O A . 
B 2 HOH 33  182 34  HOH O A . 
B 2 HOH 34  183 35  HOH O A . 
B 2 HOH 35  184 36  HOH O A . 
B 2 HOH 36  185 37  HOH O A . 
B 2 HOH 37  186 38  HOH O A . 
B 2 HOH 38  187 39  HOH O A . 
B 2 HOH 39  188 40  HOH O A . 
B 2 HOH 40  189 41  HOH O A . 
B 2 HOH 41  190 42  HOH O A . 
B 2 HOH 42  191 43  HOH O A . 
B 2 HOH 43  192 44  HOH O A . 
B 2 HOH 44  193 45  HOH O A . 
B 2 HOH 45  194 46  HOH O A . 
B 2 HOH 46  195 47  HOH O A . 
B 2 HOH 47  196 48  HOH O A . 
B 2 HOH 48  197 49  HOH O A . 
B 2 HOH 49  198 50  HOH O A . 
B 2 HOH 50  199 51  HOH O A . 
B 2 HOH 51  200 52  HOH O A . 
B 2 HOH 52  201 53  HOH O A . 
B 2 HOH 53  202 54  HOH O A . 
B 2 HOH 54  203 55  HOH O A . 
B 2 HOH 55  204 56  HOH O A . 
B 2 HOH 56  205 57  HOH O A . 
B 2 HOH 57  206 58  HOH O A . 
B 2 HOH 58  207 59  HOH O A . 
B 2 HOH 59  208 60  HOH O A . 
B 2 HOH 60  209 61  HOH O A . 
B 2 HOH 61  210 62  HOH O A . 
B 2 HOH 62  211 63  HOH O A . 
B 2 HOH 63  212 64  HOH O A . 
B 2 HOH 64  213 65  HOH O A . 
B 2 HOH 65  214 66  HOH O A . 
B 2 HOH 66  215 67  HOH O A . 
B 2 HOH 67  216 68  HOH O A . 
B 2 HOH 68  217 69  HOH O A . 
B 2 HOH 69  218 70  HOH O A . 
B 2 HOH 70  219 71  HOH O A . 
B 2 HOH 71  220 72  HOH O A . 
B 2 HOH 72  221 73  HOH O A . 
B 2 HOH 73  222 75  HOH O A . 
B 2 HOH 74  223 76  HOH O A . 
B 2 HOH 75  224 77  HOH O A . 
B 2 HOH 76  225 78  HOH O A . 
B 2 HOH 77  226 79  HOH O A . 
B 2 HOH 78  227 80  HOH O A . 
B 2 HOH 79  228 81  HOH O A . 
B 2 HOH 80  229 82  HOH O A . 
B 2 HOH 81  230 83  HOH O A . 
B 2 HOH 82  231 84  HOH O A . 
B 2 HOH 83  232 85  HOH O A . 
B 2 HOH 84  233 86  HOH O A . 
B 2 HOH 85  234 87  HOH O A . 
B 2 HOH 86  235 88  HOH O A . 
B 2 HOH 87  236 89  HOH O A . 
B 2 HOH 88  237 90  HOH O A . 
B 2 HOH 89  238 91  HOH O A . 
B 2 HOH 90  239 92  HOH O A . 
B 2 HOH 91  240 93  HOH O A . 
B 2 HOH 92  241 94  HOH O A . 
B 2 HOH 93  242 95  HOH O A . 
B 2 HOH 94  243 96  HOH O A . 
B 2 HOH 95  244 98  HOH O A . 
B 2 HOH 96  245 99  HOH O A . 
B 2 HOH 97  246 100 HOH O A . 
B 2 HOH 98  247 101 HOH O A . 
B 2 HOH 99  248 102 HOH O A . 
B 2 HOH 100 249 103 HOH O A . 
B 2 HOH 101 250 104 HOH O A . 
B 2 HOH 102 251 105 HOH O A . 
B 2 HOH 103 252 107 HOH O A . 
B 2 HOH 104 253 108 HOH O A . 
B 2 HOH 105 254 110 HOH O A . 
B 2 HOH 106 255 111 HOH O A . 
B 2 HOH 107 256 112 HOH O A . 
B 2 HOH 108 257 113 HOH O A . 
B 2 HOH 109 258 114 HOH O A . 
B 2 HOH 110 259 115 HOH O A . 
B 2 HOH 111 260 116 HOH O A . 
B 2 HOH 112 261 117 HOH O A . 
B 2 HOH 113 262 118 HOH O A . 
B 2 HOH 114 263 119 HOH O A . 
B 2 HOH 115 264 120 HOH O A . 
B 2 HOH 116 265 121 HOH O A . 
B 2 HOH 117 266 122 HOH O A . 
B 2 HOH 118 267 123 HOH O A . 
# 
loop_
_pdbx_unobs_or_zero_occ_atoms.id 
_pdbx_unobs_or_zero_occ_atoms.PDB_model_num 
_pdbx_unobs_or_zero_occ_atoms.polymer_flag 
_pdbx_unobs_or_zero_occ_atoms.occupancy_flag 
_pdbx_unobs_or_zero_occ_atoms.auth_asym_id 
_pdbx_unobs_or_zero_occ_atoms.auth_comp_id 
_pdbx_unobs_or_zero_occ_atoms.auth_seq_id 
_pdbx_unobs_or_zero_occ_atoms.PDB_ins_code 
_pdbx_unobs_or_zero_occ_atoms.auth_atom_id 
_pdbx_unobs_or_zero_occ_atoms.label_alt_id 
_pdbx_unobs_or_zero_occ_atoms.label_asym_id 
_pdbx_unobs_or_zero_occ_atoms.label_comp_id 
_pdbx_unobs_or_zero_occ_atoms.label_seq_id 
_pdbx_unobs_or_zero_occ_atoms.label_atom_id 
1 1 Y 0 A GLU 44 ? CG  ? A GLU 7  CG  
2 1 Y 0 A LYS 45 ? CG  ? A LYS 8  CG  
3 1 Y 0 A LYS 45 ? CD  ? A LYS 8  CD  
4 1 Y 0 A ARG 47 ? NH1 ? A ARG 10 NH1 
5 1 Y 0 A ARG 79 ? NH1 ? A ARG 42 NH1 
6 1 Y 0 A GLN 82 ? CB  ? A GLN 45 CB  
7 1 Y 0 A GLN 82 ? CG  ? A GLN 45 CG  
# 
loop_
_software.name 
_software.classification 
_software.version 
_software.citation_id 
_software.pdbx_ordinal 
REFMAC    refinement       5.1.24 ? 1 
HKL-2000  'data reduction' .      ? 2 
SCALEPACK 'data scaling'   .      ? 3 
SOLVE     phasing          .      ? 4 
# 
_cell.entry_id           1Z21 
_cell.length_a           85.662 
_cell.length_b           85.662 
_cell.length_c           85.662 
_cell.angle_alpha        90.00 
_cell.angle_beta         90.00 
_cell.angle_gamma        90.00 
_cell.Z_PDB              24 
_cell.pdbx_unique_axis   ? 
# 
_symmetry.entry_id                         1Z21 
_symmetry.space_group_name_H-M             'P 41 3 2' 
_symmetry.pdbx_full_space_group_name_H-M   ? 
_symmetry.cell_setting                     ? 
_symmetry.Int_Tables_number                213 
_symmetry.space_group_name_Hall            ? 
# 
_exptl.entry_id          1Z21 
_exptl.method            'X-RAY DIFFRACTION' 
_exptl.crystals_number   1 
# 
_exptl_crystal.id                    1 
_exptl_crystal.density_meas          ? 
_exptl_crystal.density_Matthews      2.1 
_exptl_crystal.density_percent_sol   40.3 
_exptl_crystal.description           ? 
_exptl_crystal.F_000                 ? 
_exptl_crystal.preparation           ? 
# 
_exptl_crystal_grow.crystal_id      1 
_exptl_crystal_grow.method          'VAPOR DIFFUSION, SITTING DROP' 
_exptl_crystal_grow.temp            291 
_exptl_crystal_grow.temp_details    ? 
_exptl_crystal_grow.pH              4.2 
_exptl_crystal_grow.pdbx_details    
'17% PEG-8000, 85 mM Phosphate-citrate, 0.17 M NaCl, and 15% glycerol, pH 4.2, VAPOR DIFFUSION, SITTING DROP, temperature 291K' 
_exptl_crystal_grow.pdbx_pH_range   . 
# 
_diffrn.id                     1 
_diffrn.ambient_temp           100 
_diffrn.ambient_temp_details   ? 
_diffrn.crystal_id             1 
# 
_diffrn_detector.diffrn_id              1 
_diffrn_detector.detector               CCD 
_diffrn_detector.type                   BRANDEIS 
_diffrn_detector.pdbx_collection_date   2003-09-15 
_diffrn_detector.details                ? 
# 
_diffrn_radiation.diffrn_id                        1 
_diffrn_radiation.wavelength_id                    1 
_diffrn_radiation.pdbx_monochromatic_or_laue_m_l   M 
_diffrn_radiation.monochromator                    ? 
_diffrn_radiation.pdbx_diffrn_protocol             'SINGLE WAVELENGTH' 
_diffrn_radiation.pdbx_scattering_type             x-ray 
# 
_diffrn_radiation_wavelength.id           1 
_diffrn_radiation_wavelength.wavelength   1 
_diffrn_radiation_wavelength.wt           1.0 
# 
_diffrn_source.diffrn_id                   1 
_diffrn_source.source                      SYNCHROTRON 
_diffrn_source.type                        'NSLS BEAMLINE X9B' 
_diffrn_source.pdbx_synchrotron_site       NSLS 
_diffrn_source.pdbx_synchrotron_beamline   X9B 
_diffrn_source.pdbx_wavelength             ? 
_diffrn_source.pdbx_wavelength_list        1 
# 
_reflns.entry_id                     1Z21 
_reflns.observed_criterion_sigma_F   2 
_reflns.observed_criterion_sigma_I   0 
_reflns.d_resolution_high            1.50 
_reflns.d_resolution_low             22.82 
_reflns.number_all                   17699 
_reflns.number_obs                   17807 
_reflns.percent_possible_obs         99.3 
_reflns.pdbx_Rmerge_I_obs            0.036 
_reflns.pdbx_Rsym_value              0.036 
_reflns.pdbx_netI_over_sigmaI        46.1 
_reflns.B_iso_Wilson_estimate        ? 
_reflns.pdbx_redundancy              4.5 
_reflns.R_free_details               ? 
_reflns.limit_h_max                  ? 
_reflns.limit_h_min                  ? 
_reflns.limit_k_max                  ? 
_reflns.limit_k_min                  ? 
_reflns.limit_l_max                  ? 
_reflns.limit_l_min                  ? 
_reflns.observed_criterion_F_max     ? 
_reflns.observed_criterion_F_min     ? 
_reflns.pdbx_chi_squared             ? 
_reflns.pdbx_scaling_rejects         ? 
_reflns.pdbx_diffrn_id               1 
_reflns.pdbx_ordinal                 1 
# 
_reflns_shell.d_res_high             1.5 
_reflns_shell.d_res_low              1.54 
_reflns_shell.percent_possible_all   97.5 
_reflns_shell.Rmerge_I_obs           ? 
_reflns_shell.pdbx_Rsym_value        ? 
_reflns_shell.meanI_over_sigI_obs    ? 
_reflns_shell.pdbx_redundancy        ? 
_reflns_shell.percent_possible_obs   ? 
_reflns_shell.number_unique_all      ? 
_reflns_shell.number_measured_all    ? 
_reflns_shell.number_measured_obs    ? 
_reflns_shell.number_unique_obs      ? 
_reflns_shell.pdbx_chi_squared       ? 
_reflns_shell.pdbx_diffrn_id         ? 
_reflns_shell.pdbx_ordinal           1 
# 
_refine.entry_id                                 1Z21 
_refine.ls_number_reflns_obs                     12054 
_refine.ls_number_reflns_all                     17807 
_refine.pdbx_ls_sigma_I                          ? 
_refine.pdbx_ls_sigma_F                          2 
_refine.pdbx_data_cutoff_high_absF               ? 
_refine.pdbx_data_cutoff_low_absF                ? 
_refine.pdbx_data_cutoff_high_rms_absF           ? 
_refine.ls_d_res_low                             22.81 
_refine.ls_d_res_high                            1.499 
_refine.ls_percent_reflns_obs                    71.36 
_refine.ls_R_factor_obs                          0.20526 
_refine.ls_R_factor_all                          0.2691 
_refine.ls_R_factor_R_work                       0.20357 
_refine.ls_R_factor_R_free                       0.23833 
_refine.ls_R_factor_R_free_error                 ? 
_refine.ls_R_factor_R_free_error_details         ? 
_refine.ls_percent_reflns_R_free                 5.0 
_refine.ls_number_reflns_R_free                  640 
_refine.ls_number_parameters                     ? 
_refine.ls_number_restraints                     ? 
_refine.occupancy_min                            ? 
_refine.occupancy_max                            ? 
_refine.correlation_coeff_Fo_to_Fc               0.953 
_refine.correlation_coeff_Fo_to_Fc_free          0.936 
_refine.B_iso_mean                               21.596 
_refine.aniso_B[1][1]                            ? 
_refine.aniso_B[2][2]                            ? 
_refine.aniso_B[3][3]                            ? 
_refine.aniso_B[1][2]                            ? 
_refine.aniso_B[1][3]                            ? 
_refine.aniso_B[2][3]                            ? 
_refine.solvent_model_details                    'BABINET MODEL WITH MASK' 
_refine.solvent_model_param_ksol                 ? 
_refine.solvent_model_param_bsol                 ? 
_refine.pdbx_solvent_vdw_probe_radii             1.40 
_refine.pdbx_solvent_ion_probe_radii             0.80 
_refine.pdbx_solvent_shrinkage_radii             0.80 
_refine.pdbx_ls_cross_valid_method               THROUGHOUT 
_refine.details                                  'HYDROGENS HAVE BEEN ADDED IN THE RIDING POSITIONS' 
_refine.pdbx_starting_model                      ? 
_refine.pdbx_method_to_determine_struct          MIR 
_refine.pdbx_isotropic_thermal_model             ? 
_refine.pdbx_stereochemistry_target_values       'MAXIMUM LIKELIHOOD' 
_refine.pdbx_stereochem_target_val_spec_case     ? 
_refine.pdbx_R_Free_selection_details            RANDOM 
_refine.pdbx_overall_ESU_R                       0.112 
_refine.pdbx_overall_ESU_R_Free                  0.110 
_refine.overall_SU_ML                            0.082 
_refine.overall_SU_B                             2.544 
_refine.ls_redundancy_reflns_obs                 ? 
_refine.B_iso_min                                ? 
_refine.B_iso_max                                ? 
_refine.overall_SU_R_Cruickshank_DPI             ? 
_refine.overall_SU_R_free                        ? 
_refine.ls_wR_factor_R_free                      ? 
_refine.ls_wR_factor_R_work                      ? 
_refine.overall_FOM_free_R_set                   ? 
_refine.overall_FOM_work_R_set                   ? 
_refine.pdbx_refine_id                           'X-RAY DIFFRACTION' 
_refine.pdbx_diffrn_id                           1 
_refine.pdbx_TLS_residual_ADP_flag               ? 
_refine.pdbx_overall_phase_error                 ? 
_refine.pdbx_overall_SU_R_free_Cruickshank_DPI   ? 
_refine.pdbx_overall_SU_R_Blow_DPI               ? 
_refine.pdbx_overall_SU_R_free_Blow_DPI          ? 
# 
_refine_hist.pdbx_refine_id                   'X-RAY DIFFRACTION' 
_refine_hist.cycle_id                         LAST 
_refine_hist.pdbx_number_atoms_protein        771 
_refine_hist.pdbx_number_atoms_nucleic_acid   0 
_refine_hist.pdbx_number_atoms_ligand         0 
_refine_hist.number_atoms_solvent             118 
_refine_hist.number_atoms_total               889 
_refine_hist.d_res_high                       1.499 
_refine_hist.d_res_low                        22.81 
# 
loop_
_refine_ls_restr.type 
_refine_ls_restr.dev_ideal 
_refine_ls_restr.dev_ideal_target 
_refine_ls_restr.weight 
_refine_ls_restr.number 
_refine_ls_restr.pdbx_refine_id 
_refine_ls_restr.pdbx_restraint_function 
r_bond_refined_d         0.008 0.021 ? 777  'X-RAY DIFFRACTION' ? 
r_bond_other_d           0.002 0.020 ? 731  'X-RAY DIFFRACTION' ? 
r_angle_refined_deg      1.019 1.978 ? 1052 'X-RAY DIFFRACTION' ? 
r_angle_other_deg        0.743 3.000 ? 1692 'X-RAY DIFFRACTION' ? 
r_dihedral_angle_1_deg   4.588 5.000 ? 94   'X-RAY DIFFRACTION' ? 
r_chiral_restr           0.057 0.200 ? 123  'X-RAY DIFFRACTION' ? 
r_gen_planes_refined     0.006 0.020 ? 840  'X-RAY DIFFRACTION' ? 
r_gen_planes_other       0.008 0.020 ? 145  'X-RAY DIFFRACTION' ? 
r_nbd_refined            0.250 0.200 ? 310  'X-RAY DIFFRACTION' ? 
r_nbd_other              0.222 0.200 ? 857  'X-RAY DIFFRACTION' ? 
r_nbtor_other            0.084 0.200 ? 430  'X-RAY DIFFRACTION' ? 
r_xyhbond_nbd_refined    0.216 0.200 ? 21   'X-RAY DIFFRACTION' ? 
r_symmetry_vdw_refined   0.277 0.200 ? 51   'X-RAY DIFFRACTION' ? 
r_symmetry_vdw_other     0.177 0.200 ? 40   'X-RAY DIFFRACTION' ? 
r_symmetry_hbond_refined 0.180 0.200 ? 1    'X-RAY DIFFRACTION' ? 
r_mcbond_it              0.667 1.500 ? 479  'X-RAY DIFFRACTION' ? 
r_mcangle_it             1.285 2.000 ? 770  'X-RAY DIFFRACTION' ? 
r_scbond_it              1.762 3.000 ? 298  'X-RAY DIFFRACTION' ? 
r_scangle_it             3.013 4.500 ? 282  'X-RAY DIFFRACTION' ? 
# 
_refine_ls_shell.pdbx_total_number_of_bins_used   20 
_refine_ls_shell.d_res_high                       1.500 
_refine_ls_shell.d_res_low                        1.539 
_refine_ls_shell.number_reflns_R_work             327 
_refine_ls_shell.R_factor_R_work                  0.405 
_refine_ls_shell.percent_reflns_obs               ? 
_refine_ls_shell.R_factor_R_free                  0.29 
_refine_ls_shell.R_factor_R_free_error            ? 
_refine_ls_shell.percent_reflns_R_free            ? 
_refine_ls_shell.number_reflns_R_free             19 
_refine_ls_shell.number_reflns_obs                ? 
_refine_ls_shell.redundancy_reflns_obs            ? 
_refine_ls_shell.number_reflns_all                ? 
_refine_ls_shell.pdbx_refine_id                   'X-RAY DIFFRACTION' 
_refine_ls_shell.R_factor_all                     ? 
# 
_struct.entry_id                  1Z21 
_struct.title                     'Crystal structure of the core domain of Yersinia pestis virulence factor YopR' 
_struct.pdbx_model_details        ? 
_struct.pdbx_CASP_flag            ? 
_struct.pdbx_model_type_details   ? 
# 
_struct_keywords.entry_id        1Z21 
_struct_keywords.pdbx_keywords   'CELL INVASION' 
_struct_keywords.text            'Yersinia pestis, plague, type III secretion, YopR, yop, CELL INVASION' 
# 
loop_
_struct_asym.id 
_struct_asym.pdbx_blank_PDB_chainid_flag 
_struct_asym.pdbx_modified 
_struct_asym.entity_id 
_struct_asym.details 
A N N 1 ? 
B N N 2 ? 
# 
_struct_ref.id                         1 
_struct_ref.db_name                    UNP 
_struct_ref.db_code                    YSCH_YERPE 
_struct_ref.pdbx_db_accession          P68590 
_struct_ref.entity_id                  1 
_struct_ref.pdbx_seq_one_letter_code   
;LKSESAEKTREVLWQQYYASNPPDHAVLEVLATPVREALLARFGQHQGSVVPAIDLPELRSVLQQFDSFGKRWEAILLQV
LEGIKPNESQVGLPYLSELINKELMILLPSNS
;
_struct_ref.pdbx_align_begin           38 
_struct_ref.pdbx_db_isoform            ? 
# 
_struct_ref_seq.align_id                      1 
_struct_ref_seq.ref_id                        1 
_struct_ref_seq.pdbx_PDB_id_code              1Z21 
_struct_ref_seq.pdbx_strand_id                A 
_struct_ref_seq.seq_align_beg                 1 
_struct_ref_seq.pdbx_seq_align_beg_ins_code   ? 
_struct_ref_seq.seq_align_end                 112 
_struct_ref_seq.pdbx_seq_align_end_ins_code   ? 
_struct_ref_seq.pdbx_db_accession             P68590 
_struct_ref_seq.db_align_beg                  38 
_struct_ref_seq.pdbx_db_align_beg_ins_code    ? 
_struct_ref_seq.db_align_end                  149 
_struct_ref_seq.pdbx_db_align_end_ins_code    ? 
_struct_ref_seq.pdbx_auth_seq_align_beg       38 
_struct_ref_seq.pdbx_auth_seq_align_end       149 
# 
_pdbx_struct_assembly.id                   1 
_pdbx_struct_assembly.details              author_defined_assembly 
_pdbx_struct_assembly.method_details       ? 
_pdbx_struct_assembly.oligomeric_details   monomeric 
_pdbx_struct_assembly.oligomeric_count     1 
# 
_pdbx_struct_assembly_gen.assembly_id       1 
_pdbx_struct_assembly_gen.oper_expression   1 
_pdbx_struct_assembly_gen.asym_id_list      A,B 
# 
_pdbx_struct_oper_list.id                   1 
_pdbx_struct_oper_list.type                 'identity operation' 
_pdbx_struct_oper_list.name                 1_555 
_pdbx_struct_oper_list.symmetry_operation   x,y,z 
_pdbx_struct_oper_list.matrix[1][1]         1.0000000000 
_pdbx_struct_oper_list.matrix[1][2]         0.0000000000 
_pdbx_struct_oper_list.matrix[1][3]         0.0000000000 
_pdbx_struct_oper_list.vector[1]            0.0000000000 
_pdbx_struct_oper_list.matrix[2][1]         0.0000000000 
_pdbx_struct_oper_list.matrix[2][2]         1.0000000000 
_pdbx_struct_oper_list.matrix[2][3]         0.0000000000 
_pdbx_struct_oper_list.vector[2]            0.0000000000 
_pdbx_struct_oper_list.matrix[3][1]         0.0000000000 
_pdbx_struct_oper_list.matrix[3][2]         0.0000000000 
_pdbx_struct_oper_list.matrix[3][3]         1.0000000000 
_pdbx_struct_oper_list.vector[3]            0.0000000000 
# 
_struct_biol.id                    1 
_struct_biol.pdbx_parent_biol_id   ? 
_struct_biol.details               ? 
# 
loop_
_struct_conf.conf_type_id 
_struct_conf.id 
_struct_conf.pdbx_PDB_helix_id 
_struct_conf.beg_label_comp_id 
_struct_conf.beg_label_asym_id 
_struct_conf.beg_label_seq_id 
_struct_conf.pdbx_beg_PDB_ins_code 
_struct_conf.end_label_comp_id 
_struct_conf.end_label_asym_id 
_struct_conf.end_label_seq_id 
_struct_conf.pdbx_end_PDB_ins_code 
_struct_conf.beg_auth_comp_id 
_struct_conf.beg_auth_asym_id 
_struct_conf.beg_auth_seq_id 
_struct_conf.end_auth_comp_id 
_struct_conf.end_auth_asym_id 
_struct_conf.end_auth_seq_id 
_struct_conf.pdbx_PDB_helix_class 
_struct_conf.details 
_struct_conf.pdbx_PDB_helix_length 
HELX_P HELX_P1 1 SER A 5  ? SER A 20  ? SER A 42  SER A 57  1 ? 16 
HELX_P HELX_P2 2 ASP A 24 ? GLY A 44  ? ASP A 61  GLY A 81  1 ? 21 
HELX_P HELX_P3 3 VAL A 51 ? ASP A 67  ? VAL A 88  ASP A 104 1 ? 17 
HELX_P HELX_P4 4 GLY A 70 ? GLY A 83  ? GLY A 107 GLY A 120 1 ? 14 
HELX_P HELX_P5 5 LEU A 93 ? LEU A 108 ? LEU A 130 LEU A 145 1 ? 16 
# 
_struct_conf_type.id          HELX_P 
_struct_conf_type.criteria    ? 
_struct_conf_type.reference   ? 
# 
_struct_mon_prot_cis.pdbx_id                1 
_struct_mon_prot_cis.label_comp_id          ASN 
_struct_mon_prot_cis.label_seq_id           21 
_struct_mon_prot_cis.label_asym_id          A 
_struct_mon_prot_cis.label_alt_id           . 
_struct_mon_prot_cis.pdbx_PDB_ins_code      ? 
_struct_mon_prot_cis.auth_comp_id           ASN 
_struct_mon_prot_cis.auth_seq_id            58 
_struct_mon_prot_cis.auth_asym_id           A 
_struct_mon_prot_cis.pdbx_label_comp_id_2   PRO 
_struct_mon_prot_cis.pdbx_label_seq_id_2    22 
_struct_mon_prot_cis.pdbx_label_asym_id_2   A 
_struct_mon_prot_cis.pdbx_PDB_ins_code_2    ? 
_struct_mon_prot_cis.pdbx_auth_comp_id_2    PRO 
_struct_mon_prot_cis.pdbx_auth_seq_id_2     59 
_struct_mon_prot_cis.pdbx_auth_asym_id_2    A 
_struct_mon_prot_cis.pdbx_PDB_model_num     1 
_struct_mon_prot_cis.pdbx_omega_angle       -0.55 
# 
loop_
_pdbx_validate_close_contact.id 
_pdbx_validate_close_contact.PDB_model_num 
_pdbx_validate_close_contact.auth_atom_id_1 
_pdbx_validate_close_contact.auth_asym_id_1 
_pdbx_validate_close_contact.auth_comp_id_1 
_pdbx_validate_close_contact.auth_seq_id_1 
_pdbx_validate_close_contact.PDB_ins_code_1 
_pdbx_validate_close_contact.label_alt_id_1 
_pdbx_validate_close_contact.auth_atom_id_2 
_pdbx_validate_close_contact.auth_asym_id_2 
_pdbx_validate_close_contact.auth_comp_id_2 
_pdbx_validate_close_contact.auth_seq_id_2 
_pdbx_validate_close_contact.PDB_ins_code_2 
_pdbx_validate_close_contact.label_alt_id_2 
_pdbx_validate_close_contact.dist 
1 1 NH1 A ARG 47 ? ? O A HOH 267 ? ? 0.61 
2 1 CZ  A ARG 47 ? ? O A HOH 267 ? ? 1.76 
# 
_pdbx_validate_rmsd_bond.id                        1 
_pdbx_validate_rmsd_bond.PDB_model_num             1 
_pdbx_validate_rmsd_bond.auth_atom_id_1            CZ 
_pdbx_validate_rmsd_bond.auth_asym_id_1            A 
_pdbx_validate_rmsd_bond.auth_comp_id_1            ARG 
_pdbx_validate_rmsd_bond.auth_seq_id_1             47 
_pdbx_validate_rmsd_bond.PDB_ins_code_1            ? 
_pdbx_validate_rmsd_bond.label_alt_id_1            ? 
_pdbx_validate_rmsd_bond.auth_atom_id_2            NH1 
_pdbx_validate_rmsd_bond.auth_asym_id_2            A 
_pdbx_validate_rmsd_bond.auth_comp_id_2            ARG 
_pdbx_validate_rmsd_bond.auth_seq_id_2             47 
_pdbx_validate_rmsd_bond.PDB_ins_code_2            ? 
_pdbx_validate_rmsd_bond.label_alt_id_2            ? 
_pdbx_validate_rmsd_bond.bond_value                1.202 
_pdbx_validate_rmsd_bond.bond_target_value         1.326 
_pdbx_validate_rmsd_bond.bond_deviation            -0.124 
_pdbx_validate_rmsd_bond.bond_standard_deviation   0.013 
_pdbx_validate_rmsd_bond.linker_flag               N 
# 
loop_
_pdbx_validate_rmsd_angle.id 
_pdbx_validate_rmsd_angle.PDB_model_num 
_pdbx_validate_rmsd_angle.auth_atom_id_1 
_pdbx_validate_rmsd_angle.auth_asym_id_1 
_pdbx_validate_rmsd_angle.auth_comp_id_1 
_pdbx_validate_rmsd_angle.auth_seq_id_1 
_pdbx_validate_rmsd_angle.PDB_ins_code_1 
_pdbx_validate_rmsd_angle.label_alt_id_1 
_pdbx_validate_rmsd_angle.auth_atom_id_2 
_pdbx_validate_rmsd_angle.auth_asym_id_2 
_pdbx_validate_rmsd_angle.auth_comp_id_2 
_pdbx_validate_rmsd_angle.auth_seq_id_2 
_pdbx_validate_rmsd_angle.PDB_ins_code_2 
_pdbx_validate_rmsd_angle.label_alt_id_2 
_pdbx_validate_rmsd_angle.auth_atom_id_3 
_pdbx_validate_rmsd_angle.auth_asym_id_3 
_pdbx_validate_rmsd_angle.auth_comp_id_3 
_pdbx_validate_rmsd_angle.auth_seq_id_3 
_pdbx_validate_rmsd_angle.PDB_ins_code_3 
_pdbx_validate_rmsd_angle.label_alt_id_3 
_pdbx_validate_rmsd_angle.angle_value 
_pdbx_validate_rmsd_angle.angle_target_value 
_pdbx_validate_rmsd_angle.angle_deviation 
_pdbx_validate_rmsd_angle.angle_standard_deviation 
_pdbx_validate_rmsd_angle.linker_flag 
1 1 NH1 A ARG 47 ? ? CZ A ARG 47 ? ? NH2 A ARG 47 ? ? 110.71 119.40 -8.69 1.10 N 
2 1 NE  A ARG 47 ? ? CZ A ARG 47 ? ? NH1 A ARG 47 ? ? 125.93 120.30 5.63  0.50 N 
# 
loop_
_pdbx_struct_special_symmetry.id 
_pdbx_struct_special_symmetry.PDB_model_num 
_pdbx_struct_special_symmetry.auth_asym_id 
_pdbx_struct_special_symmetry.auth_comp_id 
_pdbx_struct_special_symmetry.auth_seq_id 
_pdbx_struct_special_symmetry.PDB_ins_code 
_pdbx_struct_special_symmetry.label_asym_id 
_pdbx_struct_special_symmetry.label_comp_id 
_pdbx_struct_special_symmetry.label_seq_id 
1 1 A HOH 209 ? B HOH . 
2 1 A HOH 223 ? B HOH . 
3 1 A HOH 224 ? B HOH . 
4 1 A HOH 259 ? B HOH . 
# 
loop_
_pdbx_unobs_or_zero_occ_residues.id 
_pdbx_unobs_or_zero_occ_residues.PDB_model_num 
_pdbx_unobs_or_zero_occ_residues.polymer_flag 
_pdbx_unobs_or_zero_occ_residues.occupancy_flag 
_pdbx_unobs_or_zero_occ_residues.auth_asym_id 
_pdbx_unobs_or_zero_occ_residues.auth_comp_id 
_pdbx_unobs_or_zero_occ_residues.auth_seq_id 
_pdbx_unobs_or_zero_occ_residues.PDB_ins_code 
_pdbx_unobs_or_zero_occ_residues.label_asym_id 
_pdbx_unobs_or_zero_occ_residues.label_comp_id 
_pdbx_unobs_or_zero_occ_residues.label_seq_id 
1  1 Y 1 A LEU 38  ? A LEU 1   
2  1 Y 1 A LYS 39  ? A LYS 2   
3  1 Y 1 A SER 40  ? A SER 3   
4  1 Y 1 A GLU 41  ? A GLU 4   
5  1 Y 1 A LYS 122 ? A LYS 85  
6  1 Y 1 A PRO 123 ? A PRO 86  
7  1 Y 1 A ASN 124 ? A ASN 87  
8  1 Y 1 A GLU 125 ? A GLU 88  
9  1 Y 1 A SER 126 ? A SER 89  
10 1 Y 1 A GLN 127 ? A GLN 90  
11 1 Y 1 A VAL 128 ? A VAL 91  
12 1 Y 1 A GLY 129 ? A GLY 92  
13 1 Y 1 A PRO 146 ? A PRO 109 
14 1 Y 1 A SER 147 ? A SER 110 
15 1 Y 1 A ASN 148 ? A ASN 111 
16 1 Y 1 A SER 149 ? A SER 112 
# 
loop_
_chem_comp_atom.comp_id 
_chem_comp_atom.atom_id 
_chem_comp_atom.type_symbol 
_chem_comp_atom.pdbx_aromatic_flag 
_chem_comp_atom.pdbx_stereo_config 
_chem_comp_atom.pdbx_ordinal 
ALA N    N N N 1   
ALA CA   C N S 2   
ALA C    C N N 3   
ALA O    O N N 4   
ALA CB   C N N 5   
ALA OXT  O N N 6   
ALA H    H N N 7   
ALA H2   H N N 8   
ALA HA   H N N 9   
ALA HB1  H N N 10  
ALA HB2  H N N 11  
ALA HB3  H N N 12  
ALA HXT  H N N 13  
ARG N    N N N 14  
ARG CA   C N S 15  
ARG C    C N N 16  
ARG O    O N N 17  
ARG CB   C N N 18  
ARG CG   C N N 19  
ARG CD   C N N 20  
ARG NE   N N N 21  
ARG CZ   C N N 22  
ARG NH1  N N N 23  
ARG NH2  N N N 24  
ARG OXT  O N N 25  
ARG H    H N N 26  
ARG H2   H N N 27  
ARG HA   H N N 28  
ARG HB2  H N N 29  
ARG HB3  H N N 30  
ARG HG2  H N N 31  
ARG HG3  H N N 32  
ARG HD2  H N N 33  
ARG HD3  H N N 34  
ARG HE   H N N 35  
ARG HH11 H N N 36  
ARG HH12 H N N 37  
ARG HH21 H N N 38  
ARG HH22 H N N 39  
ARG HXT  H N N 40  
ASN N    N N N 41  
ASN CA   C N S 42  
ASN C    C N N 43  
ASN O    O N N 44  
ASN CB   C N N 45  
ASN CG   C N N 46  
ASN OD1  O N N 47  
ASN ND2  N N N 48  
ASN OXT  O N N 49  
ASN H    H N N 50  
ASN H2   H N N 51  
ASN HA   H N N 52  
ASN HB2  H N N 53  
ASN HB3  H N N 54  
ASN HD21 H N N 55  
ASN HD22 H N N 56  
ASN HXT  H N N 57  
ASP N    N N N 58  
ASP CA   C N S 59  
ASP C    C N N 60  
ASP O    O N N 61  
ASP CB   C N N 62  
ASP CG   C N N 63  
ASP OD1  O N N 64  
ASP OD2  O N N 65  
ASP OXT  O N N 66  
ASP H    H N N 67  
ASP H2   H N N 68  
ASP HA   H N N 69  
ASP HB2  H N N 70  
ASP HB3  H N N 71  
ASP HD2  H N N 72  
ASP HXT  H N N 73  
GLN N    N N N 74  
GLN CA   C N S 75  
GLN C    C N N 76  
GLN O    O N N 77  
GLN CB   C N N 78  
GLN CG   C N N 79  
GLN CD   C N N 80  
GLN OE1  O N N 81  
GLN NE2  N N N 82  
GLN OXT  O N N 83  
GLN H    H N N 84  
GLN H2   H N N 85  
GLN HA   H N N 86  
GLN HB2  H N N 87  
GLN HB3  H N N 88  
GLN HG2  H N N 89  
GLN HG3  H N N 90  
GLN HE21 H N N 91  
GLN HE22 H N N 92  
GLN HXT  H N N 93  
GLU N    N N N 94  
GLU CA   C N S 95  
GLU C    C N N 96  
GLU O    O N N 97  
GLU CB   C N N 98  
GLU CG   C N N 99  
GLU CD   C N N 100 
GLU OE1  O N N 101 
GLU OE2  O N N 102 
GLU OXT  O N N 103 
GLU H    H N N 104 
GLU H2   H N N 105 
GLU HA   H N N 106 
GLU HB2  H N N 107 
GLU HB3  H N N 108 
GLU HG2  H N N 109 
GLU HG3  H N N 110 
GLU HE2  H N N 111 
GLU HXT  H N N 112 
GLY N    N N N 113 
GLY CA   C N N 114 
GLY C    C N N 115 
GLY O    O N N 116 
GLY OXT  O N N 117 
GLY H    H N N 118 
GLY H2   H N N 119 
GLY HA2  H N N 120 
GLY HA3  H N N 121 
GLY HXT  H N N 122 
HIS N    N N N 123 
HIS CA   C N S 124 
HIS C    C N N 125 
HIS O    O N N 126 
HIS CB   C N N 127 
HIS CG   C Y N 128 
HIS ND1  N Y N 129 
HIS CD2  C Y N 130 
HIS CE1  C Y N 131 
HIS NE2  N Y N 132 
HIS OXT  O N N 133 
HIS H    H N N 134 
HIS H2   H N N 135 
HIS HA   H N N 136 
HIS HB2  H N N 137 
HIS HB3  H N N 138 
HIS HD1  H N N 139 
HIS HD2  H N N 140 
HIS HE1  H N N 141 
HIS HE2  H N N 142 
HIS HXT  H N N 143 
HOH O    O N N 144 
HOH H1   H N N 145 
HOH H2   H N N 146 
ILE N    N N N 147 
ILE CA   C N S 148 
ILE C    C N N 149 
ILE O    O N N 150 
ILE CB   C N S 151 
ILE CG1  C N N 152 
ILE CG2  C N N 153 
ILE CD1  C N N 154 
ILE OXT  O N N 155 
ILE H    H N N 156 
ILE H2   H N N 157 
ILE HA   H N N 158 
ILE HB   H N N 159 
ILE HG12 H N N 160 
ILE HG13 H N N 161 
ILE HG21 H N N 162 
ILE HG22 H N N 163 
ILE HG23 H N N 164 
ILE HD11 H N N 165 
ILE HD12 H N N 166 
ILE HD13 H N N 167 
ILE HXT  H N N 168 
LEU N    N N N 169 
LEU CA   C N S 170 
LEU C    C N N 171 
LEU O    O N N 172 
LEU CB   C N N 173 
LEU CG   C N N 174 
LEU CD1  C N N 175 
LEU CD2  C N N 176 
LEU OXT  O N N 177 
LEU H    H N N 178 
LEU H2   H N N 179 
LEU HA   H N N 180 
LEU HB2  H N N 181 
LEU HB3  H N N 182 
LEU HG   H N N 183 
LEU HD11 H N N 184 
LEU HD12 H N N 185 
LEU HD13 H N N 186 
LEU HD21 H N N 187 
LEU HD22 H N N 188 
LEU HD23 H N N 189 
LEU HXT  H N N 190 
LYS N    N N N 191 
LYS CA   C N S 192 
LYS C    C N N 193 
LYS O    O N N 194 
LYS CB   C N N 195 
LYS CG   C N N 196 
LYS CD   C N N 197 
LYS CE   C N N 198 
LYS NZ   N N N 199 
LYS OXT  O N N 200 
LYS H    H N N 201 
LYS H2   H N N 202 
LYS HA   H N N 203 
LYS HB2  H N N 204 
LYS HB3  H N N 205 
LYS HG2  H N N 206 
LYS HG3  H N N 207 
LYS HD2  H N N 208 
LYS HD3  H N N 209 
LYS HE2  H N N 210 
LYS HE3  H N N 211 
LYS HZ1  H N N 212 
LYS HZ2  H N N 213 
LYS HZ3  H N N 214 
LYS HXT  H N N 215 
MET N    N N N 216 
MET CA   C N S 217 
MET C    C N N 218 
MET O    O N N 219 
MET CB   C N N 220 
MET CG   C N N 221 
MET SD   S N N 222 
MET CE   C N N 223 
MET OXT  O N N 224 
MET H    H N N 225 
MET H2   H N N 226 
MET HA   H N N 227 
MET HB2  H N N 228 
MET HB3  H N N 229 
MET HG2  H N N 230 
MET HG3  H N N 231 
MET HE1  H N N 232 
MET HE2  H N N 233 
MET HE3  H N N 234 
MET HXT  H N N 235 
PHE N    N N N 236 
PHE CA   C N S 237 
PHE C    C N N 238 
PHE O    O N N 239 
PHE CB   C N N 240 
PHE CG   C Y N 241 
PHE CD1  C Y N 242 
PHE CD2  C Y N 243 
PHE CE1  C Y N 244 
PHE CE2  C Y N 245 
PHE CZ   C Y N 246 
PHE OXT  O N N 247 
PHE H    H N N 248 
PHE H2   H N N 249 
PHE HA   H N N 250 
PHE HB2  H N N 251 
PHE HB3  H N N 252 
PHE HD1  H N N 253 
PHE HD2  H N N 254 
PHE HE1  H N N 255 
PHE HE2  H N N 256 
PHE HZ   H N N 257 
PHE HXT  H N N 258 
PRO N    N N N 259 
PRO CA   C N S 260 
PRO C    C N N 261 
PRO O    O N N 262 
PRO CB   C N N 263 
PRO CG   C N N 264 
PRO CD   C N N 265 
PRO OXT  O N N 266 
PRO H    H N N 267 
PRO HA   H N N 268 
PRO HB2  H N N 269 
PRO HB3  H N N 270 
PRO HG2  H N N 271 
PRO HG3  H N N 272 
PRO HD2  H N N 273 
PRO HD3  H N N 274 
PRO HXT  H N N 275 
SER N    N N N 276 
SER CA   C N S 277 
SER C    C N N 278 
SER O    O N N 279 
SER CB   C N N 280 
SER OG   O N N 281 
SER OXT  O N N 282 
SER H    H N N 283 
SER H2   H N N 284 
SER HA   H N N 285 
SER HB2  H N N 286 
SER HB3  H N N 287 
SER HG   H N N 288 
SER HXT  H N N 289 
THR N    N N N 290 
THR CA   C N S 291 
THR C    C N N 292 
THR O    O N N 293 
THR CB   C N R 294 
THR OG1  O N N 295 
THR CG2  C N N 296 
THR OXT  O N N 297 
THR H    H N N 298 
THR H2   H N N 299 
THR HA   H N N 300 
THR HB   H N N 301 
THR HG1  H N N 302 
THR HG21 H N N 303 
THR HG22 H N N 304 
THR HG23 H N N 305 
THR HXT  H N N 306 
TRP N    N N N 307 
TRP CA   C N S 308 
TRP C    C N N 309 
TRP O    O N N 310 
TRP CB   C N N 311 
TRP CG   C Y N 312 
TRP CD1  C Y N 313 
TRP CD2  C Y N 314 
TRP NE1  N Y N 315 
TRP CE2  C Y N 316 
TRP CE3  C Y N 317 
TRP CZ2  C Y N 318 
TRP CZ3  C Y N 319 
TRP CH2  C Y N 320 
TRP OXT  O N N 321 
TRP H    H N N 322 
TRP H2   H N N 323 
TRP HA   H N N 324 
TRP HB2  H N N 325 
TRP HB3  H N N 326 
TRP HD1  H N N 327 
TRP HE1  H N N 328 
TRP HE3  H N N 329 
TRP HZ2  H N N 330 
TRP HZ3  H N N 331 
TRP HH2  H N N 332 
TRP HXT  H N N 333 
TYR N    N N N 334 
TYR CA   C N S 335 
TYR C    C N N 336 
TYR O    O N N 337 
TYR CB   C N N 338 
TYR CG   C Y N 339 
TYR CD1  C Y N 340 
TYR CD2  C Y N 341 
TYR CE1  C Y N 342 
TYR CE2  C Y N 343 
TYR CZ   C Y N 344 
TYR OH   O N N 345 
TYR OXT  O N N 346 
TYR H    H N N 347 
TYR H2   H N N 348 
TYR HA   H N N 349 
TYR HB2  H N N 350 
TYR HB3  H N N 351 
TYR HD1  H N N 352 
TYR HD2  H N N 353 
TYR HE1  H N N 354 
TYR HE2  H N N 355 
TYR HH   H N N 356 
TYR HXT  H N N 357 
VAL N    N N N 358 
VAL CA   C N S 359 
VAL C    C N N 360 
VAL O    O N N 361 
VAL CB   C N N 362 
VAL CG1  C N N 363 
VAL CG2  C N N 364 
VAL OXT  O N N 365 
VAL H    H N N 366 
VAL H2   H N N 367 
VAL HA   H N N 368 
VAL HB   H N N 369 
VAL HG11 H N N 370 
VAL HG12 H N N 371 
VAL HG13 H N N 372 
VAL HG21 H N N 373 
VAL HG22 H N N 374 
VAL HG23 H N N 375 
VAL HXT  H N N 376 
# 
loop_
_chem_comp_bond.comp_id 
_chem_comp_bond.atom_id_1 
_chem_comp_bond.atom_id_2 
_chem_comp_bond.value_order 
_chem_comp_bond.pdbx_aromatic_flag 
_chem_comp_bond.pdbx_stereo_config 
_chem_comp_bond.pdbx_ordinal 
ALA N   CA   sing N N 1   
ALA N   H    sing N N 2   
ALA N   H2   sing N N 3   
ALA CA  C    sing N N 4   
ALA CA  CB   sing N N 5   
ALA CA  HA   sing N N 6   
ALA C   O    doub N N 7   
ALA C   OXT  sing N N 8   
ALA CB  HB1  sing N N 9   
ALA CB  HB2  sing N N 10  
ALA CB  HB3  sing N N 11  
ALA OXT HXT  sing N N 12  
ARG N   CA   sing N N 13  
ARG N   H    sing N N 14  
ARG N   H2   sing N N 15  
ARG CA  C    sing N N 16  
ARG CA  CB   sing N N 17  
ARG CA  HA   sing N N 18  
ARG C   O    doub N N 19  
ARG C   OXT  sing N N 20  
ARG CB  CG   sing N N 21  
ARG CB  HB2  sing N N 22  
ARG CB  HB3  sing N N 23  
ARG CG  CD   sing N N 24  
ARG CG  HG2  sing N N 25  
ARG CG  HG3  sing N N 26  
ARG CD  NE   sing N N 27  
ARG CD  HD2  sing N N 28  
ARG CD  HD3  sing N N 29  
ARG NE  CZ   sing N N 30  
ARG NE  HE   sing N N 31  
ARG CZ  NH1  sing N N 32  
ARG CZ  NH2  doub N N 33  
ARG NH1 HH11 sing N N 34  
ARG NH1 HH12 sing N N 35  
ARG NH2 HH21 sing N N 36  
ARG NH2 HH22 sing N N 37  
ARG OXT HXT  sing N N 38  
ASN N   CA   sing N N 39  
ASN N   H    sing N N 40  
ASN N   H2   sing N N 41  
ASN CA  C    sing N N 42  
ASN CA  CB   sing N N 43  
ASN CA  HA   sing N N 44  
ASN C   O    doub N N 45  
ASN C   OXT  sing N N 46  
ASN CB  CG   sing N N 47  
ASN CB  HB2  sing N N 48  
ASN CB  HB3  sing N N 49  
ASN CG  OD1  doub N N 50  
ASN CG  ND2  sing N N 51  
ASN ND2 HD21 sing N N 52  
ASN ND2 HD22 sing N N 53  
ASN OXT HXT  sing N N 54  
ASP N   CA   sing N N 55  
ASP N   H    sing N N 56  
ASP N   H2   sing N N 57  
ASP CA  C    sing N N 58  
ASP CA  CB   sing N N 59  
ASP CA  HA   sing N N 60  
ASP C   O    doub N N 61  
ASP C   OXT  sing N N 62  
ASP CB  CG   sing N N 63  
ASP CB  HB2  sing N N 64  
ASP CB  HB3  sing N N 65  
ASP CG  OD1  doub N N 66  
ASP CG  OD2  sing N N 67  
ASP OD2 HD2  sing N N 68  
ASP OXT HXT  sing N N 69  
GLN N   CA   sing N N 70  
GLN N   H    sing N N 71  
GLN N   H2   sing N N 72  
GLN CA  C    sing N N 73  
GLN CA  CB   sing N N 74  
GLN CA  HA   sing N N 75  
GLN C   O    doub N N 76  
GLN C   OXT  sing N N 77  
GLN CB  CG   sing N N 78  
GLN CB  HB2  sing N N 79  
GLN CB  HB3  sing N N 80  
GLN CG  CD   sing N N 81  
GLN CG  HG2  sing N N 82  
GLN CG  HG3  sing N N 83  
GLN CD  OE1  doub N N 84  
GLN CD  NE2  sing N N 85  
GLN NE2 HE21 sing N N 86  
GLN NE2 HE22 sing N N 87  
GLN OXT HXT  sing N N 88  
GLU N   CA   sing N N 89  
GLU N   H    sing N N 90  
GLU N   H2   sing N N 91  
GLU CA  C    sing N N 92  
GLU CA  CB   sing N N 93  
GLU CA  HA   sing N N 94  
GLU C   O    doub N N 95  
GLU C   OXT  sing N N 96  
GLU CB  CG   sing N N 97  
GLU CB  HB2  sing N N 98  
GLU CB  HB3  sing N N 99  
GLU CG  CD   sing N N 100 
GLU CG  HG2  sing N N 101 
GLU CG  HG3  sing N N 102 
GLU CD  OE1  doub N N 103 
GLU CD  OE2  sing N N 104 
GLU OE2 HE2  sing N N 105 
GLU OXT HXT  sing N N 106 
GLY N   CA   sing N N 107 
GLY N   H    sing N N 108 
GLY N   H2   sing N N 109 
GLY CA  C    sing N N 110 
GLY CA  HA2  sing N N 111 
GLY CA  HA3  sing N N 112 
GLY C   O    doub N N 113 
GLY C   OXT  sing N N 114 
GLY OXT HXT  sing N N 115 
HIS N   CA   sing N N 116 
HIS N   H    sing N N 117 
HIS N   H2   sing N N 118 
HIS CA  C    sing N N 119 
HIS CA  CB   sing N N 120 
HIS CA  HA   sing N N 121 
HIS C   O    doub N N 122 
HIS C   OXT  sing N N 123 
HIS CB  CG   sing N N 124 
HIS CB  HB2  sing N N 125 
HIS CB  HB3  sing N N 126 
HIS CG  ND1  sing Y N 127 
HIS CG  CD2  doub Y N 128 
HIS ND1 CE1  doub Y N 129 
HIS ND1 HD1  sing N N 130 
HIS CD2 NE2  sing Y N 131 
HIS CD2 HD2  sing N N 132 
HIS CE1 NE2  sing Y N 133 
HIS CE1 HE1  sing N N 134 
HIS NE2 HE2  sing N N 135 
HIS OXT HXT  sing N N 136 
HOH O   H1   sing N N 137 
HOH O   H2   sing N N 138 
ILE N   CA   sing N N 139 
ILE N   H    sing N N 140 
ILE N   H2   sing N N 141 
ILE CA  C    sing N N 142 
ILE CA  CB   sing N N 143 
ILE CA  HA   sing N N 144 
ILE C   O    doub N N 145 
ILE C   OXT  sing N N 146 
ILE CB  CG1  sing N N 147 
ILE CB  CG2  sing N N 148 
ILE CB  HB   sing N N 149 
ILE CG1 CD1  sing N N 150 
ILE CG1 HG12 sing N N 151 
ILE CG1 HG13 sing N N 152 
ILE CG2 HG21 sing N N 153 
ILE CG2 HG22 sing N N 154 
ILE CG2 HG23 sing N N 155 
ILE CD1 HD11 sing N N 156 
ILE CD1 HD12 sing N N 157 
ILE CD1 HD13 sing N N 158 
ILE OXT HXT  sing N N 159 
LEU N   CA   sing N N 160 
LEU N   H    sing N N 161 
LEU N   H2   sing N N 162 
LEU CA  C    sing N N 163 
LEU CA  CB   sing N N 164 
LEU CA  HA   sing N N 165 
LEU C   O    doub N N 166 
LEU C   OXT  sing N N 167 
LEU CB  CG   sing N N 168 
LEU CB  HB2  sing N N 169 
LEU CB  HB3  sing N N 170 
LEU CG  CD1  sing N N 171 
LEU CG  CD2  sing N N 172 
LEU CG  HG   sing N N 173 
LEU CD1 HD11 sing N N 174 
LEU CD1 HD12 sing N N 175 
LEU CD1 HD13 sing N N 176 
LEU CD2 HD21 sing N N 177 
LEU CD2 HD22 sing N N 178 
LEU CD2 HD23 sing N N 179 
LEU OXT HXT  sing N N 180 
LYS N   CA   sing N N 181 
LYS N   H    sing N N 182 
LYS N   H2   sing N N 183 
LYS CA  C    sing N N 184 
LYS CA  CB   sing N N 185 
LYS CA  HA   sing N N 186 
LYS C   O    doub N N 187 
LYS C   OXT  sing N N 188 
LYS CB  CG   sing N N 189 
LYS CB  HB2  sing N N 190 
LYS CB  HB3  sing N N 191 
LYS CG  CD   sing N N 192 
LYS CG  HG2  sing N N 193 
LYS CG  HG3  sing N N 194 
LYS CD  CE   sing N N 195 
LYS CD  HD2  sing N N 196 
LYS CD  HD3  sing N N 197 
LYS CE  NZ   sing N N 198 
LYS CE  HE2  sing N N 199 
LYS CE  HE3  sing N N 200 
LYS NZ  HZ1  sing N N 201 
LYS NZ  HZ2  sing N N 202 
LYS NZ  HZ3  sing N N 203 
LYS OXT HXT  sing N N 204 
MET N   CA   sing N N 205 
MET N   H    sing N N 206 
MET N   H2   sing N N 207 
MET CA  C    sing N N 208 
MET CA  CB   sing N N 209 
MET CA  HA   sing N N 210 
MET C   O    doub N N 211 
MET C   OXT  sing N N 212 
MET CB  CG   sing N N 213 
MET CB  HB2  sing N N 214 
MET CB  HB3  sing N N 215 
MET CG  SD   sing N N 216 
MET CG  HG2  sing N N 217 
MET CG  HG3  sing N N 218 
MET SD  CE   sing N N 219 
MET CE  HE1  sing N N 220 
MET CE  HE2  sing N N 221 
MET CE  HE3  sing N N 222 
MET OXT HXT  sing N N 223 
PHE N   CA   sing N N 224 
PHE N   H    sing N N 225 
PHE N   H2   sing N N 226 
PHE CA  C    sing N N 227 
PHE CA  CB   sing N N 228 
PHE CA  HA   sing N N 229 
PHE C   O    doub N N 230 
PHE C   OXT  sing N N 231 
PHE CB  CG   sing N N 232 
PHE CB  HB2  sing N N 233 
PHE CB  HB3  sing N N 234 
PHE CG  CD1  doub Y N 235 
PHE CG  CD2  sing Y N 236 
PHE CD1 CE1  sing Y N 237 
PHE CD1 HD1  sing N N 238 
PHE CD2 CE2  doub Y N 239 
PHE CD2 HD2  sing N N 240 
PHE CE1 CZ   doub Y N 241 
PHE CE1 HE1  sing N N 242 
PHE CE2 CZ   sing Y N 243 
PHE CE2 HE2  sing N N 244 
PHE CZ  HZ   sing N N 245 
PHE OXT HXT  sing N N 246 
PRO N   CA   sing N N 247 
PRO N   CD   sing N N 248 
PRO N   H    sing N N 249 
PRO CA  C    sing N N 250 
PRO CA  CB   sing N N 251 
PRO CA  HA   sing N N 252 
PRO C   O    doub N N 253 
PRO C   OXT  sing N N 254 
PRO CB  CG   sing N N 255 
PRO CB  HB2  sing N N 256 
PRO CB  HB3  sing N N 257 
PRO CG  CD   sing N N 258 
PRO CG  HG2  sing N N 259 
PRO CG  HG3  sing N N 260 
PRO CD  HD2  sing N N 261 
PRO CD  HD3  sing N N 262 
PRO OXT HXT  sing N N 263 
SER N   CA   sing N N 264 
SER N   H    sing N N 265 
SER N   H2   sing N N 266 
SER CA  C    sing N N 267 
SER CA  CB   sing N N 268 
SER CA  HA   sing N N 269 
SER C   O    doub N N 270 
SER C   OXT  sing N N 271 
SER CB  OG   sing N N 272 
SER CB  HB2  sing N N 273 
SER CB  HB3  sing N N 274 
SER OG  HG   sing N N 275 
SER OXT HXT  sing N N 276 
THR N   CA   sing N N 277 
THR N   H    sing N N 278 
THR N   H2   sing N N 279 
THR CA  C    sing N N 280 
THR CA  CB   sing N N 281 
THR CA  HA   sing N N 282 
THR C   O    doub N N 283 
THR C   OXT  sing N N 284 
THR CB  OG1  sing N N 285 
THR CB  CG2  sing N N 286 
THR CB  HB   sing N N 287 
THR OG1 HG1  sing N N 288 
THR CG2 HG21 sing N N 289 
THR CG2 HG22 sing N N 290 
THR CG2 HG23 sing N N 291 
THR OXT HXT  sing N N 292 
TRP N   CA   sing N N 293 
TRP N   H    sing N N 294 
TRP N   H2   sing N N 295 
TRP CA  C    sing N N 296 
TRP CA  CB   sing N N 297 
TRP CA  HA   sing N N 298 
TRP C   O    doub N N 299 
TRP C   OXT  sing N N 300 
TRP CB  CG   sing N N 301 
TRP CB  HB2  sing N N 302 
TRP CB  HB3  sing N N 303 
TRP CG  CD1  doub Y N 304 
TRP CG  CD2  sing Y N 305 
TRP CD1 NE1  sing Y N 306 
TRP CD1 HD1  sing N N 307 
TRP CD2 CE2  doub Y N 308 
TRP CD2 CE3  sing Y N 309 
TRP NE1 CE2  sing Y N 310 
TRP NE1 HE1  sing N N 311 
TRP CE2 CZ2  sing Y N 312 
TRP CE3 CZ3  doub Y N 313 
TRP CE3 HE3  sing N N 314 
TRP CZ2 CH2  doub Y N 315 
TRP CZ2 HZ2  sing N N 316 
TRP CZ3 CH2  sing Y N 317 
TRP CZ3 HZ3  sing N N 318 
TRP CH2 HH2  sing N N 319 
TRP OXT HXT  sing N N 320 
TYR N   CA   sing N N 321 
TYR N   H    sing N N 322 
TYR N   H2   sing N N 323 
TYR CA  C    sing N N 324 
TYR CA  CB   sing N N 325 
TYR CA  HA   sing N N 326 
TYR C   O    doub N N 327 
TYR C   OXT  sing N N 328 
TYR CB  CG   sing N N 329 
TYR CB  HB2  sing N N 330 
TYR CB  HB3  sing N N 331 
TYR CG  CD1  doub Y N 332 
TYR CG  CD2  sing Y N 333 
TYR CD1 CE1  sing Y N 334 
TYR CD1 HD1  sing N N 335 
TYR CD2 CE2  doub Y N 336 
TYR CD2 HD2  sing N N 337 
TYR CE1 CZ   doub Y N 338 
TYR CE1 HE1  sing N N 339 
TYR CE2 CZ   sing Y N 340 
TYR CE2 HE2  sing N N 341 
TYR CZ  OH   sing N N 342 
TYR OH  HH   sing N N 343 
TYR OXT HXT  sing N N 344 
VAL N   CA   sing N N 345 
VAL N   H    sing N N 346 
VAL N   H2   sing N N 347 
VAL CA  C    sing N N 348 
VAL CA  CB   sing N N 349 
VAL CA  HA   sing N N 350 
VAL C   O    doub N N 351 
VAL C   OXT  sing N N 352 
VAL CB  CG1  sing N N 353 
VAL CB  CG2  sing N N 354 
VAL CB  HB   sing N N 355 
VAL CG1 HG11 sing N N 356 
VAL CG1 HG12 sing N N 357 
VAL CG1 HG13 sing N N 358 
VAL CG2 HG21 sing N N 359 
VAL CG2 HG22 sing N N 360 
VAL CG2 HG23 sing N N 361 
VAL OXT HXT  sing N N 362 
# 
_atom_sites.entry_id                    1Z21 
_atom_sites.fract_transf_matrix[1][1]   -0.00398378 
_atom_sites.fract_transf_matrix[1][2]   0.00815745 
_atom_sites.fract_transf_matrix[1][3]   -0.00733946 
_atom_sites.fract_transf_matrix[2][1]   0.00693537 
_atom_sites.fract_transf_matrix[2][2]   -0.00417916 
_atom_sites.fract_transf_matrix[2][3]   -0.00840937 
_atom_sites.fract_transf_matrix[3][1]   -0.00850367 
_atom_sites.fract_transf_matrix[3][2]   -0.00723000 
_atom_sites.fract_transf_matrix[3][3]   -0.00342009 
_atom_sites.fract_transf_vector[1]      -0.051410 
_atom_sites.fract_transf_vector[2]      -0.199759 
_atom_sites.fract_transf_vector[3]      0.099355 
# 
loop_
_atom_type.symbol 
C 
N 
O 
S 
# 
loop_
_atom_site.group_PDB 
_atom_site.id 
_atom_site.type_symbol 
_atom_site.label_atom_id 
_atom_site.label_alt_id 
_atom_site.label_comp_id 
_atom_site.label_asym_id 
_atom_site.label_entity_id 
_atom_site.label_seq_id 
_atom_site.pdbx_PDB_ins_code 
_atom_site.Cartn_x 
_atom_site.Cartn_y 
_atom_site.Cartn_z 
_atom_site.occupancy 
_atom_site.B_iso_or_equiv 
_atom_site.pdbx_formal_charge 
_atom_site.auth_seq_id 
_atom_site.auth_comp_id 
_atom_site.auth_asym_id 
_atom_site.auth_atom_id 
_atom_site.pdbx_PDB_model_num 
ATOM   1   N N   . SER A 1 5   ? 1.945   4.882   -20.954 1.00 34.75  ? 42  SER A N   1 
ATOM   2   C CA  . SER A 1 5   ? 1.392   3.670   -20.282 1.00 34.42  ? 42  SER A CA  1 
ATOM   3   C C   . SER A 1 5   ? 0.923   4.001   -18.857 1.00 33.71  ? 42  SER A C   1 
ATOM   4   O O   . SER A 1 5   ? 1.051   5.137   -18.388 1.00 33.96  ? 42  SER A O   1 
ATOM   5   C CB  . SER A 1 5   ? 2.435   2.544   -20.273 1.00 34.45  ? 42  SER A CB  1 
ATOM   6   O OG  . SER A 1 5   ? 3.578   2.888   -19.496 1.00 35.83  ? 42  SER A OG  1 
ATOM   7   N N   . ALA A 1 6   ? 0.356   3.010   -18.177 1.00 32.62  ? 43  ALA A N   1 
ATOM   8   C CA  . ALA A 1 6   ? -0.094  3.188   -16.798 1.00 31.50  ? 43  ALA A CA  1 
ATOM   9   C C   . ALA A 1 6   ? 1.107   3.399   -15.874 1.00 30.33  ? 43  ALA A C   1 
ATOM   10  O O   . ALA A 1 6   ? 1.033   4.147   -14.899 1.00 29.52  ? 43  ALA A O   1 
ATOM   11  C CB  . ALA A 1 6   ? -0.913  1.982   -16.353 1.00 31.68  ? 43  ALA A CB  1 
ATOM   12  N N   . GLU A 1 7   ? 2.216   2.737   -16.199 1.00 29.38  ? 44  GLU A N   1 
ATOM   13  C CA  . GLU A 1 7   ? 3.460   2.874   -15.451 1.00 28.64  ? 44  GLU A CA  1 
ATOM   14  C C   . GLU A 1 7   ? 4.020   4.295   -15.542 1.00 27.95  ? 44  GLU A C   1 
ATOM   15  O O   . GLU A 1 7   ? 4.465   4.852   -14.549 1.00 27.38  ? 44  GLU A O   1 
ATOM   16  C CB  . GLU A 1 7   ? 4.497   1.865   -15.947 1.00 28.88  ? 44  GLU A CB  1 
ATOM   17  C CG  . GLU A 1 7   ? 4.067   0.415   -15.809 0.00 40.74  ? 44  GLU A CG  1 
ATOM   18  C CD  . GLU A 1 7   ? 5.118   -0.556  -16.310 1.00 87.71  ? 44  GLU A CD  1 
ATOM   19  O OE1 . GLU A 1 7   ? 6.185   -0.092  -16.766 1.00 87.55  ? 44  GLU A OE1 1 
ATOM   20  O OE2 . GLU A 1 7   ? 4.877   -1.779  -16.247 1.00 87.74  ? 44  GLU A OE2 1 
ATOM   21  N N   . LYS A 1 8   ? 3.981   4.882   -16.736 1.00 27.23  ? 45  LYS A N   1 
ATOM   22  C CA  . LYS A 1 8   ? 4.471   6.246   -16.942 1.00 26.61  ? 45  LYS A CA  1 
ATOM   23  C C   . LYS A 1 8   ? 3.647   7.272   -16.157 1.00 25.63  ? 45  LYS A C   1 
ATOM   24  O O   . LYS A 1 8   ? 4.207   8.142   -15.503 1.00 25.05  ? 45  LYS A O   1 
ATOM   25  C CB  . LYS A 1 8   ? 4.468   6.597   -18.431 1.00 26.81  ? 45  LYS A CB  1 
ATOM   26  C CG  . LYS A 1 8   ? 5.340   5.691   -19.284 0.00 38.71  ? 45  LYS A CG  1 
ATOM   27  C CD  . LYS A 1 8   ? 5.487   6.236   -20.696 0.00 47.41  ? 45  LYS A CD  1 
ATOM   28  C CE  . LYS A 1 8   ? 6.359   5.330   -21.549 1.00 58.32  ? 45  LYS A CE  1 
ATOM   29  N NZ  . LYS A 1 8   ? 6.512   5.852   -22.936 1.00 58.20  ? 45  LYS A NZ  1 
ATOM   30  N N   . THR A 1 9   ? 2.325   7.149   -16.193 1.00 25.21  ? 46  THR A N   1 
ATOM   31  C CA  . THR A 1 9   ? 1.441   8.028   -15.428 1.00 24.80  ? 46  THR A CA  1 
ATOM   32  C C   . THR A 1 9   ? 1.715   7.915   -13.927 1.00 23.57  ? 46  THR A C   1 
ATOM   33  O O   . THR A 1 9   ? 1.777   8.914   -13.210 1.00 23.29  ? 46  THR A O   1 
ATOM   34  C CB  . THR A 1 9   ? -0.043  7.680   -15.693 1.00 25.66  ? 46  THR A CB  1 
ATOM   35  O OG1 . THR A 1 9   ? -0.393  7.961   -17.051 1.00 27.27  ? 46  THR A OG1 1 
ATOM   36  C CG2 . THR A 1 9   ? -0.959  8.572   -14.914 1.00 25.97  ? 46  THR A CG2 1 
ATOM   37  N N   . ARG A 1 10  ? 1.857   6.689   -13.446 1.00 22.08  ? 47  ARG A N   1 
ATOM   38  C CA  . ARG A 1 10  ? 2.120   6.483   -12.037 1.00 20.88  ? 47  ARG A CA  1 
ATOM   39  C C   . ARG A 1 10  ? 3.454   7.101   -11.637 1.00 20.45  ? 47  ARG A C   1 
ATOM   40  O O   . ARG A 1 10  ? 3.607   7.569   -10.512 1.00 19.61  ? 47  ARG A O   1 
ATOM   41  C CB  . ARG A 1 10  ? 2.110   4.996   -11.696 1.00 20.47  ? 47  ARG A CB  1 
ATOM   42  C CG  . ARG A 1 10  ? 2.192   4.709   -10.227 1.00 19.63  ? 47  ARG A CG  1 
ATOM   43  C CD  . ARG A 1 10  ? 1.749   3.291   -9.879  1.00 18.55  ? 47  ARG A CD  1 
ATOM   44  N NE  . ARG A 1 10  ? 1.830   3.042   -8.456  1.00 16.08  ? 47  ARG A NE  1 
ATOM   45  C CZ  . ARG A 1 10  ? 0.890   3.404   -7.601  1.00 16.53  ? 47  ARG A CZ  1 
ATOM   46  N NH1 . ARG A 1 10  ? -0.276  3.547   -7.854  0.00 44.54  ? 47  ARG A NH1 1 
ATOM   47  N NH2 . ARG A 1 10  ? 1.066   3.193   -6.307  1.00 17.10  ? 47  ARG A NH2 1 
ATOM   48  N N   . GLU A 1 11  ? 4.422   7.103   -12.547 1.00 20.30  ? 48  GLU A N   1 
ATOM   49  C CA  . GLU A 1 11  ? 5.714   7.718   -12.255 1.00 20.65  ? 48  GLU A CA  1 
ATOM   50  C C   . GLU A 1 11  ? 5.576   9.247   -12.149 1.00 19.78  ? 48  GLU A C   1 
ATOM   51  O O   . GLU A 1 11  ? 6.233   9.862   -11.318 1.00 19.66  ? 48  GLU A O   1 
ATOM   52  C CB  . GLU A 1 11  ? 6.783   7.318   -13.278 1.00 21.48  ? 48  GLU A CB  1 
ATOM   53  C CG  . GLU A 1 11  ? 8.207   7.699   -12.875 1.00 23.97  ? 48  GLU A CG  1 
ATOM   54  C CD  . GLU A 1 11  ? 8.641   7.110   -11.542 1.00 27.30  ? 48  GLU A CD  1 
ATOM   55  O OE1 . GLU A 1 11  ? 8.235   5.968   -11.230 1.00 27.05  ? 48  GLU A OE1 1 
ATOM   56  O OE2 . GLU A 1 11  ? 9.394   7.795   -10.808 1.00 30.84  ? 48  GLU A OE2 1 
ATOM   57  N N   . VAL A 1 12  ? 4.707   9.861   -12.948 1.00 18.82  ? 49  VAL A N   1 
ATOM   58  C CA  . VAL A 1 12  ? 4.448   11.301  -12.791 1.00 18.12  ? 49  VAL A CA  1 
ATOM   59  C C   . VAL A 1 12  ? 3.922   11.606  -11.383 1.00 17.49  ? 49  VAL A C   1 
ATOM   60  O O   . VAL A 1 12  ? 4.296   12.609  -10.768 1.00 17.73  ? 49  VAL A O   1 
ATOM   61  C CB  . VAL A 1 12  ? 3.465   11.854  -13.851 1.00 17.97  ? 49  VAL A CB  1 
ATOM   62  C CG1 . VAL A 1 12  ? 3.179   13.347  -13.603 1.00 18.18  ? 49  VAL A CG1 1 
ATOM   63  C CG2 . VAL A 1 12  ? 4.022   11.639  -15.260 1.00 18.60  ? 49  VAL A CG2 1 
ATOM   64  N N   . LEU A 1 13  ? 3.067   10.731  -10.862 1.00 16.92  ? 50  LEU A N   1 
ATOM   65  C CA  . LEU A 1 13  ? 2.547   10.877  -9.511  1.00 16.16  ? 50  LEU A CA  1 
ATOM   66  C C   . LEU A 1 13  ? 3.682   10.839  -8.493  1.00 16.03  ? 50  LEU A C   1 
ATOM   67  O O   . LEU A 1 13  ? 3.743   11.668  -7.593  1.00 15.17  ? 50  LEU A O   1 
ATOM   68  C CB  . LEU A 1 13  ? 1.519   9.786   -9.193  1.00 16.28  ? 50  LEU A CB  1 
ATOM   69  C CG  . LEU A 1 13  ? 0.108   10.018  -9.722  1.00 16.86  ? 50  LEU A CG  1 
ATOM   70  C CD1 . LEU A 1 13  ? -0.697  8.728   -9.780  1.00 17.21  ? 50  LEU A CD1 1 
ATOM   71  C CD2 . LEU A 1 13  ? -0.609  11.043  -8.877  1.00 17.49  ? 50  LEU A CD2 1 
ATOM   72  N N   . TRP A 1 14  ? 4.580   9.866   -8.628  1.00 16.92  ? 51  TRP A N   1 
ATOM   73  C CA  . TRP A 1 14  ? 5.668   9.732   -7.670  1.00 16.86  ? 51  TRP A CA  1 
ATOM   74  C C   . TRP A 1 14  ? 6.595   10.943  -7.762  1.00 17.53  ? 51  TRP A C   1 
ATOM   75  O O   . TRP A 1 14  ? 7.098   11.406  -6.742  1.00 17.75  ? 51  TRP A O   1 
ATOM   76  C CB  . TRP A 1 14  ? 6.433   8.425   -7.865  1.00 16.83  ? 51  TRP A CB  1 
ATOM   77  C CG  . TRP A 1 14  ? 5.772   7.229   -7.225  1.00 15.42  ? 51  TRP A CG  1 
ATOM   78  C CD1 . TRP A 1 14  ? 5.277   6.123   -7.864  1.00 14.04  ? 51  TRP A CD1 1 
ATOM   79  C CD2 . TRP A 1 14  ? 5.548   7.010   -5.826  1.00 14.86  ? 51  TRP A CD2 1 
ATOM   80  N NE1 . TRP A 1 14  ? 4.761   5.240   -6.949  1.00 13.81  ? 51  TRP A NE1 1 
ATOM   81  C CE2 . TRP A 1 14  ? 4.904   5.761   -5.692  1.00 13.13  ? 51  TRP A CE2 1 
ATOM   82  C CE3 . TRP A 1 14  ? 5.813   7.753   -4.665  1.00 14.70  ? 51  TRP A CE3 1 
ATOM   83  C CZ2 . TRP A 1 14  ? 4.542   5.230   -4.454  1.00 14.19  ? 51  TRP A CZ2 1 
ATOM   84  C CZ3 . TRP A 1 14  ? 5.447   7.223   -3.421  1.00 15.55  ? 51  TRP A CZ3 1 
ATOM   85  C CH2 . TRP A 1 14  ? 4.815   5.974   -3.330  1.00 14.13  ? 51  TRP A CH2 1 
ATOM   86  N N   . GLN A 1 15  ? 6.798   11.451  -8.976  1.00 18.07  ? 52  GLN A N   1 
ATOM   87  C CA  . GLN A 1 15  ? 7.609   12.648  -9.199  1.00 18.87  ? 52  GLN A CA  1 
ATOM   88  C C   . GLN A 1 15  ? 7.069   13.806  -8.393  1.00 18.45  ? 52  GLN A C   1 
ATOM   89  O O   . GLN A 1 15  ? 7.830   14.481  -7.695  1.00 18.56  ? 52  GLN A O   1 
ATOM   90  C CB  . GLN A 1 15  ? 7.644   13.036  -10.683 1.00 19.34  ? 52  GLN A CB  1 
ATOM   91  C CG  . GLN A 1 15  ? 8.566   12.183  -11.547 1.00 21.55  ? 52  GLN A CG  1 
ATOM   92  C CD  . GLN A 1 15  ? 8.296   12.364  -13.034 1.00 24.25  ? 52  GLN A CD  1 
ATOM   93  O OE1 . GLN A 1 15  ? 7.746   13.393  -13.451 1.00 26.02  ? 52  GLN A OE1 1 
ATOM   94  N NE2 . GLN A 1 15  ? 8.661   11.363  -13.836 1.00 27.29  ? 52  GLN A NE2 1 
ATOM   95  N N   . GLN A 1 16  ? 5.762   14.031  -8.489  1.00 18.31  ? 53  GLN A N   1 
ATOM   96  C CA  . GLN A 1 16  ? 5.124   15.131  -7.781  1.00 18.47  ? 53  GLN A CA  1 
ATOM   97  C C   . GLN A 1 16  ? 5.103   14.890  -6.282  1.00 18.58  ? 53  GLN A C   1 
ATOM   98  O O   . GLN A 1 16  ? 5.255   15.830  -5.503  1.00 18.97  ? 53  GLN A O   1 
ATOM   99  C CB  . GLN A 1 16  ? 3.701   15.399  -8.292  1.00 18.89  ? 53  GLN A CB  1 
ATOM   100 C CG  . GLN A 1 16  ? 3.627   16.113  -9.632  1.00 20.27  ? 53  GLN A CG  1 
ATOM   101 C CD  . GLN A 1 16  ? 4.382   17.434  -9.663  1.00 20.90  ? 53  GLN A CD  1 
ATOM   102 O OE1 . GLN A 1 16  ? 4.063   18.350  -8.900  1.00 22.67  ? 53  GLN A OE1 1 
ATOM   103 N NE2 . GLN A 1 16  ? 5.386   17.527  -10.538 1.00 24.46  ? 53  GLN A NE2 1 
ATOM   104 N N   . TYR A 1 17  ? 4.929   13.639  -5.866  1.00 17.37  ? 54  TYR A N   1 
ATOM   105 C CA  . TYR A 1 17  ? 4.919   13.348  -4.440  1.00 17.66  ? 54  TYR A CA  1 
ATOM   106 C C   . TYR A 1 17  ? 6.273   13.683  -3.807  1.00 18.18  ? 54  TYR A C   1 
ATOM   107 O O   . TYR A 1 17  ? 6.322   14.406  -2.820  1.00 18.33  ? 54  TYR A O   1 
ATOM   108 C CB  . TYR A 1 17  ? 4.567   11.888  -4.159  1.00 16.88  ? 54  TYR A CB  1 
ATOM   109 C CG  . TYR A 1 17  ? 4.710   11.547  -2.703  1.00 15.95  ? 54  TYR A CG  1 
ATOM   110 C CD1 . TYR A 1 17  ? 3.796   12.016  -1.773  1.00 15.82  ? 54  TYR A CD1 1 
ATOM   111 C CD2 . TYR A 1 17  ? 5.782   10.782  -2.245  1.00 16.27  ? 54  TYR A CD2 1 
ATOM   112 C CE1 . TYR A 1 17  ? 3.945   11.726  -0.419  1.00 16.71  ? 54  TYR A CE1 1 
ATOM   113 C CE2 . TYR A 1 17  ? 5.935   10.498  -0.902  1.00 16.75  ? 54  TYR A CE2 1 
ATOM   114 C CZ  . TYR A 1 17  ? 5.015   10.974  -0.002  1.00 18.24  ? 54  TYR A CZ  1 
ATOM   115 O OH  . TYR A 1 17  ? 5.162   10.683  1.327   1.00 21.60  ? 54  TYR A OH  1 
ATOM   116 N N   . TYR A 1 18  ? 7.358   13.165  -4.372  1.00 19.30  ? 55  TYR A N   1 
ATOM   117 C CA  . TYR A 1 18  ? 8.685   13.293  -3.753  1.00 20.52  ? 55  TYR A CA  1 
ATOM   118 C C   . TYR A 1 18  ? 9.246   14.709  -3.844  1.00 21.10  ? 55  TYR A C   1 
ATOM   119 O O   . TYR A 1 18  ? 9.991   15.138  -2.967  1.00 21.45  ? 55  TYR A O   1 
ATOM   120 C CB  . TYR A 1 18  ? 9.682   12.308  -4.371  1.00 20.92  ? 55  TYR A CB  1 
ATOM   121 C CG  . TYR A 1 18  ? 9.537   10.892  -3.843  1.00 22.63  ? 55  TYR A CG  1 
ATOM   122 C CD1 . TYR A 1 18  ? 9.568   10.628  -2.481  1.00 24.22  ? 55  TYR A CD1 1 
ATOM   123 C CD2 . TYR A 1 18  ? 9.352   9.822   -4.714  1.00 25.14  ? 55  TYR A CD2 1 
ATOM   124 C CE1 . TYR A 1 18  ? 9.413   9.333   -1.992  1.00 25.43  ? 55  TYR A CE1 1 
ATOM   125 C CE2 . TYR A 1 18  ? 9.207   8.526   -4.240  1.00 25.61  ? 55  TYR A CE2 1 
ATOM   126 C CZ  . TYR A 1 18  ? 9.232   8.283   -2.885  1.00 26.00  ? 55  TYR A CZ  1 
ATOM   127 O OH  . TYR A 1 18  ? 9.093   6.993   -2.417  1.00 28.43  ? 55  TYR A OH  1 
ATOM   128 N N   . ALA A 1 19  ? 8.887   15.423  -4.901  1.00 21.60  ? 56  ALA A N   1 
ATOM   129 C CA  . ALA A 1 19  ? 9.295   16.818  -5.056  1.00 22.00  ? 56  ALA A CA  1 
ATOM   130 C C   . ALA A 1 19  ? 8.637   17.674  -3.978  1.00 22.16  ? 56  ALA A C   1 
ATOM   131 O O   . ALA A 1 19  ? 9.301   18.543  -3.379  1.00 23.00  ? 56  ALA A O   1 
ATOM   132 C CB  . ALA A 1 19  ? 8.905   17.333  -6.435  1.00 21.88  ? 56  ALA A CB  1 
ATOM   133 N N   . SER A 1 20  ? 7.357   17.387  -3.714  1.00 21.50  ? 57  SER A N   1 
ATOM   134 C CA  . SER A 1 20  ? 6.509   18.205  -2.862  1.00 20.86  ? 57  SER A CA  1 
ATOM   135 C C   . SER A 1 20  ? 7.133   18.403  -1.502  1.00 20.90  ? 57  SER A C   1 
ATOM   136 O O   . SER A 1 20  ? 7.821   17.538  -0.990  1.00 20.14  ? 57  SER A O   1 
ATOM   137 C CB  . SER A 1 20  ? 5.105   17.609  -2.712  1.00 20.86  ? 57  SER A CB  1 
ATOM   138 O OG  . SER A 1 20  ? 5.127   16.390  -1.989  1.00 18.82  ? 57  SER A OG  1 
ATOM   139 N N   . ASN A 1 21  ? 6.873   19.571  -0.928  1.00 21.28  ? 58  ASN A N   1 
ATOM   140 C CA  . ASN A 1 21  ? 7.394   19.945  0.379   1.00 21.33  ? 58  ASN A CA  1 
ATOM   141 C C   . ASN A 1 21  ? 6.450   20.951  1.004   1.00 20.83  ? 58  ASN A C   1 
ATOM   142 O O   . ASN A 1 21  ? 6.323   22.060  0.486   1.00 20.75  ? 58  ASN A O   1 
ATOM   143 C CB  . ASN A 1 21  ? 8.768   20.587  0.243   1.00 22.01  ? 58  ASN A CB  1 
ATOM   144 C CG  . ASN A 1 21  ? 9.313   21.067  1.562   1.00 23.04  ? 58  ASN A CG  1 
ATOM   145 O OD1 . ASN A 1 21  ? 9.489   22.275  1.771   1.00 26.16  ? 58  ASN A OD1 1 
ATOM   146 N ND2 . ASN A 1 21  ? 9.578   20.134  2.467   1.00 24.30  ? 58  ASN A ND2 1 
ATOM   147 N N   . PRO A 1 22  ? 5.761   20.592  2.086   1.00 19.99  ? 59  PRO A N   1 
ATOM   148 C CA  . PRO A 1 22  ? 5.832   19.275  2.731   1.00 19.50  ? 59  PRO A CA  1 
ATOM   149 C C   . PRO A 1 22  ? 5.226   18.188  1.847   1.00 19.07  ? 59  PRO A C   1 
ATOM   150 O O   . PRO A 1 22  ? 4.563   18.514  0.849   1.00 18.65  ? 59  PRO A O   1 
ATOM   151 C CB  . PRO A 1 22  ? 4.976   19.465  3.987   1.00 19.73  ? 59  PRO A CB  1 
ATOM   152 C CG  . PRO A 1 22  ? 4.048   20.541  3.637   1.00 20.65  ? 59  PRO A CG  1 
ATOM   153 C CD  . PRO A 1 22  ? 4.801   21.489  2.754   1.00 20.06  ? 59  PRO A CD  1 
ATOM   154 N N   . PRO A 1 23  ? 5.467   16.923  2.166   1.00 18.52  ? 60  PRO A N   1 
ATOM   155 C CA  . PRO A 1 23  ? 4.909   15.826  1.375   1.00 18.60  ? 60  PRO A CA  1 
ATOM   156 C C   . PRO A 1 23  ? 3.383   15.936  1.195   1.00 18.80  ? 60  PRO A C   1 
ATOM   157 O O   . PRO A 1 23  ? 2.646   16.118  2.165   1.00 19.29  ? 60  PRO A O   1 
ATOM   158 C CB  . PRO A 1 23  ? 5.296   14.581  2.177   1.00 18.60  ? 60  PRO A CB  1 
ATOM   159 C CG  . PRO A 1 23  ? 6.495   14.978  2.940   1.00 18.49  ? 60  PRO A CG  1 
ATOM   160 C CD  . PRO A 1 23  ? 6.327   16.428  3.250   1.00 19.06  ? 60  PRO A CD  1 
ATOM   161 N N   . ASP A 1 24  ? 2.941   15.848  -0.050  1.00 19.01  ? 61  ASP A N   1 
ATOM   162 C CA  . ASP A 1 24  ? 1.558   16.091  -0.400  1.00 19.43  ? 61  ASP A CA  1 
ATOM   163 C C   . ASP A 1 24  ? 0.751   14.793  -0.314  1.00 18.88  ? 61  ASP A C   1 
ATOM   164 O O   . ASP A 1 24  ? 0.904   13.908  -1.140  1.00 18.86  ? 61  ASP A O   1 
ATOM   165 C CB  . ASP A 1 24  ? 1.494   16.659  -1.821  1.00 19.75  ? 61  ASP A CB  1 
ATOM   166 C CG  . ASP A 1 24  ? 0.126   17.169  -2.180  1.00 22.04  ? 61  ASP A CG  1 
ATOM   167 O OD1 . ASP A 1 24  ? -0.857  16.491  -1.867  1.00 25.61  ? 61  ASP A OD1 1 
ATOM   168 O OD2 . ASP A 1 24  ? -0.063  18.243  -2.769  1.00 22.63  ? 61  ASP A OD2 1 
ATOM   169 N N   . HIS A 1 25  ? -0.108  14.694  0.688   1.00 19.11  ? 62  HIS A N   1 
ATOM   170 C CA  . HIS A 1 25  ? -0.872  13.469  0.917   1.00 19.54  ? 62  HIS A CA  1 
ATOM   171 C C   . HIS A 1 25  ? -2.001  13.250  -0.064  1.00 19.03  ? 62  HIS A C   1 
ATOM   172 O O   . HIS A 1 25  ? -2.488  12.135  -0.198  1.00 18.75  ? 62  HIS A O   1 
ATOM   173 C CB  . HIS A 1 25  ? -1.440  13.446  2.330   1.00 20.47  ? 62  HIS A CB  1 
ATOM   174 C CG  . HIS A 1 25  ? -0.392  13.481  3.388   1.00 23.80  ? 62  HIS A CG  1 
ATOM   175 N ND1 . HIS A 1 25  ? 0.848   12.912  3.215   1.00 28.21  ? 62  HIS A ND1 1 
ATOM   176 C CD2 . HIS A 1 25  ? -0.394  14.022  4.625   1.00 28.13  ? 62  HIS A CD2 1 
ATOM   177 C CE1 . HIS A 1 25  ? 1.567   13.101  4.306   1.00 28.33  ? 62  HIS A CE1 1 
ATOM   178 N NE2 . HIS A 1 25  ? 0.838   13.776  5.175   1.00 27.30  ? 62  HIS A NE2 1 
ATOM   179 N N   . ALA A 1 26  ? -2.459  14.309  -0.720  1.00 18.16  ? 63  ALA A N   1 
ATOM   180 C CA  . ALA A 1 26  ? -3.490  14.157  -1.733  1.00 17.63  ? 63  ALA A CA  1 
ATOM   181 C C   . ALA A 1 26  ? -2.920  13.394  -2.917  1.00 17.02  ? 63  ALA A C   1 
ATOM   182 O O   . ALA A 1 26  ? -3.581  12.531  -3.480  1.00 16.67  ? 63  ALA A O   1 
ATOM   183 C CB  . ALA A 1 26  ? -4.031  15.513  -2.160  1.00 18.05  ? 63  ALA A CB  1 
ATOM   184 N N   . VAL A 1 27  ? -1.664  13.672  -3.256  1.00 16.14  ? 64  VAL A N   1 
ATOM   185 C CA  . VAL A 1 27  ? -0.995  12.970  -4.336  1.00 15.35  ? 64  VAL A CA  1 
ATOM   186 C C   . VAL A 1 27  ? -0.775  11.517  -3.927  1.00 14.82  ? 64  VAL A C   1 
ATOM   187 O O   . VAL A 1 27  ? -1.008  10.598  -4.701  1.00 14.36  ? 64  VAL A O   1 
ATOM   188 C CB  . VAL A 1 27  ? 0.341   13.641  -4.699  1.00 15.84  ? 64  VAL A CB  1 
ATOM   189 C CG1 . VAL A 1 27  ? 1.080   12.822  -5.739  1.00 16.45  ? 64  VAL A CG1 1 
ATOM   190 C CG2 . VAL A 1 27  ? 0.090   15.067  -5.221  1.00 15.22  ? 64  VAL A CG2 1 
ATOM   191 N N   . LEU A 1 28  ? -0.331  11.320  -2.694  1.00 14.99  ? 65  LEU A N   1 
ATOM   192 C CA  . LEU A 1 28  ? -0.115  9.971   -2.192  1.00 14.73  ? 65  LEU A CA  1 
ATOM   193 C C   . LEU A 1 28  ? -1.427  9.175   -2.123  1.00 14.67  ? 65  LEU A C   1 
ATOM   194 O O   . LEU A 1 28  ? -1.439  7.974   -2.370  1.00 14.47  ? 65  LEU A O   1 
ATOM   195 C CB  . LEU A 1 28  ? 0.581   10.026  -0.835  1.00 14.92  ? 65  LEU A CB  1 
ATOM   196 C CG  . LEU A 1 28  ? 1.068   8.691   -0.266  1.00 14.07  ? 65  LEU A CG  1 
ATOM   197 C CD1 . LEU A 1 28  ? 2.059   8.010   -1.187  1.00 15.71  ? 65  LEU A CD1 1 
ATOM   198 C CD2 . LEU A 1 28  ? 1.684   8.936   1.094   1.00 14.94  ? 65  LEU A CD2 1 
ATOM   199 N N   . GLU A 1 29  ? -2.535  9.843   -1.824  1.00 15.00  ? 66  GLU A N   1 
ATOM   200 C CA  . GLU A 1 29  ? -3.839  9.180   -1.810  1.00 15.66  ? 66  GLU A CA  1 
ATOM   201 C C   . GLU A 1 29  ? -4.236  8.706   -3.212  1.00 15.66  ? 66  GLU A C   1 
ATOM   202 O O   . GLU A 1 29  ? -4.741  7.594   -3.393  1.00 15.56  ? 66  GLU A O   1 
ATOM   203 C CB  . GLU A 1 29  ? -4.899  10.116  -1.213  1.00 16.20  ? 66  GLU A CB  1 
ATOM   204 C CG  . GLU A 1 29  ? -6.338  9.636   -1.346  1.00 17.29  ? 66  GLU A CG  1 
ATOM   205 C CD  . GLU A 1 29  ? -6.604  8.337   -0.620  1.00 19.24  ? 66  GLU A CD  1 
ATOM   206 O OE1 . GLU A 1 29  ? -5.804  7.958   0.269   1.00 18.63  ? 66  GLU A OE1 1 
ATOM   207 O OE2 . GLU A 1 29  ? -7.616  7.695   -0.946  1.00 18.59  ? 66  GLU A OE2 1 
ATOM   208 N N   . VAL A 1 30  ? -3.999  9.529   -4.228  1.00 15.85  ? 67  VAL A N   1 
ATOM   209 C CA  . VAL A 1 30  ? -4.194  9.049   -5.601  1.00 15.61  ? 67  VAL A CA  1 
ATOM   210 C C   . VAL A 1 30  ? -3.349  7.785   -5.879  1.00 15.63  ? 67  VAL A C   1 
ATOM   211 O O   . VAL A 1 30  ? -3.850  6.777   -6.403  1.00 15.51  ? 67  VAL A O   1 
ATOM   212 C CB  . VAL A 1 30  ? -3.873  10.154  -6.653  1.00 16.05  ? 67  VAL A CB  1 
ATOM   213 C CG1 . VAL A 1 30  ? -4.108  9.618   -8.052  1.00 16.28  ? 67  VAL A CG1 1 
ATOM   214 C CG2 . VAL A 1 30  ? -4.732  11.381  -6.422  1.00 16.55  ? 67  VAL A CG2 1 
ATOM   215 N N   . LEU A 1 31  ? -2.071  7.826   -5.501  1.00 15.19  ? 68  LEU A N   1 
ATOM   216 C CA  . LEU A 1 31  ? -1.180  6.670   -5.660  1.00 14.81  ? 68  LEU A CA  1 
ATOM   217 C C   . LEU A 1 31  ? -1.713  5.434   -4.937  1.00 14.60  ? 68  LEU A C   1 
ATOM   218 O O   . LEU A 1 31  ? -1.643  4.318   -5.463  1.00 13.66  ? 68  LEU A O   1 
ATOM   219 C CB  . LEU A 1 31  ? 0.215   7.005   -5.145  1.00 14.02  ? 68  LEU A CB  1 
ATOM   220 C CG  . LEU A 1 31  ? 1.117   7.763   -6.139  1.00 12.93  ? 68  LEU A CG  1 
ATOM   221 C CD1 . LEU A 1 31  ? 2.296   8.462   -5.448  1.00 12.94  ? 68  LEU A CD1 1 
ATOM   222 C CD2 . LEU A 1 31  ? 1.624   6.835   -7.196  1.00 13.55  ? 68  LEU A CD2 1 
ATOM   223 N N   . ALA A 1 32  ? -2.256  5.645   -3.748  1.00 14.83  ? 69  ALA A N   1 
ATOM   224 C CA  . ALA A 1 32  ? -2.676  4.541   -2.882  1.00 15.33  ? 69  ALA A CA  1 
ATOM   225 C C   . ALA A 1 32  ? -4.015  3.959   -3.288  1.00 15.81  ? 69  ALA A C   1 
ATOM   226 O O   . ALA A 1 32  ? -4.342  2.850   -2.900  1.00 15.29  ? 69  ALA A O   1 
ATOM   227 C CB  . ALA A 1 32  ? -2.740  4.998   -1.447  1.00 15.67  ? 69  ALA A CB  1 
ATOM   228 N N   . THR A 1 33  ? -4.773  4.699   -4.090  1.00 16.07  ? 70  THR A N   1 
ATOM   229 C CA  . THR A 1 33  ? -6.144  4.326   -4.403  1.00 17.10  ? 70  THR A CA  1 
ATOM   230 C C   . THR A 1 33  ? -6.262  2.934   -5.020  1.00 16.89  ? 70  THR A C   1 
ATOM   231 O O   . THR A 1 33  ? -6.938  2.102   -4.432  1.00 17.47  ? 70  THR A O   1 
ATOM   232 C CB  . THR A 1 33  ? -6.829  5.414   -5.275  1.00 16.72  ? 70  THR A CB  1 
ATOM   233 O OG1 . THR A 1 33  ? -7.074  6.565   -4.463  1.00 17.49  ? 70  THR A OG1 1 
ATOM   234 C CG2 . THR A 1 33  ? -8.212  4.960   -5.736  1.00 17.68  ? 70  THR A CG2 1 
ATOM   235 N N   . PRO A 1 34  ? -5.625  2.653   -6.164  1.00 17.86  ? 71  PRO A N   1 
ATOM   236 C CA  . PRO A 1 34  ? -5.743  1.323   -6.767  1.00 17.70  ? 71  PRO A CA  1 
ATOM   237 C C   . PRO A 1 34  ? -5.158  0.217   -5.880  1.00 17.71  ? 71  PRO A C   1 
ATOM   238 O O   . PRO A 1 34  ? -5.612  -0.924  -5.967  1.00 17.73  ? 71  PRO A O   1 
ATOM   239 C CB  . PRO A 1 34  ? -4.950  1.449   -8.075  1.00 18.22  ? 71  PRO A CB  1 
ATOM   240 C CG  . PRO A 1 34  ? -4.016  2.571   -7.848  1.00 18.06  ? 71  PRO A CG  1 
ATOM   241 C CD  . PRO A 1 34  ? -4.756  3.524   -6.974  1.00 17.53  ? 71  PRO A CD  1 
ATOM   242 N N   . VAL A 1 35  ? -4.185  0.555   -5.034  1.00 16.86  ? 72  VAL A N   1 
ATOM   243 C CA  . VAL A 1 35  ? -3.553  -0.450  -4.187  1.00 16.71  ? 72  VAL A CA  1 
ATOM   244 C C   . VAL A 1 35  ? -4.508  -0.863  -3.089  1.00 16.87  ? 72  VAL A C   1 
ATOM   245 O O   . VAL A 1 35  ? -4.660  -2.051  -2.820  1.00 16.48  ? 72  VAL A O   1 
ATOM   246 C CB  . VAL A 1 35  ? -2.233  0.050   -3.586  1.00 15.92  ? 72  VAL A CB  1 
ATOM   247 C CG1 . VAL A 1 35  ? -1.529  -1.080  -2.849  1.00 16.63  ? 72  VAL A CG1 1 
ATOM   248 C CG2 . VAL A 1 35  ? -1.337  0.621   -4.693  1.00 16.72  ? 72  VAL A CG2 1 
ATOM   249 N N   . ARG A 1 36  ? -5.143  0.124   -2.460  1.00 17.54  ? 73  ARG A N   1 
ATOM   250 C CA  . ARG A 1 36  ? -6.173  -0.122  -1.466  1.00 18.42  ? 73  ARG A CA  1 
ATOM   251 C C   . ARG A 1 36  ? -7.294  -0.961  -2.069  1.00 19.33  ? 73  ARG A C   1 
ATOM   252 O O   . ARG A 1 36  ? -7.723  -1.943  -1.473  1.00 19.36  ? 73  ARG A O   1 
ATOM   253 C CB  . ARG A 1 36  ? -6.726  1.193   -0.921  1.00 18.50  ? 73  ARG A CB  1 
ATOM   254 C CG  . ARG A 1 36  ? -7.719  1.006   0.226   1.00 19.01  ? 73  ARG A CG  1 
ATOM   255 C CD  . ARG A 1 36  ? -8.356  2.276   0.711   1.00 19.51  ? 73  ARG A CD  1 
ATOM   256 N NE  . ARG A 1 36  ? -7.373  3.253   1.192   1.00 19.14  ? 73  ARG A NE  1 
ATOM   257 C CZ  . ARG A 1 36  ? -7.117  4.427   0.618   1.00 18.74  ? 73  ARG A CZ  1 
ATOM   258 N NH1 . ARG A 1 36  ? -7.745  4.808   -0.491  1.00 18.95  ? 73  ARG A NH1 1 
ATOM   259 N NH2 . ARG A 1 36  ? -6.211  5.225   1.158   1.00 16.85  ? 73  ARG A NH2 1 
ATOM   260 N N   . GLU A 1 37  ? -7.775  -0.581  -3.250  1.00 20.26  ? 74  GLU A N   1 
ATOM   261 C CA  . GLU A 1 37  ? -8.834  -1.350  -3.926  1.00 20.74  ? 74  GLU A CA  1 
ATOM   262 C C   . GLU A 1 37  ? -8.437  -2.815  -4.120  1.00 20.67  ? 74  GLU A C   1 
ATOM   263 O O   . GLU A 1 37  ? -9.232  -3.722  -3.856  1.00 20.78  ? 74  GLU A O   1 
ATOM   264 C CB  . GLU A 1 37  ? -9.212  -0.705  -5.264  1.00 21.13  ? 74  GLU A CB  1 
ATOM   265 C CG  . GLU A 1 37  ? -9.951  0.615   -5.067  1.00 23.60  ? 74  GLU A CG  1 
ATOM   266 C CD  . GLU A 1 37  ? -10.146 1.436   -6.334  1.00 27.24  ? 74  GLU A CD  1 
ATOM   267 O OE1 . GLU A 1 37  ? -9.451  1.211   -7.354  1.00 31.78  ? 74  GLU A OE1 1 
ATOM   268 O OE2 . GLU A 1 37  ? -11.008 2.339   -6.288  1.00 29.04  ? 74  GLU A OE2 1 
ATOM   269 N N   . ALA A 1 38  ? -7.205  -3.052  -4.558  1.00 20.80  ? 75  ALA A N   1 
ATOM   270 C CA  . ALA A 1 38  ? -6.737  -4.415  -4.801  1.00 20.75  ? 75  ALA A CA  1 
ATOM   271 C C   . ALA A 1 38  ? -6.601  -5.199  -3.490  1.00 20.92  ? 75  ALA A C   1 
ATOM   272 O O   . ALA A 1 38  ? -6.890  -6.395  -3.438  1.00 20.77  ? 75  ALA A O   1 
ATOM   273 C CB  . ALA A 1 38  ? -5.426  -4.386  -5.546  1.00 20.89  ? 75  ALA A CB  1 
ATOM   274 N N   . LEU A 1 39  ? -6.169  -4.523  -2.432  1.00 20.85  ? 76  LEU A N   1 
ATOM   275 C CA  . LEU A 1 39  ? -5.995  -5.170  -1.130  1.00 21.63  ? 76  LEU A CA  1 
ATOM   276 C C   . LEU A 1 39  ? -7.343  -5.464  -0.485  1.00 22.51  ? 76  LEU A C   1 
ATOM   277 O O   . LEU A 1 39  ? -7.528  -6.500  0.132   1.00 23.06  ? 76  LEU A O   1 
ATOM   278 C CB  . LEU A 1 39  ? -5.136  -4.305  -0.204  1.00 21.29  ? 76  LEU A CB  1 
ATOM   279 C CG  . LEU A 1 39  ? -3.630  -4.300  -0.513  1.00 20.01  ? 76  LEU A CG  1 
ATOM   280 C CD1 . LEU A 1 39  ? -2.928  -3.240  0.304   1.00 18.38  ? 76  LEU A CD1 1 
ATOM   281 C CD2 . LEU A 1 39  ? -2.979  -5.656  -0.259  1.00 19.77  ? 76  LEU A CD2 1 
ATOM   282 N N   . LEU A 1 40  ? -8.290  -4.551  -0.628  1.00 23.46  ? 77  LEU A N   1 
ATOM   283 C CA  . LEU A 1 40  ? -9.634  -4.773  -0.104  1.00 24.36  ? 77  LEU A CA  1 
ATOM   284 C C   . LEU A 1 40  ? -10.328 -5.926  -0.838  1.00 25.14  ? 77  LEU A C   1 
ATOM   285 O O   . LEU A 1 40  ? -11.110 -6.664  -0.240  1.00 25.26  ? 77  LEU A O   1 
ATOM   286 C CB  . LEU A 1 40  ? -10.453 -3.483  -0.180  1.00 24.57  ? 77  LEU A CB  1 
ATOM   287 C CG  . LEU A 1 40  ? -10.136 -2.492  0.947   1.00 25.32  ? 77  LEU A CG  1 
ATOM   288 C CD1 . LEU A 1 40  ? -10.860 -1.168  0.720   1.00 26.47  ? 77  LEU A CD1 1 
ATOM   289 C CD2 . LEU A 1 40  ? -10.494 -3.055  2.311   1.00 26.12  ? 77  LEU A CD2 1 
ATOM   290 N N   . ALA A 1 41  ? -10.016 -6.102  -2.118  1.00 26.28  ? 78  ALA A N   1 
ATOM   291 C CA  . ALA A 1 41  ? -10.554 -7.207  -2.906  1.00 27.46  ? 78  ALA A CA  1 
ATOM   292 C C   . ALA A 1 41  ? -10.012 -8.553  -2.430  1.00 28.26  ? 78  ALA A C   1 
ATOM   293 O O   . ALA A 1 41  ? -10.696 -9.564  -2.548  1.00 28.53  ? 78  ALA A O   1 
ATOM   294 C CB  . ALA A 1 41  ? -10.246 -7.012  -4.380  1.00 27.62  ? 78  ALA A CB  1 
ATOM   295 N N   . ARG A 1 42  ? -8.792  -8.572  -1.897  1.00 29.27  ? 79  ARG A N   1 
ATOM   296 C CA  . ARG A 1 42  ? -8.200  -9.808  -1.363  1.00 30.11  ? 79  ARG A CA  1 
ATOM   297 C C   . ARG A 1 42  ? -8.517  -10.050 0.115   1.00 30.24  ? 79  ARG A C   1 
ATOM   298 O O   . ARG A 1 42  ? -8.629  -11.195 0.536   1.00 30.58  ? 79  ARG A O   1 
ATOM   299 C CB  . ARG A 1 42  ? -6.679  -9.789  -1.533  1.00 30.74  ? 79  ARG A CB  1 
ATOM   300 C CG  . ARG A 1 42  ? -6.217  -9.676  -2.977  1.00 32.70  ? 79  ARG A CG  1 
ATOM   301 C CD  . ARG A 1 42  ? -6.162  -11.039 -3.647  1.00 36.71  ? 79  ARG A CD  1 
ATOM   302 N NE  . ARG A 1 42  ? -5.010  -11.820 -3.205  1.00 39.08  ? 79  ARG A NE  1 
ATOM   303 C CZ  . ARG A 1 42  ? -3.917  -12.017 -3.935  1.00 40.47  ? 79  ARG A CZ  1 
ATOM   304 N NH1 . ARG A 1 42  ? -3.826  -11.489 -5.148  0.00 64.87  ? 79  ARG A NH1 1 
ATOM   305 N NH2 . ARG A 1 42  ? -2.919  -12.742 -3.449  1.00 41.30  ? 79  ARG A NH2 1 
ATOM   306 N N   . PHE A 1 43  ? -8.670  -8.984  0.898   1.00 30.15  ? 80  PHE A N   1 
ATOM   307 C CA  . PHE A 1 43  ? -8.710  -9.091  2.357   1.00 30.04  ? 80  PHE A CA  1 
ATOM   308 C C   . PHE A 1 43  ? -9.893  -8.393  3.031   1.00 30.82  ? 80  PHE A C   1 
ATOM   309 O O   . PHE A 1 43  ? -10.032 -8.463  4.245   1.00 30.61  ? 80  PHE A O   1 
ATOM   310 C CB  . PHE A 1 43  ? -7.419  -8.515  2.942   1.00 29.58  ? 80  PHE A CB  1 
ATOM   311 C CG  . PHE A 1 43  ? -6.175  -9.240  2.513   1.00 27.39  ? 80  PHE A CG  1 
ATOM   312 C CD1 . PHE A 1 43  ? -5.973  -10.563 2.872   1.00 24.77  ? 80  PHE A CD1 1 
ATOM   313 C CD2 . PHE A 1 43  ? -5.199  -8.594  1.759   1.00 25.62  ? 80  PHE A CD2 1 
ATOM   314 C CE1 . PHE A 1 43  ? -4.836  -11.239 2.482   1.00 24.22  ? 80  PHE A CE1 1 
ATOM   315 C CE2 . PHE A 1 43  ? -4.046  -9.269  1.368   1.00 24.86  ? 80  PHE A CE2 1 
ATOM   316 C CZ  . PHE A 1 43  ? -3.864  -10.588 1.733   1.00 24.51  ? 80  PHE A CZ  1 
ATOM   317 N N   . GLY A 1 44  ? -10.734 -7.716  2.255   1.00 31.69  ? 81  GLY A N   1 
ATOM   318 C CA  . GLY A 1 44  ? -11.804 -6.896  2.802   1.00 32.14  ? 81  GLY A CA  1 
ATOM   319 C C   . GLY A 1 44  ? -12.878 -7.676  3.547   1.00 32.72  ? 81  GLY A C   1 
ATOM   320 O O   . GLY A 1 44  ? -13.523 -7.136  4.444   1.00 32.98  ? 81  GLY A O   1 
ATOM   321 N N   . GLN A 1 45  ? -13.072 -8.933  3.156   1.00 33.06  ? 82  GLN A N   1 
ATOM   322 C CA  . GLN A 1 45  ? -14.027 -9.829  3.805   1.00 33.49  ? 82  GLN A CA  1 
ATOM   323 C C   . GLN A 1 45  ? -13.367 -10.808 4.774   1.00 33.82  ? 82  GLN A C   1 
ATOM   324 O O   . GLN A 1 45  ? -14.020 -11.732 5.264   1.00 34.26  ? 82  GLN A O   1 
ATOM   325 C CB  . GLN A 1 45  ? -14.808 -10.629 2.760   0.00 40.51  ? 82  GLN A CB  1 
ATOM   326 C CG  . GLN A 1 45  ? -15.984 -11.407 3.327   0.00 46.99  ? 82  GLN A CG  1 
ATOM   327 C CD  . GLN A 1 45  ? -16.733 -12.186 2.263   1.00 49.33  ? 82  GLN A CD  1 
ATOM   328 O OE1 . GLN A 1 45  ? -17.017 -11.666 1.184   1.00 48.20  ? 82  GLN A OE1 1 
ATOM   329 N NE2 . GLN A 1 45  ? -17.150 -13.444 2.354   1.00 49.83  ? 82  GLN A NE2 1 
ATOM   330 N N   . HIS A 1 46  ? -12.079 -10.608 5.049   1.00 33.62  ? 83  HIS A N   1 
ATOM   331 C CA  . HIS A 1 46  ? -11.356 -11.432 6.011   1.00 33.31  ? 83  HIS A CA  1 
ATOM   332 C C   . HIS A 1 46  ? -11.603 -10.891 7.398   1.00 33.44  ? 83  HIS A C   1 
ATOM   333 O O   . HIS A 1 46  ? -11.400 -9.707  7.655   1.00 33.78  ? 83  HIS A O   1 
ATOM   334 C CB  . HIS A 1 46  ? -9.846  -11.423 5.742   1.00 33.26  ? 83  HIS A CB  1 
ATOM   335 C CG  . HIS A 1 46  ? -9.409  -12.360 4.663   1.00 32.50  ? 83  HIS A CG  1 
ATOM   336 N ND1 . HIS A 1 46  ? -10.145 -12.578 3.520   1.00 32.57  ? 83  HIS A ND1 1 
ATOM   337 C CD2 . HIS A 1 46  ? -8.293  -13.119 4.540   1.00 32.59  ? 83  HIS A CD2 1 
ATOM   338 C CE1 . HIS A 1 46  ? -9.506  -13.436 2.743   1.00 31.67  ? 83  HIS A CE1 1 
ATOM   339 N NE2 . HIS A 1 46  ? -8.381  -13.783 3.342   1.00 31.85  ? 83  HIS A NE2 1 
ATOM   340 N N   . GLN A 1 47  ? -12.034 -11.768 8.296   1.00 33.21  ? 84  GLN A N   1 
ATOM   341 C CA  . GLN A 1 47  ? -12.189 -11.445 9.702   1.00 33.06  ? 84  GLN A CA  1 
ATOM   342 C C   . GLN A 1 47  ? -11.389 -12.431 10.539  1.00 32.16  ? 84  GLN A C   1 
ATOM   343 O O   . GLN A 1 47  ? -10.859 -13.411 10.031  1.00 32.59  ? 84  GLN A O   1 
ATOM   344 C CB  . GLN A 1 47  ? -13.660 -11.508 10.088  1.00 33.41  ? 84  GLN A CB  1 
ATOM   345 C CG  . GLN A 1 47  ? -14.509 -10.464 9.409   1.00 34.83  ? 84  GLN A CG  1 
ATOM   346 C CD  . GLN A 1 47  ? -15.921 -10.458 9.942   1.00 36.54  ? 84  GLN A CD  1 
ATOM   347 O OE1 . GLN A 1 47  ? -16.605 -11.484 9.906   1.00 38.07  ? 84  GLN A OE1 1 
ATOM   348 N NE2 . GLN A 1 47  ? -16.361 -9.314  10.453  1.00 37.38  ? 84  GLN A NE2 1 
ATOM   349 N N   . GLY A 1 48  ? -11.302 -12.179 11.832  1.00 31.36  ? 85  GLY A N   1 
ATOM   350 C CA  . GLY A 1 48  ? -10.491 -13.034 12.681  1.00 30.30  ? 85  GLY A CA  1 
ATOM   351 C C   . GLY A 1 48  ? -9.001  -12.782 12.488  1.00 28.96  ? 85  GLY A C   1 
ATOM   352 O O   . GLY A 1 48  ? -8.603  -11.684 12.118  1.00 28.95  ? 85  GLY A O   1 
ATOM   353 N N   . SER A 1 49  ? -8.182  -13.804 12.730  1.00 27.37  ? 86  SER A N   1 
ATOM   354 C CA  . SER A 1 49  ? -6.744  -13.617 12.910  1.00 25.94  ? 86  SER A CA  1 
ATOM   355 C C   . SER A 1 49  ? -5.968  -13.735 11.617  1.00 24.52  ? 86  SER A C   1 
ATOM   356 O O   . SER A 1 49  ? -6.225  -14.617 10.795  1.00 24.33  ? 86  SER A O   1 
ATOM   357 C CB  . SER A 1 49  ? -6.197  -14.641 13.909  1.00 26.14  ? 86  SER A CB  1 
ATOM   358 O OG  . SER A 1 49  ? -6.943  -14.610 15.108  1.00 26.46  ? 86  SER A OG  1 
ATOM   359 N N   . VAL A 1 50  ? -4.992  -12.852 11.458  1.00 22.84  ? 87  VAL A N   1 
ATOM   360 C CA  . VAL A 1 50  ? -4.108  -12.882 10.313  1.00 21.94  ? 87  VAL A CA  1 
ATOM   361 C C   . VAL A 1 50  ? -3.233  -14.122 10.346  1.00 21.11  ? 87  VAL A C   1 
ATOM   362 O O   . VAL A 1 50  ? -2.989  -14.702 11.403  1.00 20.99  ? 87  VAL A O   1 
ATOM   363 C CB  . VAL A 1 50  ? -3.225  -11.623 10.215  1.00 21.60  ? 87  VAL A CB  1 
ATOM   364 C CG1 . VAL A 1 50  ? -4.101  -10.370 10.106  1.00 21.87  ? 87  VAL A CG1 1 
ATOM   365 C CG2 . VAL A 1 50  ? -2.242  -11.527 11.394  1.00 22.38  ? 87  VAL A CG2 1 
ATOM   366 N N   . VAL A 1 51  ? -2.780  -14.524 9.165   1.00 19.91  ? 88  VAL A N   1 
ATOM   367 C CA  . VAL A 1 51  ? -1.963  -15.713 8.997   1.00 19.48  ? 88  VAL A CA  1 
ATOM   368 C C   . VAL A 1 51  ? -0.704  -15.266 8.269   1.00 19.73  ? 88  VAL A C   1 
ATOM   369 O O   . VAL A 1 51  ? -0.663  -15.309 7.043   1.00 18.48  ? 88  VAL A O   1 
ATOM   370 C CB  . VAL A 1 51  ? -2.678  -16.777 8.144   1.00 19.21  ? 88  VAL A CB  1 
ATOM   371 C CG1 . VAL A 1 51  ? -1.884  -18.078 8.137   1.00 18.89  ? 88  VAL A CG1 1 
ATOM   372 C CG2 . VAL A 1 51  ? -4.089  -17.009 8.630   1.00 19.40  ? 88  VAL A CG2 1 
ATOM   373 N N   . PRO A 1 52  ? 0.305   -14.809 9.006   1.00 20.25  ? 89  PRO A N   1 
ATOM   374 C CA  . PRO A 1 52  ? 1.486   -14.177 8.394   1.00 20.39  ? 89  PRO A CA  1 
ATOM   375 C C   . PRO A 1 52  ? 2.140   -14.934 7.231   1.00 20.29  ? 89  PRO A C   1 
ATOM   376 O O   . PRO A 1 52  ? 2.433   -14.332 6.202   1.00 20.06  ? 89  PRO A O   1 
ATOM   377 C CB  . PRO A 1 52  ? 2.459   -14.070 9.565   1.00 20.98  ? 89  PRO A CB  1 
ATOM   378 C CG  . PRO A 1 52  ? 1.596   -13.950 10.751  1.00 21.42  ? 89  PRO A CG  1 
ATOM   379 C CD  . PRO A 1 52  ? 0.391   -14.807 10.477  1.00 20.66  ? 89  PRO A CD  1 
ATOM   380 N N   . ALA A 1 53  ? 2.366   -16.231 7.378   1.00 19.88  ? 90  ALA A N   1 
ATOM   381 C CA  . ALA A 1 53  ? 3.089   -16.991 6.363   1.00 19.89  ? 90  ALA A CA  1 
ATOM   382 C C   . ALA A 1 53  ? 2.353   -17.055 5.025   1.00 19.39  ? 90  ALA A C   1 
ATOM   383 O O   . ALA A 1 53  ? 2.976   -17.252 3.989   1.00 20.03  ? 90  ALA A O   1 
ATOM   384 C CB  . ALA A 1 53  ? 3.417   -18.408 6.873   1.00 20.65  ? 90  ALA A CB  1 
ATOM   385 N N   . ILE A 1 54  ? 1.035   -16.876 5.067   1.00 18.48  ? 91  ILE A N   1 
ATOM   386 C CA  . ILE A 1 54  ? 0.170   -16.902 3.897   1.00 18.64  ? 91  ILE A CA  1 
ATOM   387 C C   . ILE A 1 54  ? -0.147  -15.491 3.395   1.00 17.66  ? 91  ILE A C   1 
ATOM   388 O O   . ILE A 1 54  ? -0.021  -15.204 2.207   1.00 17.70  ? 91  ILE A O   1 
ATOM   389 C CB  . ILE A 1 54  ? -1.134  -17.636 4.262   1.00 18.89  ? 91  ILE A CB  1 
ATOM   390 C CG1 . ILE A 1 54  ? -0.835  -19.084 4.665   1.00 20.86  ? 91  ILE A CG1 1 
ATOM   391 C CG2 . ILE A 1 54  ? -2.146  -17.558 3.136   1.00 19.70  ? 91  ILE A CG2 1 
ATOM   392 C CD1 . ILE A 1 54  ? -0.303  -19.946 3.568   1.00 22.55  ? 91  ILE A CD1 1 
ATOM   393 N N   . ASP A 1 55  ? -0.530  -14.618 4.317   1.00 16.76  ? 92  ASP A N   1 
ATOM   394 C CA  . ASP A 1 55  ? -1.068  -13.309 3.985   1.00 16.31  ? 92  ASP A CA  1 
ATOM   395 C C   . ASP A 1 55  ? 0.000   -12.293 3.590   1.00 16.51  ? 92  ASP A C   1 
ATOM   396 O O   . ASP A 1 55  ? -0.254  -11.424 2.765   1.00 16.72  ? 92  ASP A O   1 
ATOM   397 C CB  . ASP A 1 55  ? -1.863  -12.737 5.157   1.00 15.96  ? 92  ASP A CB  1 
ATOM   398 C CG  . ASP A 1 55  ? -3.156  -13.476 5.420   1.00 16.09  ? 92  ASP A CG  1 
ATOM   399 O OD1 . ASP A 1 55  ? -3.673  -14.155 4.512   1.00 16.43  ? 92  ASP A OD1 1 
ATOM   400 O OD2 . ASP A 1 55  ? -3.731  -13.397 6.525   1.00 16.79  ? 92  ASP A OD2 1 
ATOM   401 N N   . LEU A 1 56  ? 1.170   -12.362 4.205   1.00 16.97  ? 93  LEU A N   1 
ATOM   402 C CA  . LEU A 1 56  ? 2.208   -11.383 3.900   1.00 16.95  ? 93  LEU A CA  1 
ATOM   403 C C   . LEU A 1 56  ? 2.743   -11.536 2.485   1.00 16.70  ? 93  LEU A C   1 
ATOM   404 O O   . LEU A 1 56  ? 2.856   -10.541 1.789   1.00 15.96  ? 93  LEU A O   1 
ATOM   405 C CB  . LEU A 1 56  ? 3.318   -11.379 4.947   1.00 17.51  ? 93  LEU A CB  1 
ATOM   406 C CG  . LEU A 1 56  ? 2.865   -10.785 6.287   1.00 18.51  ? 93  LEU A CG  1 
ATOM   407 C CD1 . LEU A 1 56  ? 3.916   -10.979 7.366   1.00 20.16  ? 93  LEU A CD1 1 
ATOM   408 C CD2 . LEU A 1 56  ? 2.514   -9.300  6.150   1.00 20.29  ? 93  LEU A CD2 1 
ATOM   409 N N   . PRO A 1 57  ? 3.083   -12.746 2.034   1.00 16.29  ? 94  PRO A N   1 
ATOM   410 C CA  . PRO A 1 57  ? 3.424   -12.945 0.621   1.00 16.80  ? 94  PRO A CA  1 
ATOM   411 C C   . PRO A 1 57  ? 2.355   -12.450 -0.343  1.00 17.11  ? 94  PRO A C   1 
ATOM   412 O O   . PRO A 1 57  ? 2.709   -11.872 -1.368  1.00 17.63  ? 94  PRO A O   1 
ATOM   413 C CB  . PRO A 1 57  ? 3.598   -14.458 0.519   1.00 16.77  ? 94  PRO A CB  1 
ATOM   414 C CG  . PRO A 1 57  ? 4.066   -14.843 1.846   1.00 16.28  ? 94  PRO A CG  1 
ATOM   415 C CD  . PRO A 1 57  ? 3.281   -13.985 2.813   1.00 16.58  ? 94  PRO A CD  1 
ATOM   416 N N   . GLU A 1 58  ? 1.080   -12.674 -0.029  1.00 16.99  ? 95  GLU A N   1 
ATOM   417 C CA  . GLU A 1 58  ? -0.010  -12.189 -0.874  1.00 17.87  ? 95  GLU A CA  1 
ATOM   418 C C   . GLU A 1 58  ? -0.015  -10.659 -0.897  1.00 17.39  ? 95  GLU A C   1 
ATOM   419 O O   . GLU A 1 58  ? -0.130  -10.046 -1.957  1.00 17.63  ? 95  GLU A O   1 
ATOM   420 C CB  . GLU A 1 58  ? -1.358  -12.716 -0.365  1.00 17.98  ? 95  GLU A CB  1 
ATOM   421 C CG  . GLU A 1 58  ? -1.551  -14.195 -0.654  1.00 21.73  ? 95  GLU A CG  1 
ATOM   422 C CD  . GLU A 1 58  ? -2.822  -14.774 -0.037  1.00 25.39  ? 95  GLU A CD  1 
ATOM   423 O OE1 . GLU A 1 58  ? -3.598  -14.028 0.609   1.00 29.57  ? 95  GLU A OE1 1 
ATOM   424 O OE2 . GLU A 1 58  ? -3.048  -16.000 -0.211  1.00 28.44  ? 95  GLU A OE2 1 
ATOM   425 N N   . LEU A 1 59  ? 0.111   -10.053 0.277   1.00 16.98  ? 96  LEU A N   1 
ATOM   426 C CA  . LEU A 1 59  ? 0.137   -8.596  0.401   1.00 17.02  ? 96  LEU A CA  1 
ATOM   427 C C   . LEU A 1 59  ? 1.294   -7.996  -0.388  1.00 16.64  ? 96  LEU A C   1 
ATOM   428 O O   . LEU A 1 59  ? 1.114   -7.005  -1.105  1.00 16.14  ? 96  LEU A O   1 
ATOM   429 C CB  . LEU A 1 59  ? 0.218   -8.177  1.870   1.00 17.10  ? 96  LEU A CB  1 
ATOM   430 C CG  . LEU A 1 59  ? 0.356   -6.676  2.161   1.00 18.16  ? 96  LEU A CG  1 
ATOM   431 C CD1 . LEU A 1 59  ? -0.574  -6.253  3.287   1.00 20.06  ? 96  LEU A CD1 1 
ATOM   432 C CD2 . LEU A 1 59  ? 1.790   -6.321  2.490   1.00 19.99  ? 96  LEU A CD2 1 
ATOM   433 N N   . ARG A 1 60  ? 2.473   -8.599  -0.283  1.00 16.33  ? 97  ARG A N   1 
ATOM   434 C CA  . ARG A 1 60  ? 3.645   -8.098  -1.014  1.00 16.64  ? 97  ARG A CA  1 
ATOM   435 C C   . ARG A 1 60  ? 3.467   -8.265  -2.521  1.00 16.74  ? 97  ARG A C   1 
ATOM   436 O O   . ARG A 1 60  ? 3.885   -7.412  -3.283  1.00 16.08  ? 97  ARG A O   1 
ATOM   437 C CB  . ARG A 1 60  ? 4.918   -8.766  -0.523  1.00 16.38  ? 97  ARG A CB  1 
ATOM   438 C CG  . ARG A 1 60  ? 5.164   -8.506  0.949   1.00 18.08  ? 97  ARG A CG  1 
ATOM   439 C CD  . ARG A 1 60  ? 6.527   -8.890  1.433   1.00 21.56  ? 97  ARG A CD  1 
ATOM   440 N NE  . ARG A 1 60  ? 6.668   -10.330 1.595   1.00 22.24  ? 97  ARG A NE  1 
ATOM   441 C CZ  . ARG A 1 60  ? 6.714   -10.986 2.756   1.00 22.55  ? 97  ARG A CZ  1 
ATOM   442 N NH1 . ARG A 1 60  ? 6.596   -10.370 3.925   1.00 23.22  ? 97  ARG A NH1 1 
ATOM   443 N NH2 . ARG A 1 60  ? 6.872   -12.297 2.744   1.00 21.66  ? 97  ARG A NH2 1 
ATOM   444 N N   . SER A 1 61  ? 2.781   -9.331  -2.930  1.00 17.09  ? 98  SER A N   1 
ATOM   445 C CA  . SER A 1 61  ? 2.487   -9.576  -4.339  1.00 18.02  ? 98  SER A CA  1 
ATOM   446 C C   . SER A 1 61  ? 1.624   -8.468  -4.937  1.00 17.86  ? 98  SER A C   1 
ATOM   447 O O   . SER A 1 61  ? 1.874   -8.010  -6.058  1.00 17.83  ? 98  SER A O   1 
ATOM   448 C CB  . SER A 1 61  ? 1.791   -10.922 -4.513  1.00 18.68  ? 98  SER A CB  1 
ATOM   449 O OG  . SER A 1 61  ? 1.478   -11.099 -5.866  1.00 20.77  ? 98  SER A OG  1 
ATOM   450 N N   . VAL A 1 62  ? 0.621   -8.035  -4.174  1.00 17.33  ? 99  VAL A N   1 
ATOM   451 C CA  . VAL A 1 62  ? -0.209  -6.893  -4.550  1.00 17.31  ? 99  VAL A CA  1 
ATOM   452 C C   . VAL A 1 62  ? 0.630   -5.606  -4.645  1.00 16.95  ? 99  VAL A C   1 
ATOM   453 O O   . VAL A 1 62  ? 0.542   -4.879  -5.627  1.00 17.03  ? 99  VAL A O   1 
ATOM   454 C CB  . VAL A 1 62  ? -1.397  -6.684  -3.581  1.00 17.44  ? 99  VAL A CB  1 
ATOM   455 C CG1 . VAL A 1 62  ? -2.196  -5.442  -3.984  1.00 17.47  ? 99  VAL A CG1 1 
ATOM   456 C CG2 . VAL A 1 62  ? -2.313  -7.913  -3.562  1.00 18.22  ? 99  VAL A CG2 1 
ATOM   457 N N   . LEU A 1 63  ? 1.453   -5.326  -3.642  1.00 17.04  ? 100 LEU A N   1 
ATOM   458 C CA  . LEU A 1 63  ? 2.276   -4.119  -3.679  1.00 17.27  ? 100 LEU A CA  1 
ATOM   459 C C   . LEU A 1 63  ? 3.152   -4.095  -4.931  1.00 17.58  ? 100 LEU A C   1 
ATOM   460 O O   . LEU A 1 63  ? 3.273   -3.051  -5.582  1.00 17.02  ? 100 LEU A O   1 
ATOM   461 C CB  . LEU A 1 63  ? 3.146   -4.003  -2.420  1.00 16.75  ? 100 LEU A CB  1 
ATOM   462 C CG  . LEU A 1 63  ? 2.420   -3.807  -1.083  1.00 17.05  ? 100 LEU A CG  1 
ATOM   463 C CD1 . LEU A 1 63  ? 3.424   -3.734  0.049   1.00 16.22  ? 100 LEU A CD1 1 
ATOM   464 C CD2 . LEU A 1 63  ? 1.528   -2.568  -1.074  1.00 18.98  ? 100 LEU A CD2 1 
ATOM   465 N N   . GLN A 1 64  ? 3.732   -5.253  -5.269  1.00 18.17  ? 101 GLN A N   1 
ATOM   466 C CA  . GLN A 1 64  ? 4.628   -5.397  -6.425  1.00 19.32  ? 101 GLN A CA  1 
ATOM   467 C C   . GLN A 1 64  ? 3.934   -5.148  -7.761  1.00 19.43  ? 101 GLN A C   1 
ATOM   468 O O   . GLN A 1 64  ? 4.594   -4.796  -8.736  1.00 19.78  ? 101 GLN A O   1 
ATOM   469 C CB  . GLN A 1 64  ? 5.258   -6.800  -6.442  1.00 19.86  ? 101 GLN A CB  1 
ATOM   470 C CG  . GLN A 1 64  ? 6.326   -7.021  -7.537  1.00 23.21  ? 101 GLN A CG  1 
ATOM   471 C CD  . GLN A 1 64  ? 7.470   -6.017  -7.464  1.00 27.36  ? 101 GLN A CD  1 
ATOM   472 O OE1 . GLN A 1 64  ? 7.804   -5.351  -8.458  1.00 30.51  ? 101 GLN A OE1 1 
ATOM   473 N NE2 . GLN A 1 64  ? 8.064   -5.896  -6.290  1.00 31.44  ? 101 GLN A NE2 1 
ATOM   474 N N   . GLN A 1 65  ? 2.620   -5.344  -7.816  1.00 19.40  ? 102 GLN A N   1 
ATOM   475 C CA  . GLN A 1 65  ? 1.846   -5.053  -9.024  1.00 20.10  ? 102 GLN A CA  1 
ATOM   476 C C   . GLN A 1 65  ? 1.949   -3.583  -9.428  1.00 19.65  ? 102 GLN A C   1 
ATOM   477 O O   . GLN A 1 65  ? 1.807   -3.243  -10.612 1.00 20.37  ? 102 GLN A O   1 
ATOM   478 C CB  . GLN A 1 65  ? 0.360   -5.398  -8.839  1.00 20.89  ? 102 GLN A CB  1 
ATOM   479 C CG  . GLN A 1 65  ? -0.001  -6.896  -8.864  1.00 24.42  ? 102 GLN A CG  1 
ATOM   480 C CD  . GLN A 1 65  ? -1.442  -7.165  -8.397  1.00 28.60  ? 102 GLN A CD  1 
ATOM   481 O OE1 . GLN A 1 65  ? -2.314  -6.302  -8.521  1.00 32.94  ? 102 GLN A OE1 1 
ATOM   482 N NE2 . GLN A 1 65  ? -1.683  -8.352  -7.851  1.00 30.78  ? 102 GLN A NE2 1 
ATOM   483 N N   . PHE A 1 66  ? 2.177   -2.724  -8.440  1.00 18.68  ? 103 PHE A N   1 
ATOM   484 C CA  . PHE A 1 66  ? 2.130   -1.270  -8.616  1.00 18.25  ? 103 PHE A CA  1 
ATOM   485 C C   . PHE A 1 66  ? 3.491   -0.591  -8.516  1.00 18.35  ? 103 PHE A C   1 
ATOM   486 O O   . PHE A 1 66  ? 3.783   0.320   -9.287  1.00 18.29  ? 103 PHE A O   1 
ATOM   487 C CB  . PHE A 1 66  ? 1.179   -0.667  -7.586  1.00 18.34  ? 103 PHE A CB  1 
ATOM   488 C CG  . PHE A 1 66  ? -0.243  -1.074  -7.790  1.00 18.46  ? 103 PHE A CG  1 
ATOM   489 C CD1 . PHE A 1 66  ? -1.021  -0.431  -8.744  1.00 19.08  ? 103 PHE A CD1 1 
ATOM   490 C CD2 . PHE A 1 66  ? -0.792  -2.121  -7.071  1.00 18.47  ? 103 PHE A CD2 1 
ATOM   491 C CE1 . PHE A 1 66  ? -2.326  -0.810  -8.967  1.00 20.53  ? 103 PHE A CE1 1 
ATOM   492 C CE2 . PHE A 1 66  ? -2.114  -2.505  -7.291  1.00 19.79  ? 103 PHE A CE2 1 
ATOM   493 C CZ  . PHE A 1 66  ? -2.876  -1.847  -8.241  1.00 20.69  ? 103 PHE A CZ  1 
ATOM   494 N N   . ASP A 1 67  ? 4.307   -1.008  -7.555  1.00 17.83  ? 104 ASP A N   1 
ATOM   495 C CA  . ASP A 1 67  ? 5.558   -0.327  -7.247  1.00 18.10  ? 104 ASP A CA  1 
ATOM   496 C C   . ASP A 1 67  ? 6.646   -1.325  -6.920  1.00 18.74  ? 104 ASP A C   1 
ATOM   497 O O   . ASP A 1 67  ? 6.394   -2.329  -6.272  1.00 18.24  ? 104 ASP A O   1 
ATOM   498 C CB  . ASP A 1 67  ? 5.388   0.585   -6.026  1.00 17.82  ? 104 ASP A CB  1 
ATOM   499 C CG  . ASP A 1 67  ? 4.300   1.597   -6.200  1.00 17.62  ? 104 ASP A CG  1 
ATOM   500 O OD1 . ASP A 1 67  ? 4.392   2.383   -7.168  1.00 15.13  ? 104 ASP A OD1 1 
ATOM   501 O OD2 . ASP A 1 67  ? 3.320   1.701   -5.418  1.00 16.53  ? 104 ASP A OD2 1 
ATOM   502 N N   . SER A 1 68  ? 7.863   -0.999  -7.322  1.00 19.75  ? 105 SER A N   1 
ATOM   503 C CA  . SER A 1 68  ? 9.044   -1.773  -6.974  1.00 20.81  ? 105 SER A CA  1 
ATOM   504 C C   . SER A 1 68  ? 9.343   -1.693  -5.487  1.00 20.87  ? 105 SER A C   1 
ATOM   505 O O   . SER A 1 68  ? 9.013   -0.707  -4.821  1.00 20.49  ? 105 SER A O   1 
ATOM   506 C CB  . SER A 1 68  ? 10.241  -1.239  -7.747  1.00 21.16  ? 105 SER A CB  1 
ATOM   507 O OG  . SER A 1 68  ? 10.008  -1.387  -9.128  1.00 24.05  ? 105 SER A OG  1 
ATOM   508 N N   . PHE A 1 69  ? 9.971   -2.740  -4.970  1.00 20.81  ? 106 PHE A N   1 
ATOM   509 C CA  . PHE A 1 69  ? 10.283  -2.820  -3.558  1.00 20.76  ? 106 PHE A CA  1 
ATOM   510 C C   . PHE A 1 69  ? 11.122  -1.622  -3.136  1.00 20.97  ? 106 PHE A C   1 
ATOM   511 O O   . PHE A 1 69  ? 12.021  -1.191  -3.871  1.00 21.79  ? 106 PHE A O   1 
ATOM   512 C CB  . PHE A 1 69  ? 11.037  -4.110  -3.250  1.00 20.76  ? 106 PHE A CB  1 
ATOM   513 C CG  . PHE A 1 69  ? 11.520  -4.202  -1.840  1.00 20.00  ? 106 PHE A CG  1 
ATOM   514 C CD1 . PHE A 1 69  ? 10.744  -4.806  -0.876  1.00 21.15  ? 106 PHE A CD1 1 
ATOM   515 C CD2 . PHE A 1 69  ? 12.756  -3.680  -1.477  1.00 20.89  ? 106 PHE A CD2 1 
ATOM   516 C CE1 . PHE A 1 69  ? 11.184  -4.904  0.428   1.00 22.39  ? 106 PHE A CE1 1 
ATOM   517 C CE2 . PHE A 1 69  ? 13.197  -3.767  -0.158  1.00 21.92  ? 106 PHE A CE2 1 
ATOM   518 C CZ  . PHE A 1 69  ? 12.405  -4.373  0.789   1.00 21.30  ? 106 PHE A CZ  1 
ATOM   519 N N   . GLY A 1 70  ? 10.815  -1.100  -1.953  1.00 20.74  ? 107 GLY A N   1 
ATOM   520 C CA  . GLY A 1 70  ? 11.544  0.006   -1.367  1.00 20.53  ? 107 GLY A CA  1 
ATOM   521 C C   . GLY A 1 70  ? 10.667  0.918   -0.521  1.00 20.18  ? 107 GLY A C   1 
ATOM   522 O O   . GLY A 1 70  ? 9.604   0.535   -0.043  1.00 19.49  ? 107 GLY A O   1 
ATOM   523 N N   . LYS A 1 71  ? 11.134  2.148   -0.340  1.00 19.72  ? 108 LYS A N   1 
ATOM   524 C CA  . LYS A 1 71  ? 10.437  3.138   0.470   1.00 19.54  ? 108 LYS A CA  1 
ATOM   525 C C   . LYS A 1 71  ? 9.048   3.490   -0.075  1.00 18.19  ? 108 LYS A C   1 
ATOM   526 O O   . LYS A 1 71  ? 8.228   4.018   0.661   1.00 18.18  ? 108 LYS A O   1 
ATOM   527 C CB  . LYS A 1 71  ? 11.287  4.412   0.612   1.00 20.21  ? 108 LYS A CB  1 
ATOM   528 C CG  . LYS A 1 71  ? 11.551  5.139   -0.705  1.00 23.34  ? 108 LYS A CG  1 
ATOM   529 C CD  . LYS A 1 71  ? 12.453  6.376   -0.543  1.00 26.30  ? 108 LYS A CD  1 
ATOM   530 C CE  . LYS A 1 71  ? 13.013  6.829   -1.886  1.00 28.67  ? 108 LYS A CE  1 
ATOM   531 N NZ  . LYS A 1 71  ? 13.074  8.320   -1.992  1.00 30.60  ? 108 LYS A NZ  1 
ATOM   532 N N   . ARG A 1 72  ? 8.786   3.214   -1.351  1.00 17.09  ? 109 ARG A N   1 
ATOM   533 C CA  . ARG A 1 72  ? 7.431   3.412   -1.906  1.00 16.56  ? 109 ARG A CA  1 
ATOM   534 C C   . ARG A 1 72  ? 6.401   2.528   -1.221  1.00 16.28  ? 109 ARG A C   1 
ATOM   535 O O   . ARG A 1 72  ? 5.267   2.950   -0.975  1.00 15.42  ? 109 ARG A O   1 
ATOM   536 C CB  . ARG A 1 72  ? 7.401   3.172   -3.418  1.00 16.55  ? 109 ARG A CB  1 
ATOM   537 C CG  . ARG A 1 72  ? 8.085   4.274   -4.172  1.00 17.74  ? 109 ARG A CG  1 
ATOM   538 C CD  . ARG A 1 72  ? 8.188   4.076   -5.657  1.00 18.61  ? 109 ARG A CD  1 
ATOM   539 N NE  . ARG A 1 72  ? 9.053   5.114   -6.202  1.00 19.85  ? 109 ARG A NE  1 
ATOM   540 C CZ  . ARG A 1 72  ? 9.163   5.411   -7.475  1.00 21.41  ? 109 ARG A CZ  1 
ATOM   541 N NH1 . ARG A 1 72  ? 8.472   4.758   -8.380  1.00 20.87  ? 109 ARG A NH1 1 
ATOM   542 N NH2 . ARG A 1 72  ? 9.978   6.384   -7.845  1.00 24.29  ? 109 ARG A NH2 1 
ATOM   543 N N   . TRP A 1 73  ? 6.796   1.293   -0.913  1.00 15.11  ? 110 TRP A N   1 
ATOM   544 C CA  . TRP A 1 73  ? 5.903   0.378   -0.202  1.00 14.82  ? 110 TRP A CA  1 
ATOM   545 C C   . TRP A 1 73  ? 5.463   0.947   1.151   1.00 14.31  ? 110 TRP A C   1 
ATOM   546 O O   . TRP A 1 73  ? 4.301   0.850   1.510   1.00 14.01  ? 110 TRP A O   1 
ATOM   547 C CB  . TRP A 1 73  ? 6.572   -0.984  -0.004  1.00 14.92  ? 110 TRP A CB  1 
ATOM   548 C CG  . TRP A 1 73  ? 6.599   -1.857  -1.226  1.00 14.89  ? 110 TRP A CG  1 
ATOM   549 C CD1 . TRP A 1 73  ? 6.397   -1.479  -2.515  1.00 14.04  ? 110 TRP A CD1 1 
ATOM   550 C CD2 . TRP A 1 73  ? 6.862   -3.262  -1.261  1.00 14.88  ? 110 TRP A CD2 1 
ATOM   551 N NE1 . TRP A 1 73  ? 6.506   -2.559  -3.356  1.00 14.47  ? 110 TRP A NE1 1 
ATOM   552 C CE2 . TRP A 1 73  ? 6.778   -3.673  -2.607  1.00 14.96  ? 110 TRP A CE2 1 
ATOM   553 C CE3 . TRP A 1 73  ? 7.125   -4.225  -0.284  1.00 15.20  ? 110 TRP A CE3 1 
ATOM   554 C CZ2 . TRP A 1 73  ? 6.978   -4.998  -3.002  1.00 15.91  ? 110 TRP A CZ2 1 
ATOM   555 C CZ3 . TRP A 1 73  ? 7.327   -5.540  -0.684  1.00 13.56  ? 110 TRP A CZ3 1 
ATOM   556 C CH2 . TRP A 1 73  ? 7.248   -5.911  -2.019  1.00 15.17  ? 110 TRP A CH2 1 
ATOM   557 N N   . GLU A 1 74  ? 6.398   1.543   1.888   1.00 14.16  ? 111 GLU A N   1 
ATOM   558 C CA  . GLU A 1 74  ? 6.118   2.092   3.210   1.00 14.77  ? 111 GLU A CA  1 
ATOM   559 C C   . GLU A 1 74  ? 5.117   3.238   3.130   1.00 13.86  ? 111 GLU A C   1 
ATOM   560 O O   . GLU A 1 74  ? 4.163   3.271   3.876   1.00 13.15  ? 111 GLU A O   1 
ATOM   561 C CB  . GLU A 1 74  ? 7.408   2.569   3.870   1.00 15.40  ? 111 GLU A CB  1 
ATOM   562 C CG  . GLU A 1 74  ? 8.329   1.426   4.272   1.00 18.26  ? 111 GLU A CG  1 
ATOM   563 C CD  . GLU A 1 74  ? 9.739   1.877   4.598   1.00 22.86  ? 111 GLU A CD  1 
ATOM   564 O OE1 . GLU A 1 74  ? 10.075  3.057   4.364   1.00 24.20  ? 111 GLU A OE1 1 
ATOM   565 O OE2 . GLU A 1 74  ? 10.513  1.034   5.084   1.00 28.37  ? 111 GLU A OE2 1 
ATOM   566 N N   . ALA A 1 75  ? 5.321   4.148   2.182   1.00 13.43  ? 112 ALA A N   1 
ATOM   567 C CA  . ALA A 1 75  ? 4.391   5.264   1.989   1.00 12.92  ? 112 ALA A CA  1 
ATOM   568 C C   . ALA A 1 75  ? 3.013   4.792   1.568   1.00 13.13  ? 112 ALA A C   1 
ATOM   569 O O   . ALA A 1 75  ? 2.003   5.263   2.086   1.00 13.60  ? 112 ALA A O   1 
ATOM   570 C CB  . ALA A 1 75  ? 4.950   6.228   0.955   1.00 12.79  ? 112 ALA A CB  1 
ATOM   571 N N   . ILE A 1 76  ? 2.968   3.876   0.607   1.00 12.84  ? 113 ILE A N   1 
ATOM   572 C CA  . ILE A 1 76  ? 1.715   3.316   0.140   1.00 12.77  ? 113 ILE A CA  1 
ATOM   573 C C   . ILE A 1 76  ? 0.960   2.628   1.276   1.00 12.67  ? 113 ILE A C   1 
ATOM   574 O O   . ILE A 1 76  ? -0.213  2.880   1.467   1.00 12.06  ? 113 ILE A O   1 
ATOM   575 C CB  . ILE A 1 76  ? 1.943   2.362   -1.059  1.00 12.91  ? 113 ILE A CB  1 
ATOM   576 C CG1 . ILE A 1 76  ? 2.381   3.160   -2.306  1.00 12.49  ? 113 ILE A CG1 1 
ATOM   577 C CG2 . ILE A 1 76  ? 0.698   1.514   -1.338  1.00 13.99  ? 113 ILE A CG2 1 
ATOM   578 C CD1 . ILE A 1 76  ? 1.294   4.005   -2.964  1.00 13.21  ? 113 ILE A CD1 1 
ATOM   579 N N   . LEU A 1 77  ? 1.642   1.779   2.035   1.00 12.66  ? 114 LEU A N   1 
ATOM   580 C CA  . LEU A 1 77  ? 1.015   1.024   3.125   1.00 12.58  ? 114 LEU A CA  1 
ATOM   581 C C   . LEU A 1 77  ? 0.376   1.953   4.157   1.00 13.28  ? 114 LEU A C   1 
ATOM   582 O O   . LEU A 1 77  ? -0.766  1.754   4.548   1.00 13.67  ? 114 LEU A O   1 
ATOM   583 C CB  . LEU A 1 77  ? 2.034   0.074   3.801   1.00 12.24  ? 114 LEU A CB  1 
ATOM   584 C CG  . LEU A 1 77  ? 2.360   -1.208  3.011   1.00 13.30  ? 114 LEU A CG  1 
ATOM   585 C CD1 . LEU A 1 77  ? 3.556   -1.922  3.632   1.00 14.93  ? 114 LEU A CD1 1 
ATOM   586 C CD2 . LEU A 1 77  ? 1.154   -2.110  2.946   1.00 13.92  ? 114 LEU A CD2 1 
ATOM   587 N N   . LEU A 1 78  ? 1.120   2.976   4.564   1.00 14.10  ? 115 LEU A N   1 
ATOM   588 C CA  . LEU A 1 78  ? 0.639   3.964   5.521   1.00 14.81  ? 115 LEU A CA  1 
ATOM   589 C C   . LEU A 1 78  ? -0.568  4.710   4.952   1.00 15.51  ? 115 LEU A C   1 
ATOM   590 O O   . LEU A 1 78  ? -1.560  4.899   5.642   1.00 16.27  ? 115 LEU A O   1 
ATOM   591 C CB  . LEU A 1 78  ? 1.765   4.923   5.920   1.00 15.67  ? 115 LEU A CB  1 
ATOM   592 C CG  . LEU A 1 78  ? 2.811   4.240   6.815   1.00 16.26  ? 115 LEU A CG  1 
ATOM   593 C CD1 . LEU A 1 78  ? 4.080   5.046   6.954   1.00 18.45  ? 115 LEU A CD1 1 
ATOM   594 C CD2 . LEU A 1 78  ? 2.241   3.951   8.175   1.00 18.80  ? 115 LEU A CD2 1 
ATOM   595 N N   . GLN A 1 79  ? -0.513  5.078   3.680   1.00 15.94  ? 116 GLN A N   1 
ATOM   596 C CA  . GLN A 1 79  ? -1.637  5.799   3.083   1.00 16.40  ? 116 GLN A CA  1 
ATOM   597 C C   . GLN A 1 79  ? -2.874  4.913   2.909   1.00 16.78  ? 116 GLN A C   1 
ATOM   598 O O   . GLN A 1 79  ? -3.983  5.359   3.135   1.00 16.75  ? 116 GLN A O   1 
ATOM   599 C CB  . GLN A 1 79  ? -1.227  6.462   1.768   1.00 16.77  ? 116 GLN A CB  1 
ATOM   600 C CG  . GLN A 1 79  ? -2.327  7.367   1.169   1.00 17.01  ? 116 GLN A CG  1 
ATOM   601 C CD  . GLN A 1 79  ? -2.668  8.559   2.053   1.00 18.78  ? 116 GLN A CD  1 
ATOM   602 O OE1 . GLN A 1 79  ? -1.799  9.090   2.760   1.00 19.67  ? 116 GLN A OE1 1 
ATOM   603 N NE2 . GLN A 1 79  ? -3.931  8.996   2.007   1.00 17.66  ? 116 GLN A NE2 1 
ATOM   604 N N   . VAL A 1 80  ? -2.684  3.654   2.540   1.00 17.05  ? 117 VAL A N   1 
ATOM   605 C CA  . VAL A 1 80  ? -3.781  2.695   2.486   1.00 17.37  ? 117 VAL A CA  1 
ATOM   606 C C   . VAL A 1 80  ? -4.522  2.659   3.837   1.00 18.97  ? 117 VAL A C   1 
ATOM   607 O O   . VAL A 1 80  ? -5.755  2.712   3.886   1.00 18.45  ? 117 VAL A O   1 
ATOM   608 C CB  . VAL A 1 80  ? -3.285  1.272   2.084   1.00 17.01  ? 117 VAL A CB  1 
ATOM   609 C CG1 . VAL A 1 80  ? -4.348  0.219   2.338   1.00 16.02  ? 117 VAL A CG1 1 
ATOM   610 C CG2 . VAL A 1 80  ? -2.875  1.235   0.617   1.00 16.56  ? 117 VAL A CG2 1 
ATOM   611 N N   . LEU A 1 81  ? -3.768  2.564   4.928   1.00 20.62  ? 118 LEU A N   1 
ATOM   612 C CA  . LEU A 1 81  ? -4.361  2.539   6.268   1.00 22.74  ? 118 LEU A CA  1 
ATOM   613 C C   . LEU A 1 81  ? -5.257  3.752   6.526   1.00 24.30  ? 118 LEU A C   1 
ATOM   614 O O   . LEU A 1 81  ? -6.304  3.616   7.152   1.00 24.25  ? 118 LEU A O   1 
ATOM   615 C CB  . LEU A 1 81  ? -3.277  2.468   7.348   1.00 23.06  ? 118 LEU A CB  1 
ATOM   616 C CG  . LEU A 1 81  ? -2.759  1.075   7.714   1.00 24.60  ? 118 LEU A CG  1 
ATOM   617 C CD1 . LEU A 1 81  ? -1.522  1.204   8.552   1.00 25.57  ? 118 LEU A CD1 1 
ATOM   618 C CD2 . LEU A 1 81  ? -3.805  0.261   8.462   1.00 25.74  ? 118 LEU A CD2 1 
ATOM   619 N N   . GLU A 1 82  ? -4.841  4.933   6.067   1.00 26.26  ? 119 GLU A N   1 
ATOM   620 C CA  . GLU A 1 82  ? -5.643  6.151   6.248   1.00 28.16  ? 119 GLU A CA  1 
ATOM   621 C C   . GLU A 1 82  ? -7.059  6.063   5.666   1.00 29.39  ? 119 GLU A C   1 
ATOM   622 O O   . GLU A 1 82  ? -7.974  6.718   6.167   1.00 29.91  ? 119 GLU A O   1 
ATOM   623 C CB  . GLU A 1 82  ? -4.942  7.378   5.652   1.00 28.48  ? 119 GLU A CB  1 
ATOM   624 C CG  . GLU A 1 82  ? -3.774  7.920   6.450   1.00 30.18  ? 119 GLU A CG  1 
ATOM   625 C CD  . GLU A 1 82  ? -4.167  8.439   7.831   1.00 31.86  ? 119 GLU A CD  1 
ATOM   626 O OE1 . GLU A 1 82  ? -5.353  8.362   8.197   1.00 34.24  ? 119 GLU A OE1 1 
ATOM   627 O OE2 . GLU A 1 82  ? -3.283  8.927   8.553   1.00 34.39  ? 119 GLU A OE2 1 
ATOM   628 N N   . GLY A 1 83  ? -7.225  5.281   4.598   1.00 30.38  ? 120 GLY A N   1 
ATOM   629 C CA  . GLY A 1 83  ? -8.516  5.081   3.964   1.00 31.24  ? 120 GLY A CA  1 
ATOM   630 C C   . GLY A 1 83  ? -9.279  3.828   4.371   1.00 32.00  ? 120 GLY A C   1 
ATOM   631 O O   . GLY A 1 83  ? -10.293 3.512   3.761   1.00 32.58  ? 120 GLY A O   1 
ATOM   632 N N   . ILE A 1 84  ? -8.797  3.107   5.379   1.00 32.62  ? 121 ILE A N   1 
ATOM   633 C CA  . ILE A 1 84  ? -9.532  1.972   5.941   1.00 33.35  ? 121 ILE A CA  1 
ATOM   634 C C   . ILE A 1 84  ? -9.628  2.120   7.463   1.00 33.92  ? 121 ILE A C   1 
ATOM   635 O O   . ILE A 1 84  ? -9.873  1.145   8.181   1.00 34.82  ? 121 ILE A O   1 
ATOM   636 C CB  . ILE A 1 84  ? -8.874  0.625   5.533   1.00 33.24  ? 121 ILE A CB  1 
ATOM   637 C CG1 . ILE A 1 84  ? -7.485  0.468   6.169   1.00 33.21  ? 121 ILE A CG1 1 
ATOM   638 C CG2 . ILE A 1 84  ? -8.760  0.528   4.019   1.00 33.81  ? 121 ILE A CG2 1 
ATOM   639 C CD1 . ILE A 1 84  ? -6.771  -0.833  5.812   1.00 33.20  ? 121 ILE A CD1 1 
ATOM   640 N N   . LEU A 1 93  ? -11.452 -2.314  8.503   1.00 35.40  ? 130 LEU A N   1 
ATOM   641 C CA  . LEU A 1 93  ? -11.142 -3.730  8.688   1.00 35.02  ? 130 LEU A CA  1 
ATOM   642 C C   . LEU A 1 93  ? -9.845  -3.943  9.469   1.00 34.30  ? 130 LEU A C   1 
ATOM   643 O O   . LEU A 1 93  ? -8.759  -3.610  8.980   1.00 35.05  ? 130 LEU A O   1 
ATOM   644 C CB  . LEU A 1 93  ? -11.028 -4.415  7.337   1.00 35.36  ? 130 LEU A CB  1 
ATOM   645 C CG  . LEU A 1 93  ? -10.722 -5.913  7.384   1.00 36.06  ? 130 LEU A CG  1 
ATOM   646 C CD1 . LEU A 1 93  ? -12.001 -6.689  7.682   1.00 36.83  ? 130 LEU A CD1 1 
ATOM   647 C CD2 . LEU A 1 93  ? -10.090 -6.374  6.096   1.00 36.04  ? 130 LEU A CD2 1 
ATOM   648 N N   . PRO A 1 94  ? -9.943  -4.523  10.661  1.00 32.85  ? 131 PRO A N   1 
ATOM   649 C CA  . PRO A 1 94  ? -8.758  -4.746  11.490  1.00 31.50  ? 131 PRO A CA  1 
ATOM   650 C C   . PRO A 1 94  ? -7.836  -5.815  10.914  1.00 29.58  ? 131 PRO A C   1 
ATOM   651 O O   . PRO A 1 94  ? -6.659  -5.823  11.249  1.00 29.71  ? 131 PRO A O   1 
ATOM   652 C CB  . PRO A 1 94  ? -9.336  -5.181  12.839  1.00 31.73  ? 131 PRO A CB  1 
ATOM   653 C CG  . PRO A 1 94  ? -10.701 -5.701  12.544  1.00 32.62  ? 131 PRO A CG  1 
ATOM   654 C CD  . PRO A 1 94  ? -11.175 -5.028  11.302  1.00 33.08  ? 131 PRO A CD  1 
ATOM   655 N N   . TYR A 1 95  ? -8.369  -6.684  10.065  1.00 27.08  ? 132 TYR A N   1 
ATOM   656 C CA  . TYR A 1 95  ? -7.581  -7.733  9.449   1.00 25.26  ? 132 TYR A CA  1 
ATOM   657 C C   . TYR A 1 95  ? -6.518  -7.140  8.545   1.00 24.04  ? 132 TYR A C   1 
ATOM   658 O O   . TYR A 1 95  ? -5.341  -7.437  8.712   1.00 22.88  ? 132 TYR A O   1 
ATOM   659 C CB  . TYR A 1 95  ? -8.471  -8.675  8.647   1.00 24.78  ? 132 TYR A CB  1 
ATOM   660 C CG  . TYR A 1 95  ? -7.821  -9.981  8.277   1.00 23.91  ? 132 TYR A CG  1 
ATOM   661 C CD1 . TYR A 1 95  ? -8.076  -11.129 9.016   1.00 23.23  ? 132 TYR A CD1 1 
ATOM   662 C CD2 . TYR A 1 95  ? -6.968  -10.081 7.173   1.00 23.54  ? 132 TYR A CD2 1 
ATOM   663 C CE1 . TYR A 1 95  ? -7.495  -12.336 8.682   1.00 23.89  ? 132 TYR A CE1 1 
ATOM   664 C CE2 . TYR A 1 95  ? -6.382  -11.292 6.825   1.00 23.50  ? 132 TYR A CE2 1 
ATOM   665 C CZ  . TYR A 1 95  ? -6.649  -12.417 7.592   1.00 23.44  ? 132 TYR A CZ  1 
ATOM   666 O OH  . TYR A 1 95  ? -6.088  -13.628 7.276   1.00 22.88  ? 132 TYR A OH  1 
ATOM   667 N N   . LEU A 1 96  ? -6.935  -6.301  7.598   1.00 23.01  ? 133 LEU A N   1 
ATOM   668 C CA  . LEU A 1 96  ? -5.995  -5.695  6.646   1.00 22.13  ? 133 LEU A CA  1 
ATOM   669 C C   . LEU A 1 96  ? -5.082  -4.714  7.370   1.00 21.77  ? 133 LEU A C   1 
ATOM   670 O O   . LEU A 1 96  ? -3.889  -4.627  7.086   1.00 21.35  ? 133 LEU A O   1 
ATOM   671 C CB  . LEU A 1 96  ? -6.739  -5.007  5.489   1.00 22.02  ? 133 LEU A CB  1 
ATOM   672 C CG  . LEU A 1 96  ? -5.878  -4.318  4.412   1.00 21.87  ? 133 LEU A CG  1 
ATOM   673 C CD1 . LEU A 1 96  ? -4.806  -5.242  3.831   1.00 20.78  ? 133 LEU A CD1 1 
ATOM   674 C CD2 . LEU A 1 96  ? -6.748  -3.759  3.284   1.00 21.05  ? 133 LEU A CD2 1 
ATOM   675 N N   . SER A 1 97  ? -5.640  -3.984  8.324   1.00 21.30  ? 134 SER A N   1 
ATOM   676 C CA  . SER A 1 97  ? -4.859  -3.056  9.117   1.00 21.62  ? 134 SER A CA  1 
ATOM   677 C C   . SER A 1 97  ? -3.742  -3.773  9.862   1.00 20.59  ? 134 SER A C   1 
ATOM   678 O O   . SER A 1 97  ? -2.622  -3.280  9.937   1.00 20.31  ? 134 SER A O   1 
ATOM   679 C CB  . SER A 1 97  ? -5.770  -2.311  10.085  1.00 21.86  ? 134 SER A CB  1 
ATOM   680 O OG  . SER A 1 97  ? -6.694  -1.544  9.348   1.00 24.13  ? 134 SER A OG  1 
ATOM   681 N N   . GLU A 1 98  ? -4.048  -4.953  10.400  1.00 20.24  ? 135 GLU A N   1 
ATOM   682 C CA  . GLU A 1 98  ? -3.072  -5.726  11.168  1.00 19.41  ? 135 GLU A CA  1 
ATOM   683 C C   . GLU A 1 98  ? -1.994  -6.291  10.251  1.00 18.30  ? 135 GLU A C   1 
ATOM   684 O O   . GLU A 1 98  ? -0.814  -6.275  10.589  1.00 17.95  ? 135 GLU A O   1 
ATOM   685 C CB  . GLU A 1 98  ? -3.749  -6.863  11.934  1.00 19.98  ? 135 GLU A CB  1 
ATOM   686 C CG  . GLU A 1 98  ? -2.789  -7.795  12.669  1.00 21.11  ? 135 GLU A CG  1 
ATOM   687 C CD  . GLU A 1 98  ? -1.943  -7.100  13.717  1.00 24.87  ? 135 GLU A CD  1 
ATOM   688 O OE1 . GLU A 1 98  ? -2.251  -5.950  14.082  1.00 26.20  ? 135 GLU A OE1 1 
ATOM   689 O OE2 . GLU A 1 98  ? -0.962  -7.715  14.192  1.00 26.14  ? 135 GLU A OE2 1 
ATOM   690 N N   . LEU A 1 99  ? -2.418  -6.794  9.099   1.00 17.57  ? 136 LEU A N   1 
ATOM   691 C CA  . LEU A 1 99  ? -1.504  -7.257  8.057   1.00 17.95  ? 136 LEU A CA  1 
ATOM   692 C C   . LEU A 1 99  ? -0.505  -6.180  7.667   1.00 16.59  ? 136 LEU A C   1 
ATOM   693 O O   . LEU A 1 99  ? 0.686   -6.440  7.528   1.00 15.93  ? 136 LEU A O   1 
ATOM   694 C CB  . LEU A 1 99  ? -2.296  -7.616  6.799   1.00 18.86  ? 136 LEU A CB  1 
ATOM   695 C CG  . LEU A 1 99  ? -2.141  -8.984  6.178   1.00 22.26  ? 136 LEU A CG  1 
ATOM   696 C CD1 . LEU A 1 99  ? -2.166  -10.074 7.249   1.00 22.94  ? 136 LEU A CD1 1 
ATOM   697 C CD2 . LEU A 1 99  ? -3.282  -9.154  5.182   1.00 22.58  ? 136 LEU A CD2 1 
ATOM   698 N N   . ILE A 1 100 ? -1.018  -4.970  7.452   1.00 16.18  ? 137 ILE A N   1 
ATOM   699 C CA  . ILE A 1 100 ? -0.199  -3.850  7.034   1.00 15.80  ? 137 ILE A CA  1 
ATOM   700 C C   . ILE A 1 100 ? 0.836   -3.548  8.088   1.00 15.74  ? 137 ILE A C   1 
ATOM   701 O O   . ILE A 1 100 ? 2.014   -3.357  7.795   1.00 15.16  ? 137 ILE A O   1 
ATOM   702 C CB  . ILE A 1 100 ? -1.073  -2.616  6.751   1.00 16.15  ? 137 ILE A CB  1 
ATOM   703 C CG1 . ILE A 1 100 ? -1.811  -2.824  5.429   1.00 16.23  ? 137 ILE A CG1 1 
ATOM   704 C CG2 . ILE A 1 100 ? -0.213  -1.346  6.709   1.00 16.04  ? 137 ILE A CG2 1 
ATOM   705 C CD1 . ILE A 1 100 ? -2.806  -1.721  5.104   1.00 17.18  ? 137 ILE A CD1 1 
ATOM   706 N N   . ASN A 1 101 ? 0.399   -3.530  9.334   1.00 15.85  ? 138 ASN A N   1 
ATOM   707 C CA  . ASN A 1 101 ? 1.308   -3.238  10.412  1.00 16.88  ? 138 ASN A CA  1 
ATOM   708 C C   . ASN A 1 101 ? 2.410   -4.301  10.570  1.00 16.45  ? 138 ASN A C   1 
ATOM   709 O O   . ASN A 1 101 ? 3.532   -3.955  10.893  1.00 15.97  ? 138 ASN A O   1 
ATOM   710 C CB  . ASN A 1 101 ? 0.519   -2.946  11.687  1.00 17.78  ? 138 ASN A CB  1 
ATOM   711 C CG  . ASN A 1 101 ? -0.240  -1.593  11.596  1.00 21.05  ? 138 ASN A CG  1 
ATOM   712 O OD1 . ASN A 1 101 ? 0.360   -0.540  11.305  1.00 24.69  ? 138 ASN A OD1 1 
ATOM   713 N ND2 . ASN A 1 101 ? -1.552  -1.627  11.802  1.00 27.24  ? 138 ASN A ND2 1 
ATOM   714 N N   . LYS A 1 102 ? 2.104   -5.566  10.291  1.00 16.14  ? 139 LYS A N   1 
ATOM   715 C CA  . LYS A 1 102 ? 3.126   -6.615  10.327  1.00 16.29  ? 139 LYS A CA  1 
ATOM   716 C C   . LYS A 1 102 ? 4.160   -6.431  9.214   1.00 15.57  ? 139 LYS A C   1 
ATOM   717 O O   . LYS A 1 102 ? 5.354   -6.591  9.444   1.00 15.93  ? 139 LYS A O   1 
ATOM   718 C CB  . LYS A 1 102 ? 2.488   -8.008  10.261  1.00 17.04  ? 139 LYS A CB  1 
ATOM   719 C CG  . LYS A 1 102 ? 1.724   -8.357  11.513  1.00 19.41  ? 139 LYS A CG  1 
ATOM   720 C CD  . LYS A 1 102 ? 1.532   -9.819  11.666  1.00 21.83  ? 139 LYS A CD  1 
ATOM   721 C CE  . LYS A 1 102 ? 0.702   -10.134 12.894  1.00 22.68  ? 139 LYS A CE  1 
ATOM   722 N NZ  . LYS A 1 102 ? 1.467   -9.916  14.141  1.00 24.05  ? 139 LYS A NZ  1 
ATOM   723 N N   . GLU A 1 103 ? 3.712   -6.075  8.011   1.00 14.56  ? 140 GLU A N   1 
ATOM   724 C CA  . GLU A 1 103 ? 4.645   -5.756  6.922   1.00 13.68  ? 140 GLU A CA  1 
ATOM   725 C C   . GLU A 1 103 ? 5.483   -4.518  7.225   1.00 13.61  ? 140 GLU A C   1 
ATOM   726 O O   . GLU A 1 103 ? 6.665   -4.495  6.923   1.00 13.09  ? 140 GLU A O   1 
ATOM   727 C CB  . GLU A 1 103 ? 3.915   -5.584  5.587   1.00 13.84  ? 140 GLU A CB  1 
ATOM   728 C CG  . GLU A 1 103 ? 4.828   -5.269  4.390   1.00 11.94  ? 140 GLU A CG  1 
ATOM   729 C CD  . GLU A 1 103 ? 5.884   -6.338  4.098   1.00 14.92  ? 140 GLU A CD  1 
ATOM   730 O OE1 . GLU A 1 103 ? 5.713   -7.507  4.509   1.00 14.29  ? 140 GLU A OE1 1 
ATOM   731 O OE2 . GLU A 1 103 ? 6.886   -6.008  3.431   1.00 14.85  ? 140 GLU A OE2 1 
ATOM   732 N N   . LEU A 1 104 ? 4.885   -3.486  7.821   1.00 13.64  ? 141 LEU A N   1 
ATOM   733 C CA  . LEU A 1 104 ? 5.643   -2.290  8.151   1.00 13.82  ? 141 LEU A CA  1 
ATOM   734 C C   . LEU A 1 104 ? 6.754   -2.626  9.154   1.00 14.23  ? 141 LEU A C   1 
ATOM   735 O O   . LEU A 1 104 ? 7.839   -2.084  9.067   1.00 13.59  ? 141 LEU A O   1 
ATOM   736 C CB  . LEU A 1 104 ? 4.738   -1.168  8.670   1.00 13.54  ? 141 LEU A CB  1 
ATOM   737 C CG  . LEU A 1 104 ? 3.919   -0.478  7.575   1.00 14.61  ? 141 LEU A CG  1 
ATOM   738 C CD1 . LEU A 1 104 ? 2.863   0.402   8.179   1.00 16.16  ? 141 LEU A CD1 1 
ATOM   739 C CD2 . LEU A 1 104 ? 4.790   0.353   6.665   1.00 14.17  ? 141 LEU A CD2 1 
ATOM   740 N N   . MET A 1 105 ? 6.483   -3.555  10.066  1.00 15.47  ? 142 MET A N   1 
ATOM   741 C CA  . MET A 1 105 ? 7.488   -3.966  11.050  1.00 17.03  ? 142 MET A CA  1 
ATOM   742 C C   . MET A 1 105 ? 8.652   -4.647  10.351  1.00 17.34  ? 142 MET A C   1 
ATOM   743 O O   . MET A 1 105 ? 9.793   -4.450  10.735  1.00 17.48  ? 142 MET A O   1 
ATOM   744 C CB  . MET A 1 105 ? 6.857   -4.869  12.117  1.00 17.58  ? 142 MET A CB  1 
ATOM   745 C CG  . MET A 1 105 ? 7.820   -5.428  13.163  1.00 19.64  ? 142 MET A CG  1 
ATOM   746 S SD  . MET A 1 105 ? 8.366   -4.148  14.267  1.00 24.03  ? 142 MET A SD  1 
ATOM   747 C CE  . MET A 1 105 ? 7.056   -4.156  15.476  1.00 24.19  ? 142 MET A CE  1 
ATOM   748 N N   . ILE A 1 106 ? 8.362   -5.423  9.313   1.00 17.89  ? 143 ILE A N   1 
ATOM   749 C CA  . ILE A 1 106 ? 9.396   -6.077  8.510   1.00 19.47  ? 143 ILE A CA  1 
ATOM   750 C C   . ILE A 1 106 ? 10.215  -5.066  7.702   1.00 20.44  ? 143 ILE A C   1 
ATOM   751 O O   . ILE A 1 106 ? 11.427  -5.210  7.576   1.00 21.62  ? 143 ILE A O   1 
ATOM   752 C CB  . ILE A 1 106 ? 8.759   -7.144  7.598   1.00 19.73  ? 143 ILE A CB  1 
ATOM   753 C CG1 . ILE A 1 106 ? 8.242   -8.309  8.441   1.00 19.93  ? 143 ILE A CG1 1 
ATOM   754 C CG2 . ILE A 1 106 ? 9.753   -7.669  6.537   1.00 20.72  ? 143 ILE A CG2 1 
ATOM   755 C CD1 . ILE A 1 106 ? 7.257   -9.211  7.702   1.00 20.53  ? 143 ILE A CD1 1 
ATOM   756 N N   . LEU A 1 107 ? 9.555   -4.039  7.167   1.00 21.11  ? 144 LEU A N   1 
ATOM   757 C CA  . LEU A 1 107 ? 10.208  -3.047  6.326   1.00 21.74  ? 144 LEU A CA  1 
ATOM   758 C C   . LEU A 1 107 ? 11.068  -2.074  7.140   1.00 23.45  ? 144 LEU A C   1 
ATOM   759 O O   . LEU A 1 107 ? 11.850  -1.306  6.575   1.00 23.45  ? 144 LEU A O   1 
ATOM   760 C CB  . LEU A 1 107 ? 9.161   -2.277  5.522   1.00 21.46  ? 144 LEU A CB  1 
ATOM   761 C CG  . LEU A 1 107 ? 8.450   -3.089  4.437   1.00 20.29  ? 144 LEU A CG  1 
ATOM   762 C CD1 . LEU A 1 107 ? 7.285   -2.309  3.840   1.00 20.09  ? 144 LEU A CD1 1 
ATOM   763 C CD2 . LEU A 1 107 ? 9.426   -3.508  3.342   1.00 21.58  ? 144 LEU A CD2 1 
ATOM   764 N N   . LEU A 1 108 ? 10.924  -2.121  8.462   1.00 25.61  ? 145 LEU A N   1 
ATOM   765 C CA  . LEU A 1 108 ? 11.764  -1.348  9.369   1.00 27.32  ? 145 LEU A CA  1 
ATOM   766 C C   . LEU A 1 108 ? 13.157  -1.966  9.407   1.00 28.07  ? 145 LEU A C   1 
ATOM   767 O O   . LEU A 1 108 ? 13.989  -1.669  8.551   1.00 29.45  ? 145 LEU A O   1 
ATOM   768 C CB  . LEU A 1 108 ? 11.147  -1.337  10.766  1.00 27.81  ? 145 LEU A CB  1 
ATOM   769 C CG  . LEU A 1 108 ? 11.858  -0.555  11.867  1.00 30.28  ? 145 LEU A CG  1 
ATOM   770 C CD1 . LEU A 1 108 ? 12.569  0.687   11.343  1.00 32.40  ? 145 LEU A CD1 1 
ATOM   771 C CD2 . LEU A 1 108 ? 10.845  -0.179  12.939  1.00 31.04  ? 145 LEU A CD2 1 
HETATM 772 O O   . HOH B 2 .   ? 2.589   -0.593  -3.954  1.00 15.88  ? 150 HOH A O   1 
HETATM 773 O O   . HOH B 2 .   ? 8.938   -7.456  2.984   1.00 26.20  ? 151 HOH A O   1 
HETATM 774 O O   . HOH B 2 .   ? 10.273  1.718   -3.698  1.00 25.75  ? 152 HOH A O   1 
HETATM 775 O O   . HOH B 2 .   ? 9.338   24.141  -0.904  1.00 23.94  ? 153 HOH A O   1 
HETATM 776 O O   . HOH B 2 .   ? 5.234   -12.093 -2.525  1.00 21.16  ? 154 HOH A O   1 
HETATM 777 O O   . HOH B 2 .   ? 8.973   -7.628  -4.600  1.00 24.29  ? 155 HOH A O   1 
HETATM 778 O O   . HOH B 2 .   ? 7.539   14.501  -0.357  1.00 24.15  ? 156 HOH A O   1 
HETATM 779 O O   . HOH B 2 .   ? -0.881  16.976  2.271   1.00 30.89  ? 157 HOH A O   1 
HETATM 780 O O   . HOH B 2 .   ? 3.576   11.324  3.049   1.00 33.98  ? 158 HOH A O   1 
HETATM 781 O O   . HOH B 2 .   ? 0.605   -16.988 0.166   1.00 25.55  ? 159 HOH A O   1 
HETATM 782 O O   . HOH B 2 .   ? 5.952   -8.575  11.228  1.00 21.94  ? 160 HOH A O   1 
HETATM 783 O O   . HOH B 2 .   ? -1.999  5.760   8.340   1.00 28.55  ? 161 HOH A O   1 
HETATM 784 O O   . HOH B 2 .   ? 1.654   -17.712 9.946   1.00 30.31  ? 162 HOH A O   1 
HETATM 785 O O   . HOH B 2 .   ? -6.376  4.770   -9.965  1.00 27.82  ? 163 HOH A O   1 
HETATM 786 O O   . HOH B 2 .   ? 6.992   -13.050 -0.400  1.00 27.68  ? 164 HOH A O   1 
HETATM 787 O O   . HOH B 2 .   ? 8.364   7.012   0.428   1.00 27.25  ? 165 HOH A O   1 
HETATM 788 O O   . HOH B 2 .   ? -6.728  -2.038  -8.332  1.00 25.46  ? 166 HOH A O   1 
HETATM 789 O O   . HOH B 2 .   ? 2.785   16.354  4.801   1.00 33.56  ? 167 HOH A O   1 
HETATM 790 O O   . HOH B 2 .   ? 2.747   -9.108  -8.318  1.00 33.85  ? 168 HOH A O   1 
HETATM 791 O O   . HOH B 2 .   ? -9.128  7.665   -3.448  1.00 28.64  ? 169 HOH A O   1 
HETATM 792 O O   . HOH B 2 .   ? -4.799  -10.817 13.733  1.00 25.56  ? 170 HOH A O   1 
HETATM 793 O O   . HOH B 2 .   ? 3.427   0.745   -11.802 1.00 24.17  ? 171 HOH A O   1 
HETATM 794 O O   . HOH B 2 .   ? 6.237   2.920   -8.992  1.00 30.69  ? 172 HOH A O   1 
HETATM 795 O O   . HOH B 2 .   ? -2.029  10.726  4.797   1.00 25.71  ? 173 HOH A O   1 
HETATM 796 O O   . HOH B 2 .   ? 3.135   20.504  -0.412  1.00 29.36  ? 174 HOH A O   1 
HETATM 797 O O   . HOH B 2 .   ? -3.822  6.146   -9.119  1.00 25.18  ? 175 HOH A O   1 
HETATM 798 O O   . HOH B 2 .   ? 11.956  16.277  -0.778  1.00 31.13  ? 176 HOH A O   1 
HETATM 799 O O   . HOH B 2 .   ? 7.151   -9.082  -5.361  1.00 33.83  ? 177 HOH A O   1 
HETATM 800 O O   . HOH B 2 .   ? 9.784   16.960  1.174   1.00 26.67  ? 178 HOH A O   1 
HETATM 801 O O   . HOH B 2 .   ? -10.069 -1.126  10.378  1.00 39.55  ? 179 HOH A O   1 
HETATM 802 O O   . HOH B 2 .   ? 8.457   1.200   -8.980  1.00 32.91  ? 180 HOH A O   1 
HETATM 803 O O   . HOH B 2 .   ? 5.140   18.579  -6.372  1.00 28.74  ? 181 HOH A O   1 
HETATM 804 O O   . HOH B 2 .   ? -1.348  4.919   -10.306 1.00 24.76  ? 182 HOH A O   1 
HETATM 805 O O   . HOH B 2 .   ? 5.730   21.686  -2.566  1.00 29.13  ? 183 HOH A O   1 
HETATM 806 O O   . HOH B 2 .   ? -9.316  3.296   -2.541  1.00 33.22  ? 184 HOH A O   1 
HETATM 807 O O   . HOH B 2 .   ? -3.298  0.473   12.836  0.50 33.85  ? 185 HOH A O   1 
HETATM 808 O O   . HOH B 2 .   ? 5.715   -17.249 4.056   1.00 30.64  ? 186 HOH A O   1 
HETATM 809 O O   . HOH B 2 .   ? 10.101  9.860   -8.881  1.00 31.09  ? 187 HOH A O   1 
HETATM 810 O O   . HOH B 2 .   ? 2.081   20.103  -2.748  1.00 32.55  ? 188 HOH A O   1 
HETATM 811 O O   . HOH B 2 .   ? 4.728   -11.245 10.748  1.00 26.95  ? 189 HOH A O   1 
HETATM 812 O O   . HOH B 2 .   ? -6.425  -7.861  -5.698  1.00 34.63  ? 190 HOH A O   1 
HETATM 813 O O   . HOH B 2 .   ? 4.286   20.505  -4.468  1.00 38.18  ? 191 HOH A O   1 
HETATM 814 O O   . HOH B 2 .   ? -8.088  -15.341 7.459   1.00 27.29  ? 192 HOH A O   1 
HETATM 815 O O   . HOH B 2 .   ? 11.682  -5.927  11.970  1.00 30.34  ? 193 HOH A O   1 
HETATM 816 O O   . HOH B 2 .   ? 9.173   0.624   8.888   1.00 38.98  ? 194 HOH A O   1 
HETATM 817 O O   . HOH B 2 .   ? 6.236   15.762  -12.682 1.00 28.98  ? 195 HOH A O   1 
HETATM 818 O O   . HOH B 2 .   ? -1.047  -3.411  14.746  1.00 32.16  ? 196 HOH A O   1 
HETATM 819 O O   . HOH B 2 .   ? 6.548   9.298   -16.320 1.00 38.30  ? 197 HOH A O   1 
HETATM 820 O O   . HOH B 2 .   ? 3.835   -3.951  13.588  1.00 29.30  ? 198 HOH A O   1 
HETATM 821 O O   . HOH B 2 .   ? -1.443  4.784   -14.196 1.00 35.67  ? 199 HOH A O   1 
HETATM 822 O O   . HOH B 2 .   ? 8.590   21.287  5.275   1.00 34.14  ? 200 HOH A O   1 
HETATM 823 O O   . HOH B 2 .   ? -11.119 4.591   -7.691  1.00 40.14  ? 201 HOH A O   1 
HETATM 824 O O   . HOH B 2 .   ? -11.882 -2.372  5.361   1.00 57.78  ? 202 HOH A O   1 
HETATM 825 O O   . HOH B 2 .   ? 5.603   -10.165 -7.479  1.00 70.05  ? 203 HOH A O   1 
HETATM 826 O O   . HOH B 2 .   ? 0.882   1.013   -13.023 1.00 41.42  ? 204 HOH A O   1 
HETATM 827 O O   . HOH B 2 .   ? 8.979   12.826  1.454   1.00 30.05  ? 205 HOH A O   1 
HETATM 828 O O   . HOH B 2 .   ? -0.372  -10.325 16.191  1.00 28.69  ? 206 HOH A O   1 
HETATM 829 O O   . HOH B 2 .   ? -8.625  3.512   -8.908  1.00 37.58  ? 207 HOH A O   1 
HETATM 830 O O   . HOH B 2 .   ? -10.893 0.995   -1.898  1.00 34.61  ? 208 HOH A O   1 
HETATM 831 O O   . HOH B 2 .   ? 8.042   18.658  6.136   0.50 35.75  ? 209 HOH A O   1 
HETATM 832 O O   . HOH B 2 .   ? 3.490   20.302  7.443   1.00 33.95  ? 210 HOH A O   1 
HETATM 833 O O   . HOH B 2 .   ? -0.231  10.664  -13.010 1.00 35.56  ? 211 HOH A O   1 
HETATM 834 O O   . HOH B 2 .   ? -12.139 1.787   0.701   1.00 48.68  ? 212 HOH A O   1 
HETATM 835 O O   . HOH B 2 .   ? 2.404   14.172  7.531   1.00 36.71  ? 213 HOH A O   1 
HETATM 836 O O   . HOH B 2 .   ? -12.002 -3.274  -3.509  1.00 37.53  ? 214 HOH A O   1 
HETATM 837 O O   . HOH B 2 .   ? -8.693  -10.717 -5.085  1.00 45.06  ? 215 HOH A O   1 
HETATM 838 O O   . HOH B 2 .   ? -3.279  -19.209 -0.051  1.00 44.18  ? 216 HOH A O   1 
HETATM 839 O O   . HOH B 2 .   ? -5.477  -15.743 1.529   1.00 50.01  ? 217 HOH A O   1 
HETATM 840 O O   . HOH B 2 .   ? 11.452  11.891  0.188   1.00 47.20  ? 218 HOH A O   1 
HETATM 841 O O   . HOH B 2 .   ? -11.359 -8.184  10.453  1.00 59.47  ? 219 HOH A O   1 
HETATM 842 O O   . HOH B 2 .   ? 5.230   24.593  1.256   1.00 37.96  ? 220 HOH A O   1 
HETATM 843 O O   . HOH B 2 .   ? 3.682   -12.173 13.040  1.00 41.68  ? 221 HOH A O   1 
HETATM 844 O O   . HOH B 2 .   ? -0.768  9.801   7.475   1.00 40.21  ? 222 HOH A O   1 
HETATM 845 O O   . HOH B 2 .   ? -2.636  9.212   -12.368 0.50 39.24  ? 223 HOH A O   1 
HETATM 846 O O   . HOH B 2 .   ? 4.143   23.069  6.532   0.50 31.73  ? 224 HOH A O   1 
HETATM 847 O O   . HOH B 2 .   ? 6.891   -14.838 4.320   1.00 44.08  ? 225 HOH A O   1 
HETATM 848 O O   . HOH B 2 .   ? -10.724 -14.423 7.774   1.00 34.96  ? 226 HOH A O   1 
HETATM 849 O O   . HOH B 2 .   ? 11.717  6.002   -5.095  1.00 46.54  ? 227 HOH A O   1 
HETATM 850 O O   . HOH B 2 .   ? 4.678   15.646  6.623   1.00 35.87  ? 228 HOH A O   1 
HETATM 851 O O   . HOH B 2 .   ? 2.026   -1.186  13.721  1.00 78.53  ? 229 HOH A O   1 
HETATM 852 O O   . HOH B 2 .   ? -6.545  -8.758  12.941  1.00 38.69  ? 230 HOH A O   1 
HETATM 853 O O   . HOH B 2 .   ? 14.120  7.938   -4.439  1.00 64.18  ? 231 HOH A O   1 
HETATM 854 O O   . HOH B 2 .   ? 13.389  -2.820  -6.075  1.00 31.37  ? 232 HOH A O   1 
HETATM 855 O O   . HOH B 2 .   ? -1.324  6.540   -12.391 1.00 38.86  ? 233 HOH A O   1 
HETATM 856 O O   . HOH B 2 .   ? 5.738   4.642   -10.988 1.00 43.36  ? 234 HOH A O   1 
HETATM 857 O O   . HOH B 2 .   ? 5.738   -13.406 8.906   1.00 48.11  ? 235 HOH A O   1 
HETATM 858 O O   . HOH B 2 .   ? -4.230  -8.446  -6.894  1.00 54.98  ? 236 HOH A O   1 
HETATM 859 O O   . HOH B 2 .   ? -8.677  -1.890  12.832  1.00 51.97  ? 237 HOH A O   1 
HETATM 860 O O   . HOH B 2 .   ? 8.393   7.162   -16.198 1.00 56.66  ? 238 HOH A O   1 
HETATM 861 O O   . HOH B 2 .   ? 10.975  -4.315  -10.226 1.00 38.47  ? 239 HOH A O   1 
HETATM 862 O O   . HOH B 2 .   ? 11.742  2.956   -5.994  1.00 39.95  ? 240 HOH A O   1 
HETATM 863 O O   . HOH B 2 .   ? 0.751   19.523  0.926   1.00 42.90  ? 241 HOH A O   1 
HETATM 864 O O   . HOH B 2 .   ? -8.972  7.705   8.814   1.00 49.07  ? 242 HOH A O   1 
HETATM 865 O O   . HOH B 2 .   ? -9.227  -2.852  5.058   1.00 106.21 ? 243 HOH A O   1 
HETATM 866 O O   . HOH B 2 .   ? -9.468  -9.178  12.270  1.00 40.95  ? 244 HOH A O   1 
HETATM 867 O O   . HOH B 2 .   ? 12.063  18.961  5.063   1.00 40.05  ? 245 HOH A O   1 
HETATM 868 O O   . HOH B 2 .   ? 15.669  9.173   -1.911  1.00 41.99  ? 246 HOH A O   1 
HETATM 869 O O   . HOH B 2 .   ? -1.536  2.036   -11.422 1.00 42.40  ? 247 HOH A O   1 
HETATM 870 O O   . HOH B 2 .   ? -2.317  6.042   -17.361 1.00 78.19  ? 248 HOH A O   1 
HETATM 871 O O   . HOH B 2 .   ? 4.095   21.182  -9.122  1.00 33.64  ? 249 HOH A O   1 
HETATM 872 O O   . HOH B 2 .   ? 13.963  2.719   -1.767  1.00 35.56  ? 250 HOH A O   1 
HETATM 873 O O   . HOH B 2 .   ? -5.103  -6.229  -8.742  1.00 55.42  ? 251 HOH A O   1 
HETATM 874 O O   . HOH B 2 .   ? -9.332  -1.479  7.654   1.00 91.38  ? 252 HOH A O   1 
HETATM 875 O O   . HOH B 2 .   ? -6.217  -4.320  13.666  1.00 47.07  ? 253 HOH A O   1 
HETATM 876 O O   . HOH B 2 .   ? -1.314  -11.480 -6.492  1.00 58.47  ? 254 HOH A O   1 
HETATM 877 O O   . HOH B 2 .   ? 10.299  -5.462  -6.277  1.00 24.66  ? 255 HOH A O   1 
HETATM 878 O O   . HOH B 2 .   ? 10.725  -8.005  12.361  1.00 47.22  ? 256 HOH A O   1 
HETATM 879 O O   . HOH B 2 .   ? 2.317   0.082   -18.060 1.00 42.79  ? 257 HOH A O   1 
HETATM 880 O O   . HOH B 2 .   ? 5.059   2.841   -12.691 1.00 33.60  ? 258 HOH A O   1 
HETATM 881 O O   . HOH B 2 .   ? 0.402   -20.061 10.808  0.33 40.67  ? 259 HOH A O   1 
HETATM 882 O O   . HOH B 2 .   ? 9.626   18.006  3.541   1.00 49.14  ? 260 HOH A O   1 
HETATM 883 O O   . HOH B 2 .   ? 9.972   8.421   2.060   1.00 52.45  ? 261 HOH A O   1 
HETATM 884 O O   . HOH B 2 .   ? 6.071   -11.237 -4.889  1.00 42.86  ? 262 HOH A O   1 
HETATM 885 O O   . HOH B 2 .   ? -9.170  7.665   1.832   1.00 50.10  ? 263 HOH A O   1 
HETATM 886 O O   . HOH B 2 .   ? -13.893 -3.017  8.135   1.00 47.27  ? 264 HOH A O   1 
HETATM 887 O O   . HOH B 2 .   ? -0.345  -0.166  -19.335 1.00 51.90  ? 265 HOH A O   1 
HETATM 888 O O   . HOH B 2 .   ? -11.915 2.915   9.432   1.00 42.33  ? 266 HOH A O   1 
HETATM 889 O O   . HOH B 2 .   ? -0.732  3.875   -8.096  1.00 29.38  ? 267 HOH A O   1 
# 
